data_1DPL
# 
_entry.id   1DPL 
# 
_audit_conform.dict_name       mmcif_pdbx.dic 
_audit_conform.dict_version    5.385 
_audit_conform.dict_location   http://mmcif.pdb.org/dictionaries/ascii/mmcif_pdbx.dic 
# 
loop_
_database_2.database_id 
_database_2.database_code 
_database_2.pdbx_database_accession 
_database_2.pdbx_DOI 
PDB   1DPL         pdb_00001dpl 10.2210/pdb1dpl/pdb 
NDB   AD0007       ?            ?                   
RCSB  RCSB010269   ?            ?                   
WWPDB D_1000010269 ?            ?                   
# 
loop_
_pdbx_audit_revision_history.ordinal 
_pdbx_audit_revision_history.data_content_type 
_pdbx_audit_revision_history.major_revision 
_pdbx_audit_revision_history.minor_revision 
_pdbx_audit_revision_history.revision_date 
1 'Structure model' 1 0 2000-04-04 
2 'Structure model' 1 1 2008-04-27 
3 'Structure model' 1 2 2011-07-13 
4 'Structure model' 2 0 2022-06-22 
5 'Structure model' 2 1 2024-02-07 
# 
_pdbx_audit_revision_details.ordinal             1 
_pdbx_audit_revision_details.revision_ordinal    1 
_pdbx_audit_revision_details.data_content_type   'Structure model' 
_pdbx_audit_revision_details.provider            repository 
_pdbx_audit_revision_details.type                'Initial release' 
_pdbx_audit_revision_details.description         ? 
_pdbx_audit_revision_details.details             ? 
# 
loop_
_pdbx_audit_revision_group.ordinal 
_pdbx_audit_revision_group.revision_ordinal 
_pdbx_audit_revision_group.data_content_type 
_pdbx_audit_revision_group.group 
1 2 'Structure model' 'Version format compliance' 
2 3 'Structure model' 'Version format compliance' 
3 4 'Structure model' 'Data collection'           
4 4 'Structure model' 'Database references'       
5 4 'Structure model' 'Derived calculations'      
6 4 'Structure model' 'Polymer sequence'          
7 5 'Structure model' 'Data collection'           
# 
loop_
_pdbx_audit_revision_category.ordinal 
_pdbx_audit_revision_category.revision_ordinal 
_pdbx_audit_revision_category.data_content_type 
_pdbx_audit_revision_category.category 
1 4 'Structure model' chem_comp               
2 4 'Structure model' database_2              
3 4 'Structure model' entity_poly             
4 4 'Structure model' pdbx_struct_conn_angle  
5 4 'Structure model' pdbx_struct_mod_residue 
6 4 'Structure model' struct_conn             
7 4 'Structure model' struct_site             
8 5 'Structure model' chem_comp_atom          
9 5 'Structure model' chem_comp_bond          
# 
loop_
_pdbx_audit_revision_item.ordinal 
_pdbx_audit_revision_item.revision_ordinal 
_pdbx_audit_revision_item.data_content_type 
_pdbx_audit_revision_item.item 
1  4 'Structure model' '_chem_comp.mon_nstd_flag'                  
2  4 'Structure model' '_chem_comp.type'                           
3  4 'Structure model' '_database_2.pdbx_DOI'                      
4  4 'Structure model' '_database_2.pdbx_database_accession'       
5  4 'Structure model' '_entity_poly.pdbx_seq_one_letter_code_can' 
6  4 'Structure model' '_pdbx_struct_conn_angle.ptnr1_auth_seq_id' 
7  4 'Structure model' '_pdbx_struct_conn_angle.ptnr3_auth_seq_id' 
8  4 'Structure model' '_pdbx_struct_conn_angle.value'             
9  4 'Structure model' '_struct_conn.conn_type_id'                 
10 4 'Structure model' '_struct_conn.id'                           
11 4 'Structure model' '_struct_conn.pdbx_dist_value'              
12 4 'Structure model' '_struct_conn.pdbx_leaving_atom_flag'       
13 4 'Structure model' '_struct_conn.pdbx_ptnr1_label_alt_id'      
14 4 'Structure model' '_struct_conn.ptnr1_auth_asym_id'           
15 4 'Structure model' '_struct_conn.ptnr1_auth_comp_id'           
16 4 'Structure model' '_struct_conn.ptnr1_auth_seq_id'            
17 4 'Structure model' '_struct_conn.ptnr1_label_asym_id'          
18 4 'Structure model' '_struct_conn.ptnr1_label_atom_id'          
19 4 'Structure model' '_struct_conn.ptnr1_label_comp_id'          
20 4 'Structure model' '_struct_conn.ptnr1_label_seq_id'           
21 4 'Structure model' '_struct_conn.ptnr2_auth_asym_id'           
22 4 'Structure model' '_struct_conn.ptnr2_auth_comp_id'           
23 4 'Structure model' '_struct_conn.ptnr2_auth_seq_id'            
24 4 'Structure model' '_struct_conn.ptnr2_label_asym_id'          
25 4 'Structure model' '_struct_conn.ptnr2_label_atom_id'          
26 4 'Structure model' '_struct_conn.ptnr2_label_comp_id'          
27 4 'Structure model' '_struct_conn.ptnr2_label_seq_id'           
28 4 'Structure model' '_struct_site.pdbx_auth_asym_id'            
29 4 'Structure model' '_struct_site.pdbx_auth_comp_id'            
30 4 'Structure model' '_struct_site.pdbx_auth_seq_id'             
# 
_pdbx_database_status.status_code                     REL 
_pdbx_database_status.entry_id                        1DPL 
_pdbx_database_status.recvd_initial_deposition_date   1999-12-27 
_pdbx_database_status.deposit_site                    RCSB 
_pdbx_database_status.process_site                    RCSB 
_pdbx_database_status.status_code_sf                  REL 
_pdbx_database_status.SG_entry                        . 
_pdbx_database_status.pdb_format_compatible           Y 
_pdbx_database_status.status_code_mr                  ? 
_pdbx_database_status.status_code_cs                  ? 
_pdbx_database_status.status_code_nmr_data            ? 
_pdbx_database_status.methods_development_category    ? 
# 
loop_
_audit_author.name 
_audit_author.pdbx_ordinal 
'Egli, M.'       1  
'Tereshko, V.'   2  
'Teplova, M.'    3  
'Minasov, G.'    4  
'Joachimiak, A.' 5  
'Sanishvili, R.' 6  
'Weeks, C.M.'    7  
'Miller, R.'     8  
'Maier, M.A.'    9  
'An, H.'         10 
'Dan Cook, P.'   11 
'Manoharan, M.'  12 
# 
_citation.id                        primary 
_citation.title                     'X-ray crystallographic analysis of the hydration of A- and B-form DNA at atomic resolution.' 
_citation.journal_abbrev            Biopolymers 
_citation.journal_volume            48 
_citation.page_first                234 
_citation.page_last                 252 
_citation.year                      1998 
_citation.journal_id_ASTM           BIPMAA 
_citation.country                   US 
_citation.journal_id_ISSN           0006-3525 
_citation.journal_id_CSD            0161 
_citation.book_publisher            ? 
_citation.pdbx_database_id_PubMed   10699842 
_citation.pdbx_database_id_DOI      '10.1002/(SICI)1097-0282(1998)48:4<234::AID-BIP4>3.0.CO;2-H' 
# 
loop_
_citation_author.citation_id 
_citation_author.name 
_citation_author.ordinal 
_citation_author.identifier_ORCID 
primary 'Egli, M.'       1  ? 
primary 'Tereshko, V.'   2  ? 
primary 'Teplova, M.'    3  ? 
primary 'Minasov, G.'    4  ? 
primary 'Joachimiak, A.' 5  ? 
primary 'Sanishvili, R.' 6  ? 
primary 'Weeks, C.M.'    7  ? 
primary 'Miller, R.'     8  ? 
primary 'Maier, M.A.'    9  ? 
primary 'An, H.'         10 ? 
primary 'Dan Cook, P.'   11 ? 
primary 'Manoharan, M.'  12 ? 
# 
loop_
_entity.id 
_entity.type 
_entity.src_method 
_entity.pdbx_description 
_entity.formula_weight 
_entity.pdbx_number_of_molecules 
_entity.pdbx_ec 
_entity.pdbx_mutation 
_entity.pdbx_fragment 
_entity.details 
1 polymer     syn "5'-D(*GP*CP*GP*TP*AP*(T23)P*AP*CP*GP*C)-3'" 3073.059 2   ? ? ? ? 
2 non-polymer syn 'MAGNESIUM ION'                              24.305   2   ? ? ? ? 
3 non-polymer syn SPERMINE                                     202.340  2   ? ? ? ? 
4 water       nat water                                        18.015   177 ? ? ? ? 
# 
_entity_poly.entity_id                      1 
_entity_poly.type                           polydeoxyribonucleotide 
_entity_poly.nstd_linkage                   no 
_entity_poly.nstd_monomer                   yes 
_entity_poly.pdbx_seq_one_letter_code       '(DG)(DC)(DG)(DT)(DA)(T23)(DA)(DC)(DG)(DC)' 
_entity_poly.pdbx_seq_one_letter_code_can   GCGTAXACGC 
_entity_poly.pdbx_strand_id                 A,B 
_entity_poly.pdbx_target_identifier         ? 
# 
loop_
_pdbx_entity_nonpoly.entity_id 
_pdbx_entity_nonpoly.name 
_pdbx_entity_nonpoly.comp_id 
2 'MAGNESIUM ION' MG  
3 SPERMINE        SPM 
4 water           HOH 
# 
loop_
_entity_poly_seq.entity_id 
_entity_poly_seq.num 
_entity_poly_seq.mon_id 
_entity_poly_seq.hetero 
1 1  DG  n 
1 2  DC  n 
1 3  DG  n 
1 4  DT  n 
1 5  DA  n 
1 6  T23 n 
1 7  DA  n 
1 8  DC  n 
1 9  DG  n 
1 10 DC  n 
# 
loop_
_chem_comp.id 
_chem_comp.type 
_chem_comp.mon_nstd_flag 
_chem_comp.name 
_chem_comp.pdbx_synonyms 
_chem_comp.formula 
_chem_comp.formula_weight 
DA  'DNA linking' y "2'-DEOXYADENOSINE-5'-MONOPHOSPHATE"                                   ? 'C10 H14 N5 O6 P' 331.222 
DC  'DNA linking' y "2'-DEOXYCYTIDINE-5'-MONOPHOSPHATE"                                    ? 'C9 H14 N3 O7 P'  307.197 
DG  'DNA linking' y "2'-DEOXYGUANOSINE-5'-MONOPHOSPHATE"                                   ? 'C10 H14 N5 O7 P' 347.221 
DT  'DNA linking' y "THYMIDINE-5'-MONOPHOSPHATE"                                           ? 'C10 H15 N2 O8 P' 322.208 
HOH non-polymer   . WATER                                                                  ? 'H2 O'            18.015  
MG  non-polymer   . 'MAGNESIUM ION'                                                        ? 'Mg 2'            24.305  
SPM non-polymer   . SPERMINE                                                               ? 'C10 H26 N4'      202.340 
T23 non-polymer   . "2'-O-METHYL-3'-METHYL-3'-DEOXY-ARABINOFURANOSYL-THYMINE-5'-PHOSPHATE" ? 'C12 H19 N2 O8 P' 350.262 
# 
loop_
_pdbx_poly_seq_scheme.asym_id 
_pdbx_poly_seq_scheme.entity_id 
_pdbx_poly_seq_scheme.seq_id 
_pdbx_poly_seq_scheme.mon_id 
_pdbx_poly_seq_scheme.ndb_seq_num 
_pdbx_poly_seq_scheme.pdb_seq_num 
_pdbx_poly_seq_scheme.auth_seq_num 
_pdbx_poly_seq_scheme.pdb_mon_id 
_pdbx_poly_seq_scheme.auth_mon_id 
_pdbx_poly_seq_scheme.pdb_strand_id 
_pdbx_poly_seq_scheme.pdb_ins_code 
_pdbx_poly_seq_scheme.hetero 
A 1 1  DG  1  1  1  DG  G   A . n 
A 1 2  DC  2  2  2  DC  C   A . n 
A 1 3  DG  3  3  3  DG  G   A . n 
A 1 4  DT  4  4  4  DT  T   A . n 
A 1 5  DA  5  5  5  DA  A   A . n 
A 1 6  T23 6  6  6  T23 T23 A . n 
A 1 7  DA  7  7  7  DA  A   A . n 
A 1 8  DC  8  8  8  DC  C   A . n 
A 1 9  DG  9  9  9  DG  G   A . n 
A 1 10 DC  10 10 10 DC  C   A . n 
B 1 1  DG  1  11 11 DG  G   B . n 
B 1 2  DC  2  12 12 DC  C   B . n 
B 1 3  DG  3  13 13 DG  G   B . n 
B 1 4  DT  4  14 14 DT  T   B . n 
B 1 5  DA  5  15 15 DA  A   B . n 
B 1 6  T23 6  16 16 T23 T23 B . n 
B 1 7  DA  7  17 17 DA  A   B . n 
B 1 8  DC  8  18 18 DC  C   B . n 
B 1 9  DG  9  19 19 DG  G   B . n 
B 1 10 DC  10 20 20 DC  C   B . n 
# 
loop_
_pdbx_nonpoly_scheme.asym_id 
_pdbx_nonpoly_scheme.entity_id 
_pdbx_nonpoly_scheme.mon_id 
_pdbx_nonpoly_scheme.ndb_seq_num 
_pdbx_nonpoly_scheme.pdb_seq_num 
_pdbx_nonpoly_scheme.auth_seq_num 
_pdbx_nonpoly_scheme.pdb_mon_id 
_pdbx_nonpoly_scheme.auth_mon_id 
_pdbx_nonpoly_scheme.pdb_strand_id 
_pdbx_nonpoly_scheme.pdb_ins_code 
C 2 MG  1  301  301  MG  MG  A . 
D 3 SPM 1  221  221  SPM SPM B . 
E 3 SPM 1  222  222  SPM SPM B . 
F 2 MG  1  1301 1301 MG  MG  B . 
G 4 HOH 1  302  302  HOH HOH A . 
G 4 HOH 2  305  305  HOH HOH A . 
G 4 HOH 3  306  306  HOH HOH A . 
G 4 HOH 4  307  307  HOH HOH A . 
G 4 HOH 5  310  310  HOH HOH A . 
G 4 HOH 6  313  313  HOH HOH A . 
G 4 HOH 7  315  315  HOH HOH A . 
G 4 HOH 8  317  317  HOH HOH A . 
G 4 HOH 9  318  318  HOH HOH A . 
G 4 HOH 10 319  319  HOH HOH A . 
G 4 HOH 11 320  320  HOH HOH A . 
G 4 HOH 12 323  323  HOH HOH A . 
G 4 HOH 13 324  324  HOH HOH A . 
G 4 HOH 14 328  328  HOH HOH A . 
G 4 HOH 15 329  329  HOH HOH A . 
G 4 HOH 16 331  331  HOH HOH A . 
G 4 HOH 17 333  333  HOH HOH A . 
G 4 HOH 18 334  334  HOH HOH A . 
G 4 HOH 19 335  335  HOH HOH A . 
G 4 HOH 20 336  336  HOH HOH A . 
G 4 HOH 21 338  338  HOH HOH A . 
G 4 HOH 22 341  341  HOH HOH A . 
G 4 HOH 23 343  343  HOH HOH A . 
G 4 HOH 24 345  345  HOH HOH A . 
G 4 HOH 25 349  349  HOH HOH A . 
G 4 HOH 26 353  353  HOH HOH A . 
G 4 HOH 27 358  358  HOH HOH A . 
G 4 HOH 28 359  359  HOH HOH A . 
G 4 HOH 29 361  361  HOH HOH A . 
G 4 HOH 30 364  364  HOH HOH A . 
G 4 HOH 31 365  365  HOH HOH A . 
G 4 HOH 32 368  368  HOH HOH A . 
G 4 HOH 33 370  370  HOH HOH A . 
G 4 HOH 34 373  373  HOH HOH A . 
G 4 HOH 35 374  374  HOH HOH A . 
G 4 HOH 36 375  375  HOH HOH A . 
G 4 HOH 37 376  376  HOH HOH A . 
G 4 HOH 38 377  377  HOH HOH A . 
G 4 HOH 39 379  379  HOH HOH A . 
G 4 HOH 40 380  380  HOH HOH A . 
G 4 HOH 41 381  381  HOH HOH A . 
G 4 HOH 42 388  388  HOH HOH A . 
G 4 HOH 43 389  389  HOH HOH A . 
G 4 HOH 44 390  390  HOH HOH A . 
G 4 HOH 45 397  397  HOH HOH A . 
G 4 HOH 46 399  399  HOH HOH A . 
G 4 HOH 47 401  401  HOH HOH A . 
G 4 HOH 48 404  404  HOH HOH A . 
G 4 HOH 49 407  407  HOH HOH A . 
G 4 HOH 50 409  409  HOH HOH A . 
G 4 HOH 51 410  410  HOH HOH A . 
G 4 HOH 52 411  411  HOH HOH A . 
G 4 HOH 53 412  412  HOH HOH A . 
G 4 HOH 54 415  415  HOH HOH A . 
G 4 HOH 55 416  416  HOH HOH A . 
G 4 HOH 56 418  418  HOH HOH A . 
G 4 HOH 57 420  420  HOH HOH A . 
G 4 HOH 58 421  421  HOH HOH A . 
G 4 HOH 59 423  423  HOH HOH A . 
G 4 HOH 60 424  424  HOH HOH A . 
G 4 HOH 61 426  426  HOH HOH A . 
G 4 HOH 62 427  427  HOH HOH A . 
G 4 HOH 63 431  431  HOH HOH A . 
G 4 HOH 64 434  434  HOH HOH A . 
G 4 HOH 65 435  435  HOH HOH A . 
G 4 HOH 66 441  441  HOH HOH A . 
G 4 HOH 67 442  442  HOH HOH A . 
G 4 HOH 68 443  443  HOH HOH A . 
G 4 HOH 69 444  444  HOH HOH A . 
G 4 HOH 70 451  451  HOH HOH A . 
G 4 HOH 71 454  454  HOH HOH A . 
G 4 HOH 72 459  459  HOH HOH A . 
G 4 HOH 73 460  460  HOH HOH A . 
G 4 HOH 74 462  462  HOH HOH A . 
G 4 HOH 75 464  464  HOH HOH A . 
G 4 HOH 76 472  472  HOH HOH A . 
G 4 HOH 77 473  473  HOH HOH A . 
G 4 HOH 78 474  474  HOH HOH A . 
G 4 HOH 79 475  475  HOH HOH A . 
G 4 HOH 80 476  476  HOH HOH A . 
G 4 HOH 81 479  479  HOH HOH A . 
G 4 HOH 82 494  494  HOH HOH A . 
G 4 HOH 83 498  498  HOH HOH A . 
G 4 HOH 84 502  502  HOH HOH A . 
G 4 HOH 85 1221 1221 HOH HOH A . 
G 4 HOH 86 1342 1342 HOH HOH A . 
G 4 HOH 87 1352 1352 HOH HOH A . 
G 4 HOH 88 1354 1354 HOH HOH A . 
G 4 HOH 89 1403 1403 HOH HOH A . 
G 4 HOH 90 1405 1405 HOH HOH A . 
G 4 HOH 91 1425 1425 HOH HOH A . 
G 4 HOH 92 1428 1428 HOH HOH A . 
G 4 HOH 93 1440 1440 HOH HOH A . 
G 4 HOH 94 1452 1452 HOH HOH A . 
G 4 HOH 95 1461 1461 HOH HOH A . 
G 4 HOH 96 2001 2001 HOH HOH A . 
G 4 HOH 97 2455 2455 HOH HOH A . 
H 4 HOH 1  303  303  HOH HOH B . 
H 4 HOH 2  304  304  HOH HOH B . 
H 4 HOH 3  308  308  HOH HOH B . 
H 4 HOH 4  309  309  HOH HOH B . 
H 4 HOH 5  311  311  HOH HOH B . 
H 4 HOH 6  312  312  HOH HOH B . 
H 4 HOH 7  314  314  HOH HOH B . 
H 4 HOH 8  316  316  HOH HOH B . 
H 4 HOH 9  321  321  HOH HOH B . 
H 4 HOH 10 322  322  HOH HOH B . 
H 4 HOH 11 325  325  HOH HOH B . 
H 4 HOH 12 326  326  HOH HOH B . 
H 4 HOH 13 327  327  HOH HOH B . 
H 4 HOH 14 330  330  HOH HOH B . 
H 4 HOH 15 332  332  HOH HOH B . 
H 4 HOH 16 337  337  HOH HOH B . 
H 4 HOH 17 339  339  HOH HOH B . 
H 4 HOH 18 340  340  HOH HOH B . 
H 4 HOH 19 344  344  HOH HOH B . 
H 4 HOH 20 347  347  HOH HOH B . 
H 4 HOH 21 348  348  HOH HOH B . 
H 4 HOH 22 350  350  HOH HOH B . 
H 4 HOH 23 351  351  HOH HOH B . 
H 4 HOH 24 356  356  HOH HOH B . 
H 4 HOH 25 357  357  HOH HOH B . 
H 4 HOH 26 360  360  HOH HOH B . 
H 4 HOH 27 362  362  HOH HOH B . 
H 4 HOH 28 363  363  HOH HOH B . 
H 4 HOH 29 366  366  HOH HOH B . 
H 4 HOH 30 367  367  HOH HOH B . 
H 4 HOH 31 369  369  HOH HOH B . 
H 4 HOH 32 371  371  HOH HOH B . 
H 4 HOH 33 372  372  HOH HOH B . 
H 4 HOH 34 378  378  HOH HOH B . 
H 4 HOH 35 382  382  HOH HOH B . 
H 4 HOH 36 383  383  HOH HOH B . 
H 4 HOH 37 384  384  HOH HOH B . 
H 4 HOH 38 385  385  HOH HOH B . 
H 4 HOH 39 386  386  HOH HOH B . 
H 4 HOH 40 387  387  HOH HOH B . 
H 4 HOH 41 391  391  HOH HOH B . 
H 4 HOH 42 392  392  HOH HOH B . 
H 4 HOH 43 393  393  HOH HOH B . 
H 4 HOH 44 394  394  HOH HOH B . 
H 4 HOH 45 395  395  HOH HOH B . 
H 4 HOH 46 396  396  HOH HOH B . 
H 4 HOH 47 400  400  HOH HOH B . 
H 4 HOH 48 406  406  HOH HOH B . 
H 4 HOH 49 417  417  HOH HOH B . 
H 4 HOH 50 422  422  HOH HOH B . 
H 4 HOH 51 429  429  HOH HOH B . 
H 4 HOH 52 432  432  HOH HOH B . 
H 4 HOH 53 445  445  HOH HOH B . 
H 4 HOH 54 446  446  HOH HOH B . 
H 4 HOH 55 447  447  HOH HOH B . 
H 4 HOH 56 448  448  HOH HOH B . 
H 4 HOH 57 449  449  HOH HOH B . 
H 4 HOH 58 450  450  HOH HOH B . 
H 4 HOH 59 455  455  HOH HOH B . 
H 4 HOH 60 456  456  HOH HOH B . 
H 4 HOH 61 457  457  HOH HOH B . 
H 4 HOH 62 458  458  HOH HOH B . 
H 4 HOH 63 469  469  HOH HOH B . 
H 4 HOH 64 470  470  HOH HOH B . 
H 4 HOH 65 471  471  HOH HOH B . 
H 4 HOH 66 481  481  HOH HOH B . 
H 4 HOH 67 482  482  HOH HOH B . 
H 4 HOH 68 485  485  HOH HOH B . 
H 4 HOH 69 486  486  HOH HOH B . 
H 4 HOH 70 493  493  HOH HOH B . 
H 4 HOH 71 496  496  HOH HOH B . 
H 4 HOH 72 1222 1222 HOH HOH B . 
H 4 HOH 73 1302 1302 HOH HOH B . 
H 4 HOH 74 1303 1303 HOH HOH B . 
H 4 HOH 75 1304 1304 HOH HOH B . 
H 4 HOH 76 1305 1305 HOH HOH B . 
H 4 HOH 77 1306 1306 HOH HOH B . 
H 4 HOH 78 1307 1307 HOH HOH B . 
H 4 HOH 79 1355 1355 HOH HOH B . 
H 4 HOH 80 1398 1398 HOH HOH B . 
# 
loop_
_pdbx_unobs_or_zero_occ_atoms.id 
_pdbx_unobs_or_zero_occ_atoms.PDB_model_num 
_pdbx_unobs_or_zero_occ_atoms.polymer_flag 
_pdbx_unobs_or_zero_occ_atoms.occupancy_flag 
_pdbx_unobs_or_zero_occ_atoms.auth_asym_id 
_pdbx_unobs_or_zero_occ_atoms.auth_comp_id 
_pdbx_unobs_or_zero_occ_atoms.auth_seq_id 
_pdbx_unobs_or_zero_occ_atoms.PDB_ins_code 
_pdbx_unobs_or_zero_occ_atoms.auth_atom_id 
_pdbx_unobs_or_zero_occ_atoms.label_alt_id 
_pdbx_unobs_or_zero_occ_atoms.label_asym_id 
_pdbx_unobs_or_zero_occ_atoms.label_comp_id 
_pdbx_unobs_or_zero_occ_atoms.label_seq_id 
_pdbx_unobs_or_zero_occ_atoms.label_atom_id 
1 1 N 1 B SPM 222 ? N1  ? E SPM 1 N1  
2 1 N 1 B SPM 222 ? C2  ? E SPM 1 C2  
3 1 N 1 B SPM 222 ? C3  ? E SPM 1 C3  
4 1 N 1 B SPM 222 ? N14 ? E SPM 1 N14 
# 
loop_
_software.name 
_software.classification 
_software.version 
_software.citation_id 
_software.pdbx_ordinal 
DENZO     'data reduction' . ? 1 
SCALEPACK 'data scaling'   . ? 2 
SHELXS    phasing          . ? 3 
SHELXL-97 refinement       . ? 4 
# 
_cell.entry_id           1DPL 
_cell.length_a           24.627 
_cell.length_b           42.717 
_cell.length_c           46.906 
_cell.angle_alpha        90.00 
_cell.angle_beta         90.00 
_cell.angle_gamma        90.00 
_cell.Z_PDB              8 
_cell.pdbx_unique_axis   ? 
# 
_symmetry.entry_id                         1DPL 
_symmetry.space_group_name_H-M             'P 21 21 21' 
_symmetry.pdbx_full_space_group_name_H-M   ? 
_symmetry.cell_setting                     orthorhombic 
_symmetry.Int_Tables_number                19 
# 
_exptl.entry_id          1DPL 
_exptl.method            'X-RAY DIFFRACTION' 
_exptl.crystals_number   1 
# 
_exptl_crystal.id                    1 
_exptl_crystal.density_meas          ? 
_exptl_crystal.density_percent_sol   36.17 
_exptl_crystal.density_Matthews      1.93 
_exptl_crystal.description           ? 
# 
_exptl_crystal_grow.crystal_id      1 
_exptl_crystal_grow.method          'VAPOR DIFFUSION, HANGING DROP' 
_exptl_crystal_grow.temp            293 
_exptl_crystal_grow.temp_details    ? 
_exptl_crystal_grow.pH              7.0 
_exptl_crystal_grow.pdbx_details    
'SPERMINE, MGCL2, NACL, KCL, SODIUM CACODYLATE BUFFER, pH 7.0, VAPOR DIFFUSION, HANGING DROP, temperature 293K' 
_exptl_crystal_grow.pdbx_pH_range   ? 
# 
loop_
_exptl_crystal_grow_comp.crystal_id 
_exptl_crystal_grow_comp.id 
_exptl_crystal_grow_comp.sol_id 
_exptl_crystal_grow_comp.name 
_exptl_crystal_grow_comp.volume 
_exptl_crystal_grow_comp.conc 
_exptl_crystal_grow_comp.details 
1 1 1 SPERMINE                   ? ? ? 
1 2 1 'SODIUM CACODYLATE BUFFER' ? ? ? 
1 3 1 MGCL2                      ? ? ? 
1 4 1 NACL                       ? ? ? 
1 5 1 KCL                        ? ? ? 
1 6 2 MGCL2                      ? ? ? 
1 7 2 NACL                       ? ? ? 
1 8 2 KCL                        ? ? ? 
# 
_diffrn.id                     1 
_diffrn.ambient_temp           120 
_diffrn.ambient_temp_details   ? 
_diffrn.crystal_id             1 
# 
_diffrn_detector.diffrn_id              1 
_diffrn_detector.detector               CCD 
_diffrn_detector.type                   MARRESEARCH 
_diffrn_detector.pdbx_collection_date   1999-06-15 
_diffrn_detector.details                ? 
# 
_diffrn_radiation.diffrn_id                        1 
_diffrn_radiation.wavelength_id                    1 
_diffrn_radiation.pdbx_monochromatic_or_laue_m_l   M 
_diffrn_radiation.monochromator                    ? 
_diffrn_radiation.pdbx_diffrn_protocol             'SINGLE WAVELENGTH' 
_diffrn_radiation.pdbx_scattering_type             x-ray 
# 
_diffrn_radiation_wavelength.id           1 
_diffrn_radiation_wavelength.wavelength   0.800 
_diffrn_radiation_wavelength.wt           1.0 
# 
_diffrn_source.diffrn_id                   1 
_diffrn_source.source                      SYNCHROTRON 
_diffrn_source.type                        'APS BEAMLINE 5ID-B' 
_diffrn_source.pdbx_synchrotron_site       APS 
_diffrn_source.pdbx_synchrotron_beamline   5ID-B 
_diffrn_source.pdbx_wavelength             0.800 
_diffrn_source.pdbx_wavelength_list        ? 
# 
_reflns.entry_id                     1DPL 
_reflns.observed_criterion_sigma_I   ? 
_reflns.observed_criterion_sigma_F   ? 
_reflns.d_resolution_low             20 
_reflns.d_resolution_high            0.83 
_reflns.number_obs                   47403 
_reflns.number_all                   47403 
_reflns.percent_possible_obs         99.7 
_reflns.pdbx_Rmerge_I_obs            0.049 
_reflns.pdbx_Rsym_value              ? 
_reflns.pdbx_netI_over_sigmaI        ? 
_reflns.B_iso_Wilson_estimate        ? 
_reflns.pdbx_redundancy              4.8 
_reflns.R_free_details               ? 
_reflns.pdbx_diffrn_id               1 
_reflns.pdbx_ordinal                 1 
# 
_reflns_shell.d_res_high             0.83 
_reflns_shell.d_res_low              0.90 
_reflns_shell.percent_possible_all   98.8 
_reflns_shell.Rmerge_I_obs           ? 
_reflns_shell.pdbx_Rsym_value        ? 
_reflns_shell.meanI_over_sigI_obs    ? 
_reflns_shell.pdbx_redundancy        ? 
_reflns_shell.percent_possible_obs   ? 
_reflns_shell.number_unique_all      ? 
_reflns_shell.pdbx_diffrn_id         ? 
_reflns_shell.pdbx_ordinal           1 
# 
_refine.entry_id                                 1DPL 
_refine.ls_number_reflns_obs                     47403 
_refine.ls_number_reflns_all                     47403 
_refine.pdbx_ls_sigma_I                          ? 
_refine.pdbx_ls_sigma_F                          0 
_refine.pdbx_data_cutoff_high_absF               ? 
_refine.pdbx_data_cutoff_low_absF                ? 
_refine.pdbx_data_cutoff_high_rms_absF           ? 
_refine.ls_d_res_low                             20 
_refine.ls_d_res_high                            0.83 
_refine.ls_percent_reflns_obs                    99.7 
_refine.ls_R_factor_obs                          0.117 
_refine.ls_R_factor_all                          0.117 
_refine.ls_R_factor_R_work                       0.115 
_refine.ls_R_factor_R_free                       0.121 
_refine.ls_R_factor_R_free_error                 ? 
_refine.ls_R_factor_R_free_error_details         ? 
_refine.ls_percent_reflns_R_free                 10 
_refine.ls_number_reflns_R_free                  4742 
_refine.ls_number_parameters                     ? 
_refine.ls_number_restraints                     ? 
_refine.occupancy_min                            ? 
_refine.occupancy_max                            ? 
_refine.B_iso_mean                               ? 
_refine.aniso_B[1][1]                            ? 
_refine.aniso_B[2][2]                            ? 
_refine.aniso_B[3][3]                            ? 
_refine.aniso_B[1][2]                            ? 
_refine.aniso_B[1][3]                            ? 
_refine.aniso_B[2][3]                            ? 
_refine.solvent_model_details                    ? 
_refine.solvent_model_param_ksol                 ? 
_refine.solvent_model_param_bsol                 ? 
_refine.pdbx_ls_cross_valid_method               THROUGHOUT 
_refine.details                                  ? 
_refine.pdbx_starting_model                      ? 
_refine.pdbx_method_to_determine_struct          ? 
_refine.pdbx_isotropic_thermal_model             ? 
_refine.pdbx_stereochemistry_target_values       'PARKINSON ET AL.' 
_refine.pdbx_stereochem_target_val_spec_case     ? 
_refine.pdbx_R_Free_selection_details            RANDOM 
_refine.pdbx_overall_ESU_R                       ? 
_refine.pdbx_overall_ESU_R_Free                  ? 
_refine.overall_SU_ML                            ? 
_refine.overall_SU_B                             ? 
_refine.ls_redundancy_reflns_obs                 ? 
_refine.correlation_coeff_Fo_to_Fc               ? 
_refine.correlation_coeff_Fo_to_Fc_free          ? 
_refine.overall_SU_R_Cruickshank_DPI             ? 
_refine.overall_SU_R_free                        ? 
_refine.pdbx_refine_id                           'X-RAY DIFFRACTION' 
_refine.pdbx_diffrn_id                           1 
_refine.pdbx_TLS_residual_ADP_flag               ? 
_refine.pdbx_solvent_vdw_probe_radii             ? 
_refine.pdbx_solvent_ion_probe_radii             ? 
_refine.pdbx_solvent_shrinkage_radii             ? 
_refine.pdbx_overall_phase_error                 ? 
_refine.pdbx_overall_SU_R_free_Cruickshank_DPI   ? 
_refine.pdbx_overall_SU_R_Blow_DPI               ? 
_refine.pdbx_overall_SU_R_free_Blow_DPI          ? 
# 
_refine_hist.pdbx_refine_id                   'X-RAY DIFFRACTION' 
_refine_hist.cycle_id                         LAST 
_refine_hist.pdbx_number_atoms_protein        0 
_refine_hist.pdbx_number_atoms_nucleic_acid   447 
_refine_hist.pdbx_number_atoms_ligand         26 
_refine_hist.number_atoms_solvent             177 
_refine_hist.number_atoms_total               650 
_refine_hist.d_res_high                       0.83 
_refine_hist.d_res_low                        20 
# 
loop_
_refine_ls_restr.type 
_refine_ls_restr.dev_ideal 
_refine_ls_restr.dev_ideal_target 
_refine_ls_restr.weight 
_refine_ls_restr.number 
_refine_ls_restr.pdbx_refine_id 
_refine_ls_restr.pdbx_restraint_function 
s_bond_d               0.037 ? ? ? 'X-RAY DIFFRACTION' ? 
s_angle_d              0.019 ? ? ? 'X-RAY DIFFRACTION' ? 
s_similar_dist         ?     ? ? ? 'X-RAY DIFFRACTION' ? 
s_from_restr_planes    ?     ? ? ? 'X-RAY DIFFRACTION' ? 
s_zero_chiral_vol      ?     ? ? ? 'X-RAY DIFFRACTION' ? 
s_non_zero_chiral_vol  ?     ? ? ? 'X-RAY DIFFRACTION' ? 
s_anti_bump_dis_restr  ?     ? ? ? 'X-RAY DIFFRACTION' ? 
s_rigid_bond_adp_cmpnt ?     ? ? ? 'X-RAY DIFFRACTION' ? 
s_similar_adp_cmpnt    ?     ? ? ? 'X-RAY DIFFRACTION' ? 
s_approx_iso_adps      ?     ? ? ? 'X-RAY DIFFRACTION' ? 
# 
_struct.entry_id                  1DPL 
_struct.title                     
;A-DNA DECAMER GCGTA(T23)TACGC WITH INCORPORATED 2'-METHOXY-3'-METHYLENEPHOSPHATE-THYMIDINE
;
_struct.pdbx_model_details        ? 
_struct.pdbx_CASP_flag            ? 
_struct.pdbx_model_type_details   ? 
# 
_struct_keywords.entry_id        1DPL 
_struct_keywords.pdbx_keywords   DNA 
_struct_keywords.text            'MODIFIED A-DECAMER AT 0.83 A RESOLUTION, DEOXYRIBONUCLEIC ACID, DNA' 
# 
loop_
_struct_asym.id 
_struct_asym.pdbx_blank_PDB_chainid_flag 
_struct_asym.pdbx_modified 
_struct_asym.entity_id 
_struct_asym.details 
A N N 1 ? 
B N N 1 ? 
C N N 2 ? 
D N N 3 ? 
E N N 3 ? 
F N N 2 ? 
G N N 4 ? 
H N N 4 ? 
# 
_struct_ref.id                         1 
_struct_ref.entity_id                  1 
_struct_ref.db_name                    PDB 
_struct_ref.db_code                    1DPL 
_struct_ref.pdbx_db_accession          1DPL 
_struct_ref.pdbx_db_isoform            ? 
_struct_ref.pdbx_seq_one_letter_code   ? 
_struct_ref.pdbx_align_begin           ? 
# 
loop_
_struct_ref_seq.align_id 
_struct_ref_seq.ref_id 
_struct_ref_seq.pdbx_PDB_id_code 
_struct_ref_seq.pdbx_strand_id 
_struct_ref_seq.seq_align_beg 
_struct_ref_seq.pdbx_seq_align_beg_ins_code 
_struct_ref_seq.seq_align_end 
_struct_ref_seq.pdbx_seq_align_end_ins_code 
_struct_ref_seq.pdbx_db_accession 
_struct_ref_seq.db_align_beg 
_struct_ref_seq.pdbx_db_align_beg_ins_code 
_struct_ref_seq.db_align_end 
_struct_ref_seq.pdbx_db_align_end_ins_code 
_struct_ref_seq.pdbx_auth_seq_align_beg 
_struct_ref_seq.pdbx_auth_seq_align_end 
1 1 1DPL A 1 ? 10 ? 1DPL 1  ? 10 ? 1  10 
2 1 1DPL B 1 ? 10 ? 1DPL 11 ? 20 ? 11 20 
# 
_pdbx_struct_assembly.id                   1 
_pdbx_struct_assembly.details              author_defined_assembly 
_pdbx_struct_assembly.method_details       ? 
_pdbx_struct_assembly.oligomeric_details   dimeric 
_pdbx_struct_assembly.oligomeric_count     2 
# 
_pdbx_struct_assembly_gen.assembly_id       1 
_pdbx_struct_assembly_gen.oper_expression   1 
_pdbx_struct_assembly_gen.asym_id_list      A,B,C,D,E,F,G,H 
# 
_pdbx_struct_oper_list.id                   1 
_pdbx_struct_oper_list.type                 'identity operation' 
_pdbx_struct_oper_list.name                 1_555 
_pdbx_struct_oper_list.symmetry_operation   x,y,z 
_pdbx_struct_oper_list.matrix[1][1]         1.0000000000 
_pdbx_struct_oper_list.matrix[1][2]         0.0000000000 
_pdbx_struct_oper_list.matrix[1][3]         0.0000000000 
_pdbx_struct_oper_list.vector[1]            0.0000000000 
_pdbx_struct_oper_list.matrix[2][1]         0.0000000000 
_pdbx_struct_oper_list.matrix[2][2]         1.0000000000 
_pdbx_struct_oper_list.matrix[2][3]         0.0000000000 
_pdbx_struct_oper_list.vector[2]            0.0000000000 
_pdbx_struct_oper_list.matrix[3][1]         0.0000000000 
_pdbx_struct_oper_list.matrix[3][2]         0.0000000000 
_pdbx_struct_oper_list.matrix[3][3]         1.0000000000 
_pdbx_struct_oper_list.vector[3]            0.0000000000 
# 
_struct_biol.id                    1 
_struct_biol.pdbx_parent_biol_id   ? 
_struct_biol.details               ? 
# 
loop_
_struct_conn.id 
_struct_conn.conn_type_id 
_struct_conn.pdbx_leaving_atom_flag 
_struct_conn.pdbx_PDB_id 
_struct_conn.ptnr1_label_asym_id 
_struct_conn.ptnr1_label_comp_id 
_struct_conn.ptnr1_label_seq_id 
_struct_conn.ptnr1_label_atom_id 
_struct_conn.pdbx_ptnr1_label_alt_id 
_struct_conn.pdbx_ptnr1_PDB_ins_code 
_struct_conn.pdbx_ptnr1_standard_comp_id 
_struct_conn.ptnr1_symmetry 
_struct_conn.ptnr2_label_asym_id 
_struct_conn.ptnr2_label_comp_id 
_struct_conn.ptnr2_label_seq_id 
_struct_conn.ptnr2_label_atom_id 
_struct_conn.pdbx_ptnr2_label_alt_id 
_struct_conn.pdbx_ptnr2_PDB_ins_code 
_struct_conn.ptnr1_auth_asym_id 
_struct_conn.ptnr1_auth_comp_id 
_struct_conn.ptnr1_auth_seq_id 
_struct_conn.ptnr2_auth_asym_id 
_struct_conn.ptnr2_auth_comp_id 
_struct_conn.ptnr2_auth_seq_id 
_struct_conn.ptnr2_symmetry 
_struct_conn.pdbx_ptnr3_label_atom_id 
_struct_conn.pdbx_ptnr3_label_seq_id 
_struct_conn.pdbx_ptnr3_label_comp_id 
_struct_conn.pdbx_ptnr3_label_asym_id 
_struct_conn.pdbx_ptnr3_label_alt_id 
_struct_conn.pdbx_ptnr3_PDB_ins_code 
_struct_conn.details 
_struct_conn.pdbx_dist_value 
_struct_conn.pdbx_value_order 
_struct_conn.pdbx_role 
covale1  covale both ? A DA  5  "O3'" ? ? ? 1_555 A T23 6  P  ? ? A DA  5    A T23 6    1_555 ? ? ? ? ? ? ?            1.596 ? ? 
covale2  covale one  ? A T23 6  C3M   ? ? ? 1_555 A DA  7  P  ? ? A T23 6    A DA  7    1_555 ? ? ? ? ? ? ?            1.743 ? ? 
covale3  covale both ? B DA  5  "O3'" ? ? ? 1_555 B T23 6  P  ? ? B DA  15   B T23 16   1_555 ? ? ? ? ? ? ?            1.586 ? ? 
covale4  covale one  ? B T23 6  C3M   ? ? ? 1_555 B DA  7  P  ? ? B T23 16   B DA  17   1_555 ? ? ? ? ? ? ?            1.739 ? ? 
covale5  covale none ? B DG  9  OP1   B ? ? 1_555 E SPM .  N5 ? ? B DG  19   B SPM 222  1_555 ? ? ? ? ? ? ?            1.796 ? ? 
metalc1  metalc ?    ? C MG  .  MG    ? ? ? 1_555 G HOH .  O  ? ? A MG  301  A HOH 302  1_555 ? ? ? ? ? ? ?            2.068 ? ? 
metalc2  metalc ?    ? C MG  .  MG    ? ? ? 1_555 G HOH .  O  ? ? A MG  301  A HOH 305  1_555 ? ? ? ? ? ? ?            2.111 ? ? 
metalc3  metalc ?    ? C MG  .  MG    ? ? ? 1_555 G HOH .  O  ? ? A MG  301  A HOH 306  1_555 ? ? ? ? ? ? ?            2.027 ? ? 
metalc4  metalc ?    ? C MG  .  MG    ? ? ? 1_555 G HOH .  O  ? ? A MG  301  A HOH 307  1_555 ? ? ? ? ? ? ?            2.085 ? ? 
metalc5  metalc ?    ? C MG  .  MG    ? ? ? 1_555 H HOH .  O  ? ? A MG  301  B HOH 303  1_555 ? ? ? ? ? ? ?            2.090 ? ? 
metalc6  metalc ?    ? C MG  .  MG    ? ? ? 1_555 H HOH .  O  ? ? A MG  301  B HOH 304  1_555 ? ? ? ? ? ? ?            2.052 ? ? 
metalc7  metalc ?    ? F MG  .  MG    ? ? ? 1_555 H HOH .  O  ? ? B MG  1301 B HOH 1302 1_555 ? ? ? ? ? ? ?            2.119 ? ? 
metalc8  metalc ?    ? F MG  .  MG    ? ? ? 1_555 H HOH .  O  ? ? B MG  1301 B HOH 1303 1_555 ? ? ? ? ? ? ?            2.053 ? ? 
metalc9  metalc ?    ? F MG  .  MG    ? ? ? 1_555 H HOH .  O  ? ? B MG  1301 B HOH 1304 1_555 ? ? ? ? ? ? ?            1.832 ? ? 
metalc10 metalc ?    ? F MG  .  MG    ? ? ? 1_555 H HOH .  O  ? ? B MG  1301 B HOH 1305 1_555 ? ? ? ? ? ? ?            2.042 ? ? 
metalc11 metalc ?    ? F MG  .  MG    ? ? ? 1_555 H HOH .  O  ? ? B MG  1301 B HOH 1306 1_555 ? ? ? ? ? ? ?            2.134 ? ? 
metalc12 metalc ?    ? F MG  .  MG    ? ? ? 1_555 H HOH .  O  ? ? B MG  1301 B HOH 1307 1_555 ? ? ? ? ? ? ?            2.143 ? ? 
hydrog1  hydrog ?    ? A DG  1  N1    ? ? ? 1_555 B DC  10 N3 ? ? A DG  1    B DC  20   1_555 ? ? ? ? ? ? WATSON-CRICK ?     ? ? 
hydrog2  hydrog ?    ? A DG  1  N2    ? ? ? 1_555 B DC  10 O2 ? ? A DG  1    B DC  20   1_555 ? ? ? ? ? ? WATSON-CRICK ?     ? ? 
hydrog3  hydrog ?    ? A DG  1  O6    ? ? ? 1_555 B DC  10 N4 ? ? A DG  1    B DC  20   1_555 ? ? ? ? ? ? WATSON-CRICK ?     ? ? 
hydrog4  hydrog ?    ? A DC  2  N3    ? ? ? 1_555 B DG  9  N1 ? ? A DC  2    B DG  19   1_555 ? ? ? ? ? ? WATSON-CRICK ?     ? ? 
hydrog5  hydrog ?    ? A DC  2  N4    ? ? ? 1_555 B DG  9  O6 ? ? A DC  2    B DG  19   1_555 ? ? ? ? ? ? WATSON-CRICK ?     ? ? 
hydrog6  hydrog ?    ? A DC  2  O2    ? ? ? 1_555 B DG  9  N2 ? ? A DC  2    B DG  19   1_555 ? ? ? ? ? ? WATSON-CRICK ?     ? ? 
hydrog7  hydrog ?    ? A DG  3  N1    ? ? ? 1_555 B DC  8  N3 ? ? A DG  3    B DC  18   1_555 ? ? ? ? ? ? WATSON-CRICK ?     ? ? 
hydrog8  hydrog ?    ? A DG  3  N2    ? ? ? 1_555 B DC  8  O2 ? ? A DG  3    B DC  18   1_555 ? ? ? ? ? ? WATSON-CRICK ?     ? ? 
hydrog9  hydrog ?    ? A DG  3  O6    ? ? ? 1_555 B DC  8  N4 ? ? A DG  3    B DC  18   1_555 ? ? ? ? ? ? WATSON-CRICK ?     ? ? 
hydrog10 hydrog ?    ? A DT  4  N3    ? ? ? 1_555 B DA  7  N1 ? ? A DT  4    B DA  17   1_555 ? ? ? ? ? ? WATSON-CRICK ?     ? ? 
hydrog11 hydrog ?    ? A DT  4  O4    ? ? ? 1_555 B DA  7  N6 ? ? A DT  4    B DA  17   1_555 ? ? ? ? ? ? WATSON-CRICK ?     ? ? 
hydrog12 hydrog ?    ? A DA  5  N1    ? ? ? 1_555 B T23 6  N3 ? ? A DA  5    B T23 16   1_555 ? ? ? ? ? ? WATSON-CRICK ?     ? ? 
hydrog13 hydrog ?    ? A DA  5  N6    ? ? ? 1_555 B T23 6  O4 ? ? A DA  5    B T23 16   1_555 ? ? ? ? ? ? WATSON-CRICK ?     ? ? 
hydrog14 hydrog ?    ? A T23 6  N3    ? ? ? 1_555 B DA  5  N1 ? ? A T23 6    B DA  15   1_555 ? ? ? ? ? ? WATSON-CRICK ?     ? ? 
hydrog15 hydrog ?    ? A T23 6  O4    ? ? ? 1_555 B DA  5  N6 ? ? A T23 6    B DA  15   1_555 ? ? ? ? ? ? WATSON-CRICK ?     ? ? 
hydrog16 hydrog ?    ? A DA  7  N1    ? ? ? 1_555 B DT  4  N3 ? ? A DA  7    B DT  14   1_555 ? ? ? ? ? ? WATSON-CRICK ?     ? ? 
hydrog17 hydrog ?    ? A DA  7  N6    ? ? ? 1_555 B DT  4  O4 ? ? A DA  7    B DT  14   1_555 ? ? ? ? ? ? WATSON-CRICK ?     ? ? 
hydrog18 hydrog ?    ? A DC  8  N3    ? ? ? 1_555 B DG  3  N1 ? ? A DC  8    B DG  13   1_555 ? ? ? ? ? ? WATSON-CRICK ?     ? ? 
hydrog19 hydrog ?    ? A DC  8  N4    ? ? ? 1_555 B DG  3  O6 ? ? A DC  8    B DG  13   1_555 ? ? ? ? ? ? WATSON-CRICK ?     ? ? 
hydrog20 hydrog ?    ? A DC  8  O2    ? ? ? 1_555 B DG  3  N2 ? ? A DC  8    B DG  13   1_555 ? ? ? ? ? ? WATSON-CRICK ?     ? ? 
hydrog21 hydrog ?    ? A DG  9  N1    ? ? ? 1_555 B DC  2  N3 ? ? A DG  9    B DC  12   1_555 ? ? ? ? ? ? WATSON-CRICK ?     ? ? 
hydrog22 hydrog ?    ? A DG  9  N2    ? ? ? 1_555 B DC  2  O2 ? ? A DG  9    B DC  12   1_555 ? ? ? ? ? ? WATSON-CRICK ?     ? ? 
hydrog23 hydrog ?    ? A DG  9  O6    ? ? ? 1_555 B DC  2  N4 ? ? A DG  9    B DC  12   1_555 ? ? ? ? ? ? WATSON-CRICK ?     ? ? 
hydrog24 hydrog ?    ? A DC  10 N3    ? ? ? 1_555 B DG  1  N1 ? ? A DC  10   B DG  11   1_555 ? ? ? ? ? ? WATSON-CRICK ?     ? ? 
hydrog25 hydrog ?    ? A DC  10 N4    ? ? ? 1_555 B DG  1  O6 ? ? A DC  10   B DG  11   1_555 ? ? ? ? ? ? WATSON-CRICK ?     ? ? 
hydrog26 hydrog ?    ? A DC  10 O2    ? ? ? 1_555 B DG  1  N2 ? ? A DC  10   B DG  11   1_555 ? ? ? ? ? ? WATSON-CRICK ?     ? ? 
# 
loop_
_struct_conn_type.id 
_struct_conn_type.criteria 
_struct_conn_type.reference 
covale ? ? 
metalc ? ? 
hydrog ? ? 
# 
loop_
_pdbx_struct_conn_angle.id 
_pdbx_struct_conn_angle.ptnr1_label_atom_id 
_pdbx_struct_conn_angle.ptnr1_label_alt_id 
_pdbx_struct_conn_angle.ptnr1_label_asym_id 
_pdbx_struct_conn_angle.ptnr1_label_comp_id 
_pdbx_struct_conn_angle.ptnr1_label_seq_id 
_pdbx_struct_conn_angle.ptnr1_auth_atom_id 
_pdbx_struct_conn_angle.ptnr1_auth_asym_id 
_pdbx_struct_conn_angle.ptnr1_auth_comp_id 
_pdbx_struct_conn_angle.ptnr1_auth_seq_id 
_pdbx_struct_conn_angle.ptnr1_PDB_ins_code 
_pdbx_struct_conn_angle.ptnr1_symmetry 
_pdbx_struct_conn_angle.ptnr2_label_atom_id 
_pdbx_struct_conn_angle.ptnr2_label_alt_id 
_pdbx_struct_conn_angle.ptnr2_label_asym_id 
_pdbx_struct_conn_angle.ptnr2_label_comp_id 
_pdbx_struct_conn_angle.ptnr2_label_seq_id 
_pdbx_struct_conn_angle.ptnr2_auth_atom_id 
_pdbx_struct_conn_angle.ptnr2_auth_asym_id 
_pdbx_struct_conn_angle.ptnr2_auth_comp_id 
_pdbx_struct_conn_angle.ptnr2_auth_seq_id 
_pdbx_struct_conn_angle.ptnr2_PDB_ins_code 
_pdbx_struct_conn_angle.ptnr2_symmetry 
_pdbx_struct_conn_angle.ptnr3_label_atom_id 
_pdbx_struct_conn_angle.ptnr3_label_alt_id 
_pdbx_struct_conn_angle.ptnr3_label_asym_id 
_pdbx_struct_conn_angle.ptnr3_label_comp_id 
_pdbx_struct_conn_angle.ptnr3_label_seq_id 
_pdbx_struct_conn_angle.ptnr3_auth_atom_id 
_pdbx_struct_conn_angle.ptnr3_auth_asym_id 
_pdbx_struct_conn_angle.ptnr3_auth_comp_id 
_pdbx_struct_conn_angle.ptnr3_auth_seq_id 
_pdbx_struct_conn_angle.ptnr3_PDB_ins_code 
_pdbx_struct_conn_angle.ptnr3_symmetry 
_pdbx_struct_conn_angle.value 
_pdbx_struct_conn_angle.value_esd 
1  O ? G HOH . ? A HOH 302  ? 1_555 MG ? C MG . ? A MG 301  ? 1_555 O ? G HOH . ? A HOH 305  ? 1_555 91.0  ? 
2  O ? G HOH . ? A HOH 302  ? 1_555 MG ? C MG . ? A MG 301  ? 1_555 O ? G HOH . ? A HOH 306  ? 1_555 88.3  ? 
3  O ? G HOH . ? A HOH 305  ? 1_555 MG ? C MG . ? A MG 301  ? 1_555 O ? G HOH . ? A HOH 306  ? 1_555 92.3  ? 
4  O ? G HOH . ? A HOH 302  ? 1_555 MG ? C MG . ? A MG 301  ? 1_555 O ? G HOH . ? A HOH 307  ? 1_555 92.6  ? 
5  O ? G HOH . ? A HOH 305  ? 1_555 MG ? C MG . ? A MG 301  ? 1_555 O ? G HOH . ? A HOH 307  ? 1_555 176.5 ? 
6  O ? G HOH . ? A HOH 306  ? 1_555 MG ? C MG . ? A MG 301  ? 1_555 O ? G HOH . ? A HOH 307  ? 1_555 87.7  ? 
7  O ? G HOH . ? A HOH 302  ? 1_555 MG ? C MG . ? A MG 301  ? 1_555 O ? H HOH . ? B HOH 303  ? 1_555 177.5 ? 
8  O ? G HOH . ? A HOH 305  ? 1_555 MG ? C MG . ? A MG 301  ? 1_555 O ? H HOH . ? B HOH 303  ? 1_555 90.5  ? 
9  O ? G HOH . ? A HOH 306  ? 1_555 MG ? C MG . ? A MG 301  ? 1_555 O ? H HOH . ? B HOH 303  ? 1_555 93.6  ? 
10 O ? G HOH . ? A HOH 307  ? 1_555 MG ? C MG . ? A MG 301  ? 1_555 O ? H HOH . ? B HOH 303  ? 1_555 85.9  ? 
11 O ? G HOH . ? A HOH 302  ? 1_555 MG ? C MG . ? A MG 301  ? 1_555 O ? H HOH . ? B HOH 304  ? 1_555 91.1  ? 
12 O ? G HOH . ? A HOH 305  ? 1_555 MG ? C MG . ? A MG 301  ? 1_555 O ? H HOH . ? B HOH 304  ? 1_555 89.1  ? 
13 O ? G HOH . ? A HOH 306  ? 1_555 MG ? C MG . ? A MG 301  ? 1_555 O ? H HOH . ? B HOH 304  ? 1_555 178.5 ? 
14 O ? G HOH . ? A HOH 307  ? 1_555 MG ? C MG . ? A MG 301  ? 1_555 O ? H HOH . ? B HOH 304  ? 1_555 90.9  ? 
15 O ? H HOH . ? B HOH 303  ? 1_555 MG ? C MG . ? A MG 301  ? 1_555 O ? H HOH . ? B HOH 304  ? 1_555 86.9  ? 
16 O ? H HOH . ? B HOH 1302 ? 1_555 MG ? F MG . ? B MG 1301 ? 1_555 O ? H HOH . ? B HOH 1303 ? 1_555 95.8  ? 
17 O ? H HOH . ? B HOH 1302 ? 1_555 MG ? F MG . ? B MG 1301 ? 1_555 O ? H HOH . ? B HOH 1304 ? 1_555 89.0  ? 
18 O ? H HOH . ? B HOH 1303 ? 1_555 MG ? F MG . ? B MG 1301 ? 1_555 O ? H HOH . ? B HOH 1304 ? 1_555 100.3 ? 
19 O ? H HOH . ? B HOH 1302 ? 1_555 MG ? F MG . ? B MG 1301 ? 1_555 O ? H HOH . ? B HOH 1305 ? 1_555 93.8  ? 
20 O ? H HOH . ? B HOH 1303 ? 1_555 MG ? F MG . ? B MG 1301 ? 1_555 O ? H HOH . ? B HOH 1305 ? 1_555 85.7  ? 
21 O ? H HOH . ? B HOH 1304 ? 1_555 MG ? F MG . ? B MG 1301 ? 1_555 O ? H HOH . ? B HOH 1305 ? 1_555 173.1 ? 
22 O ? H HOH . ? B HOH 1302 ? 1_555 MG ? F MG . ? B MG 1301 ? 1_555 O ? H HOH . ? B HOH 1306 ? 1_555 159.8 ? 
23 O ? H HOH . ? B HOH 1303 ? 1_555 MG ? F MG . ? B MG 1301 ? 1_555 O ? H HOH . ? B HOH 1306 ? 1_555 99.8  ? 
24 O ? H HOH . ? B HOH 1304 ? 1_555 MG ? F MG . ? B MG 1301 ? 1_555 O ? H HOH . ? B HOH 1306 ? 1_555 100.5 ? 
25 O ? H HOH . ? B HOH 1305 ? 1_555 MG ? F MG . ? B MG 1301 ? 1_555 O ? H HOH . ? B HOH 1306 ? 1_555 74.8  ? 
26 O ? H HOH . ? B HOH 1302 ? 1_555 MG ? F MG . ? B MG 1301 ? 1_555 O ? H HOH . ? B HOH 1307 ? 1_555 83.7  ? 
27 O ? H HOH . ? B HOH 1303 ? 1_555 MG ? F MG . ? B MG 1301 ? 1_555 O ? H HOH . ? B HOH 1307 ? 1_555 175.6 ? 
28 O ? H HOH . ? B HOH 1304 ? 1_555 MG ? F MG . ? B MG 1301 ? 1_555 O ? H HOH . ? B HOH 1307 ? 1_555 84.1  ? 
29 O ? H HOH . ? B HOH 1305 ? 1_555 MG ? F MG . ? B MG 1301 ? 1_555 O ? H HOH . ? B HOH 1307 ? 1_555 90.0  ? 
30 O ? H HOH . ? B HOH 1306 ? 1_555 MG ? F MG . ? B MG 1301 ? 1_555 O ? H HOH . ? B HOH 1307 ? 1_555 79.7  ? 
# 
loop_
_struct_site.id 
_struct_site.pdbx_evidence_code 
_struct_site.pdbx_auth_asym_id 
_struct_site.pdbx_auth_comp_id 
_struct_site.pdbx_auth_seq_id 
_struct_site.pdbx_auth_ins_code 
_struct_site.pdbx_num_residues 
_struct_site.details 
AC1 Software B SPM 221  ? 11 'BINDING SITE FOR RESIDUE SPM B 221' 
AC2 Software B SPM 222  ? 9  'BINDING SITE FOR RESIDUE SPM B 222' 
AC3 Software A MG  301  ? 6  'BINDING SITE FOR RESIDUE MG A 301'  
AC4 Software B MG  1301 ? 6  'BINDING SITE FOR RESIDUE MG B 1301' 
# 
loop_
_struct_site_gen.id 
_struct_site_gen.site_id 
_struct_site_gen.pdbx_num_res 
_struct_site_gen.label_comp_id 
_struct_site_gen.label_asym_id 
_struct_site_gen.label_seq_id 
_struct_site_gen.pdbx_auth_ins_code 
_struct_site_gen.auth_comp_id 
_struct_site_gen.auth_asym_id 
_struct_site_gen.auth_seq_id 
_struct_site_gen.label_atom_id 
_struct_site_gen.label_alt_id 
_struct_site_gen.symmetry 
_struct_site_gen.details 
1  AC1 11 DG  A 9  ? DG  A 9    . ? 4_456 ? 
2  AC1 11 HOH G .  ? HOH A 329  . ? 2_555 ? 
3  AC1 11 HOH G .  ? HOH A 341  . ? 4_456 ? 
4  AC1 11 HOH G .  ? HOH A 358  . ? 2_555 ? 
5  AC1 11 HOH G .  ? HOH A 502  . ? 2_555 ? 
6  AC1 11 DG  B 3  ? DG  B 13   . ? 1_555 ? 
7  AC1 11 DT  B 4  ? DT  B 14   . ? 1_555 ? 
8  AC1 11 DC  B 8  ? DC  B 18   . ? 2_455 ? 
9  AC1 11 DG  B 9  ? DG  B 19   . ? 2_455 ? 
10 AC1 11 HOH H .  ? HOH B 470  . ? 2_455 ? 
11 AC1 11 HOH H .  ? HOH B 1222 . ? 1_555 ? 
12 AC2 9  HOH G .  ? HOH A 336  . ? 2_554 ? 
13 AC2 9  HOH G .  ? HOH A 442  . ? 4_445 ? 
14 AC2 9  DG  B 1  ? DG  B 11   . ? 2_554 ? 
15 AC2 9  DC  B 8  ? DC  B 18   . ? 1_555 ? 
16 AC2 9  DG  B 9  ? DG  B 19   . ? 1_555 ? 
17 AC2 9  DC  B 10 ? DC  B 20   . ? 1_555 ? 
18 AC2 9  HOH H .  ? HOH B 362  . ? 1_555 ? 
19 AC2 9  HOH H .  ? HOH B 367  . ? 1_555 ? 
20 AC2 9  HOH H .  ? HOH B 449  . ? 2_454 ? 
21 AC3 6  HOH G .  ? HOH A 302  . ? 1_555 ? 
22 AC3 6  HOH G .  ? HOH A 305  . ? 1_555 ? 
23 AC3 6  HOH G .  ? HOH A 306  . ? 1_555 ? 
24 AC3 6  HOH G .  ? HOH A 307  . ? 1_555 ? 
25 AC3 6  HOH H .  ? HOH B 303  . ? 1_555 ? 
26 AC3 6  HOH H .  ? HOH B 304  . ? 1_555 ? 
27 AC4 6  HOH H .  ? HOH B 1302 . ? 1_555 ? 
28 AC4 6  HOH H .  ? HOH B 1303 . ? 1_555 ? 
29 AC4 6  HOH H .  ? HOH B 1304 . ? 1_555 ? 
30 AC4 6  HOH H .  ? HOH B 1305 . ? 1_555 ? 
31 AC4 6  HOH H .  ? HOH B 1306 . ? 1_555 ? 
32 AC4 6  HOH H .  ? HOH B 1307 . ? 1_555 ? 
# 
loop_
_pdbx_validate_rmsd_bond.id 
_pdbx_validate_rmsd_bond.PDB_model_num 
_pdbx_validate_rmsd_bond.auth_atom_id_1 
_pdbx_validate_rmsd_bond.auth_asym_id_1 
_pdbx_validate_rmsd_bond.auth_comp_id_1 
_pdbx_validate_rmsd_bond.auth_seq_id_1 
_pdbx_validate_rmsd_bond.PDB_ins_code_1 
_pdbx_validate_rmsd_bond.label_alt_id_1 
_pdbx_validate_rmsd_bond.auth_atom_id_2 
_pdbx_validate_rmsd_bond.auth_asym_id_2 
_pdbx_validate_rmsd_bond.auth_comp_id_2 
_pdbx_validate_rmsd_bond.auth_seq_id_2 
_pdbx_validate_rmsd_bond.PDB_ins_code_2 
_pdbx_validate_rmsd_bond.label_alt_id_2 
_pdbx_validate_rmsd_bond.bond_value 
_pdbx_validate_rmsd_bond.bond_target_value 
_pdbx_validate_rmsd_bond.bond_deviation 
_pdbx_validate_rmsd_bond.bond_standard_deviation 
_pdbx_validate_rmsd_bond.linker_flag 
1 1 "C2'" A DG 1  ? ? "C1'" A DG 1  ? ? 1.451 1.518 -0.067 0.010 N 
2 1 "C2'" A DG 3  ? ? "C1'" A DG 3  ? ? 1.410 1.518 -0.108 0.010 N 
3 1 "C2'" A DT 4  ? ? "C1'" A DT 4  ? ? 1.455 1.518 -0.063 0.010 N 
4 1 "C2'" B DC 12 ? ? "C1'" B DC 12 ? ? 1.452 1.518 -0.066 0.010 N 
5 1 "C2'" B DG 19 ? B "C1'" B DG 19 ? B 1.432 1.518 -0.086 0.010 N 
6 1 "O4'" B DG 19 ? A "C1'" B DG 19 ? A 1.519 1.420 0.099  0.011 N 
7 1 "O4'" B DG 19 ? B "C1'" B DG 19 ? B 1.520 1.420 0.100  0.011 N 
# 
loop_
_pdbx_validate_rmsd_angle.id 
_pdbx_validate_rmsd_angle.PDB_model_num 
_pdbx_validate_rmsd_angle.auth_atom_id_1 
_pdbx_validate_rmsd_angle.auth_asym_id_1 
_pdbx_validate_rmsd_angle.auth_comp_id_1 
_pdbx_validate_rmsd_angle.auth_seq_id_1 
_pdbx_validate_rmsd_angle.PDB_ins_code_1 
_pdbx_validate_rmsd_angle.label_alt_id_1 
_pdbx_validate_rmsd_angle.auth_atom_id_2 
_pdbx_validate_rmsd_angle.auth_asym_id_2 
_pdbx_validate_rmsd_angle.auth_comp_id_2 
_pdbx_validate_rmsd_angle.auth_seq_id_2 
_pdbx_validate_rmsd_angle.PDB_ins_code_2 
_pdbx_validate_rmsd_angle.label_alt_id_2 
_pdbx_validate_rmsd_angle.auth_atom_id_3 
_pdbx_validate_rmsd_angle.auth_asym_id_3 
_pdbx_validate_rmsd_angle.auth_comp_id_3 
_pdbx_validate_rmsd_angle.auth_seq_id_3 
_pdbx_validate_rmsd_angle.PDB_ins_code_3 
_pdbx_validate_rmsd_angle.label_alt_id_3 
_pdbx_validate_rmsd_angle.angle_value 
_pdbx_validate_rmsd_angle.angle_target_value 
_pdbx_validate_rmsd_angle.angle_deviation 
_pdbx_validate_rmsd_angle.angle_standard_deviation 
_pdbx_validate_rmsd_angle.linker_flag 
1  1 "O4'" A DG 3  ? ? "C1'" A DG 3  ? ? "C2'" A DG 3  ? ? 112.53 106.80 5.73  0.50 N 
2  1 "O4'" A DG 3  ? ? "C1'" A DG 3  ? ? N9    A DG 3  ? ? 101.74 108.00 -6.26 0.70 N 
3  1 "O4'" A DA 7  ? A "C1'" A DA 7  ? A N9    A DA 7  ? ? 111.07 108.30 2.77  0.30 N 
4  1 "O4'" A DC 8  ? A "C4'" A DC 8  ? A "C3'" A DC 8  ? A 101.02 104.50 -3.48 0.40 N 
5  1 "O4'" A DC 8  ? B "C1'" A DC 8  ? B N1    A DC 8  ? ? 111.64 108.30 3.34  0.30 N 
6  1 "O4'" B DG 11 ? ? "C1'" B DG 11 ? ? "C2'" B DG 11 ? ? 110.87 106.80 4.07  0.50 N 
7  1 "C4'" B DG 13 ? ? "C3'" B DG 13 ? ? "C2'" B DG 13 ? ? 97.90  102.20 -4.30 0.70 N 
8  1 "O4'" B DG 13 ? ? "C1'" B DG 13 ? ? N9    B DG 13 ? ? 112.09 108.30 3.79  0.30 N 
9  1 "O4'" B DC 18 ? A "C1'" B DC 18 ? A N1    B DC 18 ? ? 111.08 108.30 2.78  0.30 N 
10 1 P     B DG 19 ? B "O5'" B DG 19 ? B "C5'" B DG 19 ? B 132.00 120.90 11.10 1.60 N 
11 1 "C5'" B DG 19 ? B "C4'" B DG 19 ? B "O4'" B DG 19 ? B 117.16 109.80 7.36  1.10 N 
12 1 "C1'" B DG 19 ? A "O4'" B DG 19 ? A "C4'" B DG 19 ? A 101.88 110.10 -8.22 1.00 N 
13 1 "C1'" B DG 19 ? B "O4'" B DG 19 ? B "C4'" B DG 19 ? B 102.85 110.10 -7.25 1.00 N 
14 1 "O4'" B DG 19 ? A "C1'" B DG 19 ? A "C2'" B DG 19 ? A 113.55 106.80 6.75  0.50 N 
15 1 "O4'" B DG 19 ? B "C1'" B DG 19 ? B "C2'" B DG 19 ? B 113.12 106.80 6.32  0.50 N 
16 1 "O4'" B DG 19 ? B "C1'" B DG 19 ? B N9    B DG 19 ? ? 99.42  108.00 -8.58 0.70 N 
17 1 C8    B DG 19 ? ? N9    B DG 19 ? ? "C1'" B DG 19 ? B 135.84 127.00 8.84  1.30 N 
18 1 C4    B DG 19 ? ? N9    B DG 19 ? ? "C1'" B DG 19 ? B 117.95 126.50 -8.55 1.30 N 
# 
loop_
_chem_comp_atom.comp_id 
_chem_comp_atom.atom_id 
_chem_comp_atom.type_symbol 
_chem_comp_atom.pdbx_aromatic_flag 
_chem_comp_atom.pdbx_stereo_config 
_chem_comp_atom.pdbx_ordinal 
DA  OP3    O  N N 1   
DA  P      P  N N 2   
DA  OP1    O  N N 3   
DA  OP2    O  N N 4   
DA  "O5'"  O  N N 5   
DA  "C5'"  C  N N 6   
DA  "C4'"  C  N R 7   
DA  "O4'"  O  N N 8   
DA  "C3'"  C  N S 9   
DA  "O3'"  O  N N 10  
DA  "C2'"  C  N N 11  
DA  "C1'"  C  N R 12  
DA  N9     N  Y N 13  
DA  C8     C  Y N 14  
DA  N7     N  Y N 15  
DA  C5     C  Y N 16  
DA  C6     C  Y N 17  
DA  N6     N  N N 18  
DA  N1     N  Y N 19  
DA  C2     C  Y N 20  
DA  N3     N  Y N 21  
DA  C4     C  Y N 22  
DA  HOP3   H  N N 23  
DA  HOP2   H  N N 24  
DA  "H5'"  H  N N 25  
DA  "H5''" H  N N 26  
DA  "H4'"  H  N N 27  
DA  "H3'"  H  N N 28  
DA  "HO3'" H  N N 29  
DA  "H2'"  H  N N 30  
DA  "H2''" H  N N 31  
DA  "H1'"  H  N N 32  
DA  H8     H  N N 33  
DA  H61    H  N N 34  
DA  H62    H  N N 35  
DA  H2     H  N N 36  
DC  OP3    O  N N 37  
DC  P      P  N N 38  
DC  OP1    O  N N 39  
DC  OP2    O  N N 40  
DC  "O5'"  O  N N 41  
DC  "C5'"  C  N N 42  
DC  "C4'"  C  N R 43  
DC  "O4'"  O  N N 44  
DC  "C3'"  C  N S 45  
DC  "O3'"  O  N N 46  
DC  "C2'"  C  N N 47  
DC  "C1'"  C  N R 48  
DC  N1     N  N N 49  
DC  C2     C  N N 50  
DC  O2     O  N N 51  
DC  N3     N  N N 52  
DC  C4     C  N N 53  
DC  N4     N  N N 54  
DC  C5     C  N N 55  
DC  C6     C  N N 56  
DC  HOP3   H  N N 57  
DC  HOP2   H  N N 58  
DC  "H5'"  H  N N 59  
DC  "H5''" H  N N 60  
DC  "H4'"  H  N N 61  
DC  "H3'"  H  N N 62  
DC  "HO3'" H  N N 63  
DC  "H2'"  H  N N 64  
DC  "H2''" H  N N 65  
DC  "H1'"  H  N N 66  
DC  H41    H  N N 67  
DC  H42    H  N N 68  
DC  H5     H  N N 69  
DC  H6     H  N N 70  
DG  OP3    O  N N 71  
DG  P      P  N N 72  
DG  OP1    O  N N 73  
DG  OP2    O  N N 74  
DG  "O5'"  O  N N 75  
DG  "C5'"  C  N N 76  
DG  "C4'"  C  N R 77  
DG  "O4'"  O  N N 78  
DG  "C3'"  C  N S 79  
DG  "O3'"  O  N N 80  
DG  "C2'"  C  N N 81  
DG  "C1'"  C  N R 82  
DG  N9     N  Y N 83  
DG  C8     C  Y N 84  
DG  N7     N  Y N 85  
DG  C5     C  Y N 86  
DG  C6     C  N N 87  
DG  O6     O  N N 88  
DG  N1     N  N N 89  
DG  C2     C  N N 90  
DG  N2     N  N N 91  
DG  N3     N  N N 92  
DG  C4     C  Y N 93  
DG  HOP3   H  N N 94  
DG  HOP2   H  N N 95  
DG  "H5'"  H  N N 96  
DG  "H5''" H  N N 97  
DG  "H4'"  H  N N 98  
DG  "H3'"  H  N N 99  
DG  "HO3'" H  N N 100 
DG  "H2'"  H  N N 101 
DG  "H2''" H  N N 102 
DG  "H1'"  H  N N 103 
DG  H8     H  N N 104 
DG  H1     H  N N 105 
DG  H21    H  N N 106 
DG  H22    H  N N 107 
DT  OP3    O  N N 108 
DT  P      P  N N 109 
DT  OP1    O  N N 110 
DT  OP2    O  N N 111 
DT  "O5'"  O  N N 112 
DT  "C5'"  C  N N 113 
DT  "C4'"  C  N R 114 
DT  "O4'"  O  N N 115 
DT  "C3'"  C  N S 116 
DT  "O3'"  O  N N 117 
DT  "C2'"  C  N N 118 
DT  "C1'"  C  N R 119 
DT  N1     N  N N 120 
DT  C2     C  N N 121 
DT  O2     O  N N 122 
DT  N3     N  N N 123 
DT  C4     C  N N 124 
DT  O4     O  N N 125 
DT  C5     C  N N 126 
DT  C7     C  N N 127 
DT  C6     C  N N 128 
DT  HOP3   H  N N 129 
DT  HOP2   H  N N 130 
DT  "H5'"  H  N N 131 
DT  "H5''" H  N N 132 
DT  "H4'"  H  N N 133 
DT  "H3'"  H  N N 134 
DT  "HO3'" H  N N 135 
DT  "H2'"  H  N N 136 
DT  "H2''" H  N N 137 
DT  "H1'"  H  N N 138 
DT  H3     H  N N 139 
DT  H71    H  N N 140 
DT  H72    H  N N 141 
DT  H73    H  N N 142 
DT  H6     H  N N 143 
HOH O      O  N N 144 
HOH H1     H  N N 145 
HOH H2     H  N N 146 
MG  MG     MG N N 147 
SPM N1     N  N N 148 
SPM C2     C  N N 149 
SPM C3     C  N N 150 
SPM C4     C  N N 151 
SPM N5     N  N N 152 
SPM C6     C  N N 153 
SPM C7     C  N N 154 
SPM C8     C  N N 155 
SPM C9     C  N N 156 
SPM N10    N  N N 157 
SPM C11    C  N N 158 
SPM C12    C  N N 159 
SPM C13    C  N N 160 
SPM N14    N  N N 161 
SPM HN11   H  N N 162 
SPM HN12   H  N N 163 
SPM H21    H  N N 164 
SPM H22    H  N N 165 
SPM H31    H  N N 166 
SPM H32    H  N N 167 
SPM H41    H  N N 168 
SPM H42    H  N N 169 
SPM HN5    H  N N 170 
SPM H61    H  N N 171 
SPM H62    H  N N 172 
SPM H71    H  N N 173 
SPM H72    H  N N 174 
SPM H81    H  N N 175 
SPM H82    H  N N 176 
SPM H91    H  N N 177 
SPM H92    H  N N 178 
SPM HN0    H  N N 179 
SPM H111   H  N N 180 
SPM H112   H  N N 181 
SPM H121   H  N N 182 
SPM H122   H  N N 183 
SPM H131   H  N N 184 
SPM H132   H  N N 185 
SPM HN41   H  N N 186 
SPM HN42   H  N N 187 
T23 P      P  N N 188 
T23 OP1    O  N N 189 
T23 OP2    O  N N 190 
T23 OP3    O  N N 191 
T23 "O5'"  O  N N 192 
T23 N1     N  N N 193 
T23 C6     C  N N 194 
T23 C2     C  N N 195 
T23 O2     O  N N 196 
T23 N3     N  N N 197 
T23 C4     C  N N 198 
T23 O4     O  N N 199 
T23 C5     C  N N 200 
T23 C5M    C  N N 201 
T23 "C2'"  C  N R 202 
T23 "O2'"  O  N N 203 
T23 C2M    C  N N 204 
T23 "C5'"  C  N N 205 
T23 "C4'"  C  N S 206 
T23 "O4'"  O  N N 207 
T23 "C1'"  C  N R 208 
T23 "C3'"  C  N R 209 
T23 C3M    C  N N 210 
T23 HOP2   H  N N 211 
T23 HOP3   H  N N 212 
T23 H6     H  N N 213 
T23 H3     H  N N 214 
T23 H5A1   H  N N 215 
T23 H5A2   H  N N 216 
T23 H5A3   H  N N 217 
T23 "H2'"  H  N N 218 
T23 H2M1   H  N N 219 
T23 H2M2   H  N N 220 
T23 H2M3   H  N N 221 
T23 "H5'"  H  N N 222 
T23 "H5''" H  N N 223 
T23 "H4'"  H  N N 224 
T23 "H1'"  H  N N 225 
T23 "H3'"  H  N N 226 
T23 H3M1   H  N N 227 
T23 H3M2   H  N N 228 
T23 H3M3   H  N N 229 
# 
loop_
_chem_comp_bond.comp_id 
_chem_comp_bond.atom_id_1 
_chem_comp_bond.atom_id_2 
_chem_comp_bond.value_order 
_chem_comp_bond.pdbx_aromatic_flag 
_chem_comp_bond.pdbx_stereo_config 
_chem_comp_bond.pdbx_ordinal 
DA  OP3   P      sing N N 1   
DA  OP3   HOP3   sing N N 2   
DA  P     OP1    doub N N 3   
DA  P     OP2    sing N N 4   
DA  P     "O5'"  sing N N 5   
DA  OP2   HOP2   sing N N 6   
DA  "O5'" "C5'"  sing N N 7   
DA  "C5'" "C4'"  sing N N 8   
DA  "C5'" "H5'"  sing N N 9   
DA  "C5'" "H5''" sing N N 10  
DA  "C4'" "O4'"  sing N N 11  
DA  "C4'" "C3'"  sing N N 12  
DA  "C4'" "H4'"  sing N N 13  
DA  "O4'" "C1'"  sing N N 14  
DA  "C3'" "O3'"  sing N N 15  
DA  "C3'" "C2'"  sing N N 16  
DA  "C3'" "H3'"  sing N N 17  
DA  "O3'" "HO3'" sing N N 18  
DA  "C2'" "C1'"  sing N N 19  
DA  "C2'" "H2'"  sing N N 20  
DA  "C2'" "H2''" sing N N 21  
DA  "C1'" N9     sing N N 22  
DA  "C1'" "H1'"  sing N N 23  
DA  N9    C8     sing Y N 24  
DA  N9    C4     sing Y N 25  
DA  C8    N7     doub Y N 26  
DA  C8    H8     sing N N 27  
DA  N7    C5     sing Y N 28  
DA  C5    C6     sing Y N 29  
DA  C5    C4     doub Y N 30  
DA  C6    N6     sing N N 31  
DA  C6    N1     doub Y N 32  
DA  N6    H61    sing N N 33  
DA  N6    H62    sing N N 34  
DA  N1    C2     sing Y N 35  
DA  C2    N3     doub Y N 36  
DA  C2    H2     sing N N 37  
DA  N3    C4     sing Y N 38  
DC  OP3   P      sing N N 39  
DC  OP3   HOP3   sing N N 40  
DC  P     OP1    doub N N 41  
DC  P     OP2    sing N N 42  
DC  P     "O5'"  sing N N 43  
DC  OP2   HOP2   sing N N 44  
DC  "O5'" "C5'"  sing N N 45  
DC  "C5'" "C4'"  sing N N 46  
DC  "C5'" "H5'"  sing N N 47  
DC  "C5'" "H5''" sing N N 48  
DC  "C4'" "O4'"  sing N N 49  
DC  "C4'" "C3'"  sing N N 50  
DC  "C4'" "H4'"  sing N N 51  
DC  "O4'" "C1'"  sing N N 52  
DC  "C3'" "O3'"  sing N N 53  
DC  "C3'" "C2'"  sing N N 54  
DC  "C3'" "H3'"  sing N N 55  
DC  "O3'" "HO3'" sing N N 56  
DC  "C2'" "C1'"  sing N N 57  
DC  "C2'" "H2'"  sing N N 58  
DC  "C2'" "H2''" sing N N 59  
DC  "C1'" N1     sing N N 60  
DC  "C1'" "H1'"  sing N N 61  
DC  N1    C2     sing N N 62  
DC  N1    C6     sing N N 63  
DC  C2    O2     doub N N 64  
DC  C2    N3     sing N N 65  
DC  N3    C4     doub N N 66  
DC  C4    N4     sing N N 67  
DC  C4    C5     sing N N 68  
DC  N4    H41    sing N N 69  
DC  N4    H42    sing N N 70  
DC  C5    C6     doub N N 71  
DC  C5    H5     sing N N 72  
DC  C6    H6     sing N N 73  
DG  OP3   P      sing N N 74  
DG  OP3   HOP3   sing N N 75  
DG  P     OP1    doub N N 76  
DG  P     OP2    sing N N 77  
DG  P     "O5'"  sing N N 78  
DG  OP2   HOP2   sing N N 79  
DG  "O5'" "C5'"  sing N N 80  
DG  "C5'" "C4'"  sing N N 81  
DG  "C5'" "H5'"  sing N N 82  
DG  "C5'" "H5''" sing N N 83  
DG  "C4'" "O4'"  sing N N 84  
DG  "C4'" "C3'"  sing N N 85  
DG  "C4'" "H4'"  sing N N 86  
DG  "O4'" "C1'"  sing N N 87  
DG  "C3'" "O3'"  sing N N 88  
DG  "C3'" "C2'"  sing N N 89  
DG  "C3'" "H3'"  sing N N 90  
DG  "O3'" "HO3'" sing N N 91  
DG  "C2'" "C1'"  sing N N 92  
DG  "C2'" "H2'"  sing N N 93  
DG  "C2'" "H2''" sing N N 94  
DG  "C1'" N9     sing N N 95  
DG  "C1'" "H1'"  sing N N 96  
DG  N9    C8     sing Y N 97  
DG  N9    C4     sing Y N 98  
DG  C8    N7     doub Y N 99  
DG  C8    H8     sing N N 100 
DG  N7    C5     sing Y N 101 
DG  C5    C6     sing N N 102 
DG  C5    C4     doub Y N 103 
DG  C6    O6     doub N N 104 
DG  C6    N1     sing N N 105 
DG  N1    C2     sing N N 106 
DG  N1    H1     sing N N 107 
DG  C2    N2     sing N N 108 
DG  C2    N3     doub N N 109 
DG  N2    H21    sing N N 110 
DG  N2    H22    sing N N 111 
DG  N3    C4     sing N N 112 
DT  OP3   P      sing N N 113 
DT  OP3   HOP3   sing N N 114 
DT  P     OP1    doub N N 115 
DT  P     OP2    sing N N 116 
DT  P     "O5'"  sing N N 117 
DT  OP2   HOP2   sing N N 118 
DT  "O5'" "C5'"  sing N N 119 
DT  "C5'" "C4'"  sing N N 120 
DT  "C5'" "H5'"  sing N N 121 
DT  "C5'" "H5''" sing N N 122 
DT  "C4'" "O4'"  sing N N 123 
DT  "C4'" "C3'"  sing N N 124 
DT  "C4'" "H4'"  sing N N 125 
DT  "O4'" "C1'"  sing N N 126 
DT  "C3'" "O3'"  sing N N 127 
DT  "C3'" "C2'"  sing N N 128 
DT  "C3'" "H3'"  sing N N 129 
DT  "O3'" "HO3'" sing N N 130 
DT  "C2'" "C1'"  sing N N 131 
DT  "C2'" "H2'"  sing N N 132 
DT  "C2'" "H2''" sing N N 133 
DT  "C1'" N1     sing N N 134 
DT  "C1'" "H1'"  sing N N 135 
DT  N1    C2     sing N N 136 
DT  N1    C6     sing N N 137 
DT  C2    O2     doub N N 138 
DT  C2    N3     sing N N 139 
DT  N3    C4     sing N N 140 
DT  N3    H3     sing N N 141 
DT  C4    O4     doub N N 142 
DT  C4    C5     sing N N 143 
DT  C5    C7     sing N N 144 
DT  C5    C6     doub N N 145 
DT  C7    H71    sing N N 146 
DT  C7    H72    sing N N 147 
DT  C7    H73    sing N N 148 
DT  C6    H6     sing N N 149 
HOH O     H1     sing N N 150 
HOH O     H2     sing N N 151 
SPM N1    C2     sing N N 152 
SPM N1    HN11   sing N N 153 
SPM N1    HN12   sing N N 154 
SPM C2    C3     sing N N 155 
SPM C2    H21    sing N N 156 
SPM C2    H22    sing N N 157 
SPM C3    C4     sing N N 158 
SPM C3    H31    sing N N 159 
SPM C3    H32    sing N N 160 
SPM C4    N5     sing N N 161 
SPM C4    H41    sing N N 162 
SPM C4    H42    sing N N 163 
SPM N5    C6     sing N N 164 
SPM N5    HN5    sing N N 165 
SPM C6    C7     sing N N 166 
SPM C6    H61    sing N N 167 
SPM C6    H62    sing N N 168 
SPM C7    C8     sing N N 169 
SPM C7    H71    sing N N 170 
SPM C7    H72    sing N N 171 
SPM C8    C9     sing N N 172 
SPM C8    H81    sing N N 173 
SPM C8    H82    sing N N 174 
SPM C9    N10    sing N N 175 
SPM C9    H91    sing N N 176 
SPM C9    H92    sing N N 177 
SPM N10   C11    sing N N 178 
SPM N10   HN0    sing N N 179 
SPM C11   C12    sing N N 180 
SPM C11   H111   sing N N 181 
SPM C11   H112   sing N N 182 
SPM C12   C13    sing N N 183 
SPM C12   H121   sing N N 184 
SPM C12   H122   sing N N 185 
SPM C13   N14    sing N N 186 
SPM C13   H131   sing N N 187 
SPM C13   H132   sing N N 188 
SPM N14   HN41   sing N N 189 
SPM N14   HN42   sing N N 190 
T23 P     OP1    doub N N 191 
T23 P     OP2    sing N N 192 
T23 P     OP3    sing N N 193 
T23 P     "O5'"  sing N N 194 
T23 OP2   HOP2   sing N N 195 
T23 OP3   HOP3   sing N N 196 
T23 "O5'" "C5'"  sing N N 197 
T23 N1    C6     sing N N 198 
T23 N1    C2     sing N N 199 
T23 N1    "C1'"  sing N N 200 
T23 C6    C5     doub N N 201 
T23 C6    H6     sing N N 202 
T23 C2    O2     doub N N 203 
T23 C2    N3     sing N N 204 
T23 N3    C4     sing N N 205 
T23 N3    H3     sing N N 206 
T23 C4    O4     doub N N 207 
T23 C4    C5     sing N N 208 
T23 C5    C5M    sing N N 209 
T23 C5M   H5A1   sing N N 210 
T23 C5M   H5A2   sing N N 211 
T23 C5M   H5A3   sing N N 212 
T23 "C2'" "O2'"  sing N N 213 
T23 "C2'" "C1'"  sing N N 214 
T23 "C2'" "C3'"  sing N N 215 
T23 "C2'" "H2'"  sing N N 216 
T23 "O2'" C2M    sing N N 217 
T23 C2M   H2M1   sing N N 218 
T23 C2M   H2M2   sing N N 219 
T23 C2M   H2M3   sing N N 220 
T23 "C5'" "C4'"  sing N N 221 
T23 "C5'" "H5'"  sing N N 222 
T23 "C5'" "H5''" sing N N 223 
T23 "C4'" "O4'"  sing N N 224 
T23 "C4'" "C3'"  sing N N 225 
T23 "C4'" "H4'"  sing N N 226 
T23 "O4'" "C1'"  sing N N 227 
T23 "C1'" "H1'"  sing N N 228 
T23 "C3'" C3M    sing N N 229 
T23 "C3'" "H3'"  sing N N 230 
T23 C3M   H3M1   sing N N 231 
T23 C3M   H3M2   sing N N 232 
T23 C3M   H3M3   sing N N 233 
# 
_ndb_struct_conf_na.entry_id   1DPL 
_ndb_struct_conf_na.feature    'a-form double helix' 
# 
loop_
_ndb_struct_na_base_pair.model_number 
_ndb_struct_na_base_pair.i_label_asym_id 
_ndb_struct_na_base_pair.i_label_comp_id 
_ndb_struct_na_base_pair.i_label_seq_id 
_ndb_struct_na_base_pair.i_symmetry 
_ndb_struct_na_base_pair.j_label_asym_id 
_ndb_struct_na_base_pair.j_label_comp_id 
_ndb_struct_na_base_pair.j_label_seq_id 
_ndb_struct_na_base_pair.j_symmetry 
_ndb_struct_na_base_pair.shear 
_ndb_struct_na_base_pair.stretch 
_ndb_struct_na_base_pair.stagger 
_ndb_struct_na_base_pair.buckle 
_ndb_struct_na_base_pair.propeller 
_ndb_struct_na_base_pair.opening 
_ndb_struct_na_base_pair.pair_number 
_ndb_struct_na_base_pair.pair_name 
_ndb_struct_na_base_pair.i_auth_asym_id 
_ndb_struct_na_base_pair.i_auth_seq_id 
_ndb_struct_na_base_pair.i_PDB_ins_code 
_ndb_struct_na_base_pair.j_auth_asym_id 
_ndb_struct_na_base_pair.j_auth_seq_id 
_ndb_struct_na_base_pair.j_PDB_ins_code 
_ndb_struct_na_base_pair.hbond_type_28 
_ndb_struct_na_base_pair.hbond_type_12 
1 A DG  1  1_555 B DC  10 1_555 -0.273 -0.095 0.206  4.653   -5.473  -1.107 1  A_DG1:DC20_B  A 1  ? B 20 ? 19 1 
1 A DC  2  1_555 B DG  9  1_555 0.124  -0.119 0.081  6.076   -15.519 -0.331 2  A_DC2:DG19_B  A 2  ? B 19 ? 19 1 
1 A DG  3  1_555 B DC  8  1_555 -0.343 -0.160 0.171  -3.752  -14.059 -1.163 3  A_DG3:DC18_B  A 3  ? B 18 ? 19 1 
1 A DT  4  1_555 B DA  7  1_555 -0.109 -0.135 -0.026 -2.283  -18.917 -0.463 4  A_DT4:DA17_B  A 4  ? B 17 ? 20 1 
1 A DA  5  1_555 B T23 6  1_555 0.103  -0.095 0.094  -5.840  -15.506 -3.925 5  A_DA5:T2316_B A 5  ? B 16 ? 20 1 
1 A T23 6  1_555 B DA  5  1_555 -0.012 -0.032 0.287  2.445   -12.370 7.592  6  A_T236:DA15_B A 6  ? B 15 ? 20 1 
1 A DA  7  1_555 B DT  4  1_555 0.030  -0.115 0.021  8.205   -6.173  3.974  7  A_DA7:DT14_B  A 7  ? B 14 ? 20 1 
1 A DC  8  1_555 B DG  3  1_555 0.157  -0.131 -0.246 9.764   -8.745  -0.822 8  A_DC8:DG13_B  A 8  ? B 13 ? 19 1 
1 A DG  9  1_555 B DC  2  1_555 -0.231 -0.143 -0.217 -10.463 -8.326  0.130  9  A_DG9:DC12_B  A 9  ? B 12 ? 19 1 
1 A DC  10 1_555 B DG  1  1_555 0.206  -0.102 0.106  -3.328  4.693   -0.404 10 A_DC10:DG11_B A 10 ? B 11 ? 19 1 
# 
loop_
_ndb_struct_na_base_pair_step.model_number 
_ndb_struct_na_base_pair_step.i_label_asym_id_1 
_ndb_struct_na_base_pair_step.i_label_comp_id_1 
_ndb_struct_na_base_pair_step.i_label_seq_id_1 
_ndb_struct_na_base_pair_step.i_symmetry_1 
_ndb_struct_na_base_pair_step.j_label_asym_id_1 
_ndb_struct_na_base_pair_step.j_label_comp_id_1 
_ndb_struct_na_base_pair_step.j_label_seq_id_1 
_ndb_struct_na_base_pair_step.j_symmetry_1 
_ndb_struct_na_base_pair_step.i_label_asym_id_2 
_ndb_struct_na_base_pair_step.i_label_comp_id_2 
_ndb_struct_na_base_pair_step.i_label_seq_id_2 
_ndb_struct_na_base_pair_step.i_symmetry_2 
_ndb_struct_na_base_pair_step.j_label_asym_id_2 
_ndb_struct_na_base_pair_step.j_label_comp_id_2 
_ndb_struct_na_base_pair_step.j_label_seq_id_2 
_ndb_struct_na_base_pair_step.j_symmetry_2 
_ndb_struct_na_base_pair_step.shift 
_ndb_struct_na_base_pair_step.slide 
_ndb_struct_na_base_pair_step.rise 
_ndb_struct_na_base_pair_step.tilt 
_ndb_struct_na_base_pair_step.roll 
_ndb_struct_na_base_pair_step.twist 
_ndb_struct_na_base_pair_step.x_displacement 
_ndb_struct_na_base_pair_step.y_displacement 
_ndb_struct_na_base_pair_step.helical_rise 
_ndb_struct_na_base_pair_step.inclination 
_ndb_struct_na_base_pair_step.tip 
_ndb_struct_na_base_pair_step.helical_twist 
_ndb_struct_na_base_pair_step.step_number 
_ndb_struct_na_base_pair_step.step_name 
_ndb_struct_na_base_pair_step.i_auth_asym_id_1 
_ndb_struct_na_base_pair_step.i_auth_seq_id_1 
_ndb_struct_na_base_pair_step.i_PDB_ins_code_1 
_ndb_struct_na_base_pair_step.j_auth_asym_id_1 
_ndb_struct_na_base_pair_step.j_auth_seq_id_1 
_ndb_struct_na_base_pair_step.j_PDB_ins_code_1 
_ndb_struct_na_base_pair_step.i_auth_asym_id_2 
_ndb_struct_na_base_pair_step.i_auth_seq_id_2 
_ndb_struct_na_base_pair_step.i_PDB_ins_code_2 
_ndb_struct_na_base_pair_step.j_auth_asym_id_2 
_ndb_struct_na_base_pair_step.j_auth_seq_id_2 
_ndb_struct_na_base_pair_step.j_PDB_ins_code_2 
1 A DG  1 1_555 B DC  10 1_555 A DC  2  1_555 B DG  9 1_555 0.184  -1.396 3.268 1.972  -1.205 39.979 -1.899 -0.042 3.312 -1.760 
-2.882 40.043 1 AA_DG1DC2:DG19DC20_BB   A 1 ? B 20 ? A 2  ? B 19 ? 
1 A DC  2 1_555 B DG  9  1_555 A DG  3  1_555 B DC  8 1_555 0.212  -2.112 3.316 -0.516 10.572 25.847 -6.626 -0.549 2.286 22.472 
1.096  27.896 2 AA_DC2DG3:DC18DG19_BB   A 2 ? B 19 ? A 3  ? B 18 ? 
1 A DG  3 1_555 B DC  8  1_555 A DT  4  1_555 B DA  7 1_555 -0.956 -1.381 3.128 -1.463 6.646  37.342 -2.912 1.298  2.883 10.276 
2.263  37.935 3 AA_DG3DT4:DA17DC18_BB   A 3 ? B 18 ? A 4  ? B 17 ? 
1 A DT  4 1_555 B DA  7  1_555 A DA  5  1_555 B T23 6 1_555 0.606  -1.444 3.219 1.867  21.046 27.799 -5.154 -0.770 1.762 37.677 
-3.343 34.791 4 AA_DT4DA5:T2316DA17_BB  A 4 ? B 17 ? A 5  ? B 16 ? 
1 A DA  5 1_555 B T23 6  1_555 A T23 6  1_555 B DA  5 1_555 0.978  -1.192 3.075 0.429  5.816  33.983 -2.836 -1.590 2.850 9.861  
-0.728 34.465 5 AA_DA5T236:DA15T2316_BB A 5 ? B 16 ? A 6  ? B 15 ? 
1 A T23 6 1_555 B DA  5  1_555 A DA  7  1_555 B DT  4 1_555 -0.182 -1.406 2.993 -0.811 14.488 30.968 -4.295 0.203  2.146 25.455 
1.426  34.123 6 AA_T236DA7:DT14DA15_BB  A 6 ? B 15 ? A 7  ? B 14 ? 
1 A DA  7 1_555 B DT  4  1_555 A DC  8  1_555 B DG  3 1_555 -0.180 -2.341 3.322 0.478  4.355  26.498 -6.115 0.505  2.903 9.418  
-1.033 26.852 7 AA_DA7DC8:DG13DT14_BB   A 7 ? B 14 ? A 8  ? B 13 ? 
1 A DC  8 1_555 B DG  3  1_555 A DG  9  1_555 B DC  2 1_555 -0.480 -2.107 3.735 -0.566 10.801 29.744 -5.938 0.773  2.824 20.218 
1.060  31.608 8 AA_DC8DG9:DC12DG13_BB   A 8 ? B 13 ? A 9  ? B 12 ? 
1 A DG  9 1_555 B DC  2  1_555 A DC  10 1_555 B DG  1 1_555 0.183  -1.780 3.253 -0.360 -0.200 34.755 -2.950 -0.362 3.260 -0.334 
0.603  34.757 9 AA_DG9DC10:DG11DC12_BB  A 9 ? B 12 ? A 10 ? B 11 ? 
# 
_atom_sites.entry_id                    1DPL 
_atom_sites.fract_transf_matrix[1][1]   0.00642230 
_atom_sites.fract_transf_matrix[1][2]   -0.03345410 
_atom_sites.fract_transf_matrix[1][3]   0.02210033 
_atom_sites.fract_transf_matrix[2][1]   0.02305291 
_atom_sites.fract_transf_matrix[2][2]   0.00213322 
_atom_sites.fract_transf_matrix[2][3]   -0.00346998 
_atom_sites.fract_transf_matrix[3][1]   0.00154614 
_atom_sites.fract_transf_matrix[3][2]   0.01192594 
_atom_sites.fract_transf_matrix[3][3]   0.01760344 
_atom_sites.fract_transf_vector[1]      0.111237 
_atom_sites.fract_transf_vector[2]      0.044068 
_atom_sites.fract_transf_vector[3]      0.249013 
# 
loop_
_atom_type.symbol 
C  
MG 
N  
O  
P  
# 
loop_
_atom_site.group_PDB 
_atom_site.id 
_atom_site.type_symbol 
_atom_site.label_atom_id 
_atom_site.label_alt_id 
_atom_site.label_comp_id 
_atom_site.label_asym_id 
_atom_site.label_entity_id 
_atom_site.label_seq_id 
_atom_site.pdbx_PDB_ins_code 
_atom_site.Cartn_x 
_atom_site.Cartn_y 
_atom_site.Cartn_z 
_atom_site.occupancy 
_atom_site.B_iso_or_equiv 
_atom_site.pdbx_formal_charge 
_atom_site.auth_seq_id 
_atom_site.auth_comp_id 
_atom_site.auth_asym_id 
_atom_site.auth_atom_id 
_atom_site.pdbx_PDB_model_num 
ATOM   1   O  "O5'" A DG  A 1 1  ? -7.124  7.858   1.345   0.50 13.23 ? 1    DG  A "O5'" 1 
ATOM   2   O  "O5'" B DG  A 1 1  ? -8.493  9.516   2.553   0.50 10.84 ? 1    DG  A "O5'" 1 
ATOM   3   C  "C5'" . DG  A 1 1  ? -8.086  8.148   2.342   1.00 10.33 ? 1    DG  A "C5'" 1 
ATOM   4   C  "C4'" . DG  A 1 1  ? -9.320  7.353   2.122   1.00 7.67  ? 1    DG  A "C4'" 1 
ATOM   5   O  "O4'" . DG  A 1 1  ? -9.907  7.717   0.837   1.00 7.90  ? 1    DG  A "O4'" 1 
ATOM   6   C  "C3'" . DG  A 1 1  ? -9.167  5.834   2.024   1.00 7.02  ? 1    DG  A "C3'" 1 
ATOM   7   O  "O3'" . DG  A 1 1  ? -9.208  5.289   3.347   1.00 7.48  ? 1    DG  A "O3'" 1 
ATOM   8   C  "C2'" . DG  A 1 1  ? -10.318 5.432   1.148   1.00 6.34  ? 1    DG  A "C2'" 1 
ATOM   9   C  "C1'" . DG  A 1 1  ? -10.438 6.541   0.220   1.00 7.13  ? 1    DG  A "C1'" 1 
ATOM   10  N  N9    . DG  A 1 1  ? -9.705  6.410   -1.088  1.00 7.10  ? 1    DG  A N9    1 
ATOM   11  C  C8    . DG  A 1 1  ? -8.685  7.165   -1.603  1.00 8.55  ? 1    DG  A C8    1 
ATOM   12  N  N7    . DG  A 1 1  ? -8.323  6.774   -2.800  1.00 8.50  ? 1    DG  A N7    1 
ATOM   13  C  C5    . DG  A 1 1  ? -9.157  5.713   -3.104  1.00 6.84  ? 1    DG  A C5    1 
ATOM   14  C  C6    . DG  A 1 1  ? -9.271  4.895   -4.251  1.00 7.07  ? 1    DG  A C6    1 
ATOM   15  O  O6    . DG  A 1 1  ? -8.608  4.925   -5.292  1.00 8.18  ? 1    DG  A O6    1 
ATOM   16  N  N1    . DG  A 1 1  ? -10.284 3.949   -4.124  1.00 6.07  ? 1    DG  A N1    1 
ATOM   17  C  C2    . DG  A 1 1  ? -11.098 3.790   -3.039  1.00 5.88  ? 1    DG  A C2    1 
ATOM   18  N  N2    . DG  A 1 1  ? -12.009 2.829   -3.063  1.00 6.30  ? 1    DG  A N2    1 
ATOM   19  N  N3    . DG  A 1 1  ? -11.005 4.553   -1.951  1.00 6.14  ? 1    DG  A N3    1 
ATOM   20  C  C4    . DG  A 1 1  ? -10.022 5.480   -2.048  1.00 6.40  ? 1    DG  A C4    1 
ATOM   21  P  P     . DC  A 1 2  ? -8.429  3.967   3.713   1.00 7.17  ? 2    DC  A P     1 
ATOM   22  O  OP1   . DC  A 1 2  ? -8.696  3.809   5.156   1.00 9.49  ? 2    DC  A OP1   1 
ATOM   23  O  OP2   . DC  A 1 2  ? -7.033  4.014   3.232   1.00 8.19  ? 2    DC  A OP2   1 
ATOM   24  O  "O5'" . DC  A 1 2  ? -9.111  2.824   2.881   1.00 6.67  ? 2    DC  A "O5'" 1 
ATOM   25  C  "C5'" . DC  A 1 2  ? -10.472 2.417   3.221   1.00 6.21  ? 2    DC  A "C5'" 1 
ATOM   26  C  "C4'" . DC  A 1 2  ? -10.893 1.394   2.192   1.00 5.85  ? 2    DC  A "C4'" 1 
ATOM   27  O  "O4'" . DC  A 1 2  ? -10.909 2.025   0.889   1.00 5.64  ? 2    DC  A "O4'" 1 
ATOM   28  C  "C3'" . DC  A 1 2  ? -10.017 0.186   1.981   1.00 5.87  ? 2    DC  A "C3'" 1 
ATOM   29  O  "O3'" . DC  A 1 2  ? -10.355 -0.800  2.982   1.00 6.20  ? 2    DC  A "O3'" 1 
ATOM   30  C  "C2'" . DC  A 1 2  ? -10.348 -0.250  0.574   1.00 5.92  ? 2    DC  A "C2'" 1 
ATOM   31  C  "C1'" . DC  A 1 2  ? -10.571 1.040   -0.113  1.00 5.36  ? 2    DC  A "C1'" 1 
ATOM   32  N  N1    . DC  A 1 2  ? -9.395  1.598   -0.869  1.00 5.25  ? 2    DC  A N1    1 
ATOM   33  C  C2    . DC  A 1 2  ? -9.212  1.095   -2.148  1.00 5.43  ? 2    DC  A C2    1 
ATOM   34  O  O2    . DC  A 1 2  ? -9.958  0.209   -2.562  1.00 5.62  ? 2    DC  A O2    1 
ATOM   35  N  N3    . DC  A 1 2  ? -8.221  1.622   -2.914  1.00 5.07  ? 2    DC  A N3    1 
ATOM   36  C  C4    . DC  A 1 2  ? -7.394  2.542   -2.403  1.00 5.35  ? 2    DC  A C4    1 
ATOM   37  N  N4    . DC  A 1 2  ? -6.403  2.987   -3.168  1.00 6.32  ? 2    DC  A N4    1 
ATOM   38  C  C5    . DC  A 1 2  ? -7.499  2.990   -1.064  1.00 6.06  ? 2    DC  A C5    1 
ATOM   39  C  C6    . DC  A 1 2  ? -8.521  2.506   -0.350  1.00 5.82  ? 2    DC  A C6    1 
ATOM   40  P  P     . DG  A 1 3  ? -9.334  -1.988  3.295   1.00 6.44  ? 3    DG  A P     1 
ATOM   41  O  OP1   . DG  A 1 3  ? -9.999  -2.792  4.347   1.00 8.30  ? 3    DG  A OP1   1 
ATOM   42  O  OP2   . DG  A 1 3  ? -7.968  -1.468  3.570   1.00 7.47  ? 3    DG  A OP2   1 
ATOM   43  O  "O5'" . DG  A 1 3  ? -9.375  -2.756  1.907   1.00 6.85  ? 3    DG  A "O5'" 1 
ATOM   44  C  "C5'" . DG  A 1 3  ? -8.263  -3.509  1.403   1.00 6.15  ? 3    DG  A "C5'" 1 
ATOM   45  C  "C4'" . DG  A 1 3  ? -8.566  -3.933  0.005   1.00 5.98  ? 3    DG  A "C4'" 1 
ATOM   46  O  "O4'" . DG  A 1 3  ? -8.652  -2.758  -0.818  1.00 6.93  ? 3    DG  A "O4'" 1 
ATOM   47  C  "C3'" . DG  A 1 3  ? -7.499  -4.791  -0.663  1.00 6.17  ? 3    DG  A "C3'" 1 
ATOM   48  O  "O3'" . DG  A 1 3  ? -7.721  -6.165  -0.294  1.00 6.98  ? 3    DG  A "O3'" 1 
ATOM   49  C  "C2'" . DG  A 1 3  ? -7.697  -4.518  -2.115  1.00 6.25  ? 3    DG  A "C2'" 1 
ATOM   50  C  "C1'" . DG  A 1 3  ? -8.097  -3.166  -2.105  1.00 7.07  ? 3    DG  A "C1'" 1 
ATOM   51  N  N9    . DG  A 1 3  ? -7.027  -2.102  -2.333  1.00 5.57  ? 3    DG  A N9    1 
ATOM   52  C  C8    . DG  A 1 3  ? -6.615  -1.062  -1.538  1.00 6.21  ? 3    DG  A C8    1 
ATOM   53  N  N7    . DG  A 1 3  ? -5.694  -0.324  -2.072  1.00 5.89  ? 3    DG  A N7    1 
ATOM   54  C  C5    . DG  A 1 3  ? -5.478  -0.891  -3.320  1.00 5.50  ? 3    DG  A C5    1 
ATOM   55  C  C6    . DG  A 1 3  ? -4.613  -0.514  -4.375  1.00 5.33  ? 3    DG  A C6    1 
ATOM   56  O  O6    . DG  A 1 3  ? -3.810  0.425   -4.408  1.00 6.41  ? 3    DG  A O6    1 
ATOM   57  N  N1    . DG  A 1 3  ? -4.702  -1.382  -5.462  1.00 5.28  ? 3    DG  A N1    1 
ATOM   58  C  C2    . DG  A 1 3  ? -5.527  -2.478  -5.517  1.00 5.04  ? 3    DG  A C2    1 
ATOM   59  N  N2    . DG  A 1 3  ? -5.424  -3.176  -6.644  1.00 5.53  ? 3    DG  A N2    1 
ATOM   60  N  N3    . DG  A 1 3  ? -6.365  -2.823  -4.556  1.00 5.25  ? 3    DG  A N3    1 
ATOM   61  C  C4    . DG  A 1 3  ? -6.290  -1.988  -3.493  1.00 5.17  ? 3    DG  A C4    1 
ATOM   62  P  P     . DT  A 1 4  ? -6.482  -7.172  -0.237  1.00 6.95  ? 4    DT  A P     1 
ATOM   63  O  OP1   . DT  A 1 4  ? -7.062  -8.464  0.245   1.00 8.83  ? 4    DT  A OP1   1 
ATOM   64  O  OP2   . DT  A 1 4  ? -5.361  -6.568  0.473   1.00 8.54  ? 4    DT  A OP2   1 
ATOM   65  O  "O5'" . DT  A 1 4  ? -6.020  -7.320  -1.747  1.00 6.35  ? 4    DT  A "O5'" 1 
ATOM   66  C  "C5'" . DT  A 1 4  ? -6.652  -8.203  -2.673  1.00 6.40  ? 4    DT  A "C5'" 1 
ATOM   67  C  "C4'" . DT  A 1 4  ? -5.752  -8.328  -3.899  1.00 6.14  ? 4    DT  A "C4'" 1 
ATOM   68  O  "O4'" . DT  A 1 4  ? -5.696  -7.083  -4.597  1.00 5.85  ? 4    DT  A "O4'" 1 
ATOM   69  C  "C3'" . DT  A 1 4  ? -4.299  -8.692  -3.603  1.00 5.96  ? 4    DT  A "C3'" 1 
ATOM   70  O  "O3'" . DT  A 1 4  ? -4.181  -10.098 -3.358  1.00 7.00  ? 4    DT  A "O3'" 1 
ATOM   71  C  "C2'" . DT  A 1 4  ? -3.603  -8.192  -4.847  1.00 5.83  ? 4    DT  A "C2'" 1 
ATOM   72  C  "C1'" . DT  A 1 4  ? -4.346  -6.981  -5.160  1.00 5.50  ? 4    DT  A "C1'" 1 
ATOM   73  N  N1    . DT  A 1 4  ? -3.800  -5.696  -4.615  1.00 4.88  ? 4    DT  A N1    1 
ATOM   74  C  C2    . DT  A 1 4  ? -2.884  -5.020  -5.402  1.00 4.89  ? 4    DT  A C2    1 
ATOM   75  O  O2    . DT  A 1 4  ? -2.552  -5.396  -6.511  1.00 5.46  ? 4    DT  A O2    1 
ATOM   76  N  N3    . DT  A 1 4  ? -2.427  -3.841  -4.868  1.00 4.98  ? 4    DT  A N3    1 
ATOM   77  C  C4    . DT  A 1 4  ? -2.710  -3.310  -3.634  1.00 5.07  ? 4    DT  A C4    1 
ATOM   78  O  O4    . DT  A 1 4  ? -2.227  -2.235  -3.267  1.00 5.20  ? 4    DT  A O4    1 
ATOM   79  C  C5    . DT  A 1 4  ? -3.569  -4.134  -2.809  1.00 5.28  ? 4    DT  A C5    1 
ATOM   80  C  C7    . DT  A 1 4  ? -3.859  -3.681  -1.416  1.00 5.73  ? 4    DT  A C7    1 
ATOM   81  C  C6    . DT  A 1 4  ? -4.077  -5.250  -3.342  1.00 4.94  ? 4    DT  A C6    1 
ATOM   82  P  P     . DA  A 1 5  ? -3.035  -10.617 -2.377  1.00 7.31  ? 5    DA  A P     1 
ATOM   83  O  OP1   . DA  A 1 5  ? -3.230  -12.105 -2.325  1.00 10.22 ? 5    DA  A OP1   1 
ATOM   84  O  OP2   . DA  A 1 5  ? -2.991  -9.872  -1.117  1.00 8.84  ? 5    DA  A OP2   1 
ATOM   85  O  "O5'" . DA  A 1 5  ? -1.732  -10.309 -3.228  1.00 6.72  ? 5    DA  A "O5'" 1 
ATOM   86  C  "C5'" . DA  A 1 5  ? -0.532  -9.859  -2.618  1.00 7.16  ? 5    DA  A "C5'" 1 
ATOM   87  C  "C4'" . DA  A 1 5  ? 0.386   -9.359  -3.683  1.00 6.26  ? 5    DA  A "C4'" 1 
ATOM   88  O  "O4'" . DA  A 1 5  ? -0.189  -8.189  -4.328  1.00 6.16  ? 5    DA  A "O4'" 1 
ATOM   89  C  "C3'" . DA  A 1 5  ? 1.743   -8.902  -3.184  1.00 6.67  ? 5    DA  A "C3'" 1 
ATOM   90  O  "O3'" . DA  A 1 5  ? 2.611   -10.026 -3.013  1.00 8.06  ? 5    DA  A "O3'" 1 
ATOM   91  C  "C2'" . DA  A 1 5  ? 2.172   -7.953  -4.275  1.00 6.69  ? 5    DA  A "C2'" 1 
ATOM   92  C  "C1'" . DA  A 1 5  ? 0.857   -7.287  -4.649  1.00 5.98  ? 5    DA  A "C1'" 1 
ATOM   93  N  N9    . DA  A 1 5  ? 0.601   -6.052  -3.889  1.00 5.34  ? 5    DA  A N9    1 
ATOM   94  C  C8    . DA  A 1 5  ? -0.262  -5.837  -2.853  1.00 5.75  ? 5    DA  A C8    1 
ATOM   95  N  N7    . DA  A 1 5  ? -0.239  -4.602  -2.389  1.00 5.44  ? 5    DA  A N7    1 
ATOM   96  C  C5    . DA  A 1 5  ? 0.714   -3.971  -3.176  1.00 5.38  ? 5    DA  A C5    1 
ATOM   97  C  C6    . DA  A 1 5  ? 1.180   -2.645  -3.232  1.00 5.28  ? 5    DA  A C6    1 
ATOM   98  N  N6    . DA  A 1 5  ? 0.754   -1.695  -2.396  1.00 5.35  ? 5    DA  A N6    1 
ATOM   99  N  N1    . DA  A 1 5  ? 2.114   -2.333  -4.139  1.00 5.45  ? 5    DA  A N1    1 
ATOM   100 C  C2    . DA  A 1 5  ? 2.551   -3.291  -4.976  1.00 5.47  ? 5    DA  A C2    1 
ATOM   101 N  N3    . DA  A 1 5  ? 2.192   -4.568  -5.042  1.00 5.80  ? 5    DA  A N3    1 
ATOM   102 C  C4    . DA  A 1 5  ? 1.246   -4.842  -4.106  1.00 5.05  ? 5    DA  A C4    1 
HETATM 103 P  P     . T23 A 1 6  ? 3.686   -10.014 -1.833  1.00 8.84  ? 6    T23 A P     1 
HETATM 104 O  OP1   . T23 A 1 6  ? 4.316   -11.358 -1.916  1.00 12.35 ? 6    T23 A OP1   1 
HETATM 105 O  OP2   . T23 A 1 6  ? 3.098   -9.545  -0.546  1.00 9.98  ? 6    T23 A OP2   1 
HETATM 106 O  "O5'" . T23 A 1 6  ? 4.702   -8.839  -2.246  1.00 7.95  ? 6    T23 A "O5'" 1 
HETATM 107 N  N1    . T23 A 1 6  ? 4.896   -4.862  -2.430  1.00 6.06  ? 6    T23 A N1    1 
HETATM 108 C  C6    . T23 A 1 6  ? 4.035   -5.671  -1.738  1.00 6.44  ? 6    T23 A C6    1 
HETATM 109 C  C2    . T23 A 1 6  ? 4.904   -3.488  -2.238  1.00 5.49  ? 6    T23 A C2    1 
HETATM 110 O  O2    . T23 A 1 6  ? 5.707   -2.748  -2.804  1.00 6.57  ? 6    T23 A O2    1 
HETATM 111 N  N3    . T23 A 1 6  ? 3.952   -3.015  -1.376  1.00 5.59  ? 6    T23 A N3    1 
HETATM 112 C  C4    . T23 A 1 6  ? 3.070   -3.763  -0.632  1.00 5.60  ? 6    T23 A C4    1 
HETATM 113 O  O4    . T23 A 1 6  ? 2.297   -3.185  0.124   1.00 6.24  ? 6    T23 A O4    1 
HETATM 114 C  C5    . T23 A 1 6  ? 3.134   -5.189  -0.862  1.00 5.76  ? 6    T23 A C5    1 
HETATM 115 C  C5M   . T23 A 1 6  ? 2.196   -6.079  -0.096  1.00 6.73  ? 6    T23 A C5M   1 
HETATM 116 C  "C2'" . T23 A 1 6  ? 7.234   -5.727  -2.782  1.00 6.64  ? 6    T23 A "C2'" 1 
HETATM 117 O  "O2'" . T23 A 1 6  ? 8.237   -5.649  -3.717  1.00 8.22  ? 6    T23 A "O2'" 1 
HETATM 118 C  C2M   . T23 A 1 6  ? 8.727   -4.368  -4.115  1.00 8.52  ? 6    T23 A C2M   1 
HETATM 119 C  "C5'" . T23 A 1 6  ? 5.479   -8.966  -3.432  1.00 8.81  ? 6    T23 A "C5'" 1 
HETATM 120 C  "C4'" . T23 A 1 6  ? 6.304   -7.695  -3.585  1.00 7.82  ? 6    T23 A "C4'" 1 
HETATM 121 O  "O4'" . T23 A 1 6  ? 5.384   -6.603  -3.940  1.00 6.90  ? 6    T23 A "O4'" 1 
HETATM 122 C  "C1'" . T23 A 1 6  ? 5.918   -5.403  -3.408  1.00 6.51  ? 6    T23 A "C1'" 1 
HETATM 123 C  "C3'" . T23 A 1 6  ? 7.046   -7.192  -2.367  1.00 6.72  ? 6    T23 A "C3'" 1 
HETATM 124 C  C3M   . T23 A 1 6  ? 8.320   -7.962  -1.955  1.00 7.64  ? 6    T23 A C3M   1 
ATOM   125 P  P     . DA  A 1 7  ? 8.821   -7.755  -0.299  1.00 7.99  ? 7    DA  A P     1 
ATOM   126 O  OP1   . DA  A 1 7  ? 10.043  -8.637  -0.098  1.00 10.78 ? 7    DA  A OP1   1 
ATOM   127 O  OP2   . DA  A 1 7  ? 7.688   -7.932  0.596   1.00 9.63  ? 7    DA  A OP2   1 
ATOM   128 O  "O5'" A DA  A 1 7  ? 9.292   -6.212  -0.124  0.50 6.82  ? 7    DA  A "O5'" 1 
ATOM   129 O  "O5'" B DA  A 1 7  ? 9.236   -6.214  -0.312  0.50 9.55  ? 7    DA  A "O5'" 1 
ATOM   130 C  "C5'" A DA  A 1 7  ? 10.509  -5.751  -0.715  0.50 7.00  ? 7    DA  A "C5'" 1 
ATOM   131 C  "C5'" B DA  A 1 7  ? 10.511  -5.865  -0.871  0.50 26.69 ? 7    DA  A "C5'" 1 
ATOM   132 C  "C4'" A DA  A 1 7  ? 10.718  -4.305  -0.326  0.50 6.45  ? 7    DA  A "C4'" 1 
ATOM   133 C  "C4'" B DA  A 1 7  ? 10.667  -4.386  -0.600  0.50 7.62  ? 7    DA  A "C4'" 1 
ATOM   134 O  "O4'" A DA  A 1 7  ? 9.719   -3.463  -0.976  0.50 4.73  ? 7    DA  A "O4'" 1 
ATOM   135 O  "O4'" B DA  A 1 7  ? 9.481   -3.675  -0.990  0.50 6.86  ? 7    DA  A "O4'" 1 
ATOM   136 C  "C3'" A DA  A 1 7  ? 10.562  -3.932  1.147   0.50 5.90  ? 7    DA  A "C3'" 1 
ATOM   137 C  "C3'" B DA  A 1 7  ? 10.863  -4.022  0.872   0.50 10.97 ? 7    DA  A "C3'" 1 
ATOM   138 O  "O3'" A DA  A 1 7  ? 11.742  -4.287  1.884   0.50 6.00  ? 7    DA  A "O3'" 1 
ATOM   139 O  "O3'" B DA  A 1 7  ? 12.248  -4.299  1.175   0.50 12.03 ? 7    DA  A "O3'" 1 
ATOM   140 C  "C2'" A DA  A 1 7  ? 10.324  -2.475  1.035   0.50 4.64  ? 7    DA  A "C2'" 1 
ATOM   141 C  "C2'" B DA  A 1 7  ? 10.410  -2.611  0.897   0.50 11.05 ? 7    DA  A "C2'" 1 
ATOM   142 C  "C1'" A DA  A 1 7  ? 9.355   -2.411  -0.135  0.50 5.64  ? 7    DA  A "C1'" 1 
ATOM   143 C  "C1'" B DA  A 1 7  ? 9.374   -2.535  -0.174  0.50 8.50  ? 7    DA  A "C1'" 1 
ATOM   144 N  N9    . DA  A 1 7  ? 7.985   -2.587  0.368   1.00 5.65  ? 7    DA  A N9    1 
ATOM   145 C  C8    . DA  A 1 7  ? 7.216   -3.705  0.535   1.00 6.17  ? 7    DA  A C8    1 
ATOM   146 N  N7    . DA  A 1 7  ? 6.041   -3.463  1.051   1.00 6.56  ? 7    DA  A N7    1 
ATOM   147 C  C5    . DA  A 1 7  ? 6.044   -2.083  1.253   1.00 5.71  ? 7    DA  A C5    1 
ATOM   148 C  C6    . DA  A 1 7  ? 5.091   -1.197  1.784   1.00 6.10  ? 7    DA  A C6    1 
ATOM   149 N  N6    . DA  A 1 7  ? 3.891   -1.571  2.220   1.00 7.10  ? 7    DA  A N6    1 
ATOM   150 N  N1    . DA  A 1 7  ? 5.435   0.109   1.870   1.00 6.05  ? 7    DA  A N1    1 
ATOM   151 C  C2    . DA  A 1 7  ? 6.629   0.503   1.423   1.00 6.15  ? 7    DA  A C2    1 
ATOM   152 N  N3    . DA  A 1 7  ? 7.598   -0.237  0.894   1.00 6.29  ? 7    DA  A N3    1 
ATOM   153 C  C4    . DA  A 1 7  ? 7.236   -1.532  0.816   1.00 5.70  ? 7    DA  A C4    1 
ATOM   154 P  P     A DC  A 1 8  ? 11.773  -4.467  3.432   0.50 7.33  ? 8    DC  A P     1 
ATOM   155 P  P     B DC  A 1 8  ? 12.737  -4.285  2.657   0.50 10.52 ? 8    DC  A P     1 
ATOM   156 O  OP1   A DC  A 1 8  ? 13.126  -4.965  3.781   0.50 11.24 ? 8    DC  A OP1   1 
ATOM   157 O  OP1   B DC  A 1 8  ? 14.223  -4.505  2.658   0.50 12.81 ? 8    DC  A OP1   1 
ATOM   158 O  OP2   A DC  A 1 8  ? 10.597  -5.259  3.890   0.50 11.23 ? 8    DC  A OP2   1 
ATOM   159 O  OP2   B DC  A 1 8  ? 11.872  -5.113  3.493   0.50 9.96  ? 8    DC  A OP2   1 
ATOM   160 O  "O5'" A DC  A 1 8  ? 11.586  -3.028  4.023   0.50 5.64  ? 8    DC  A "O5'" 1 
ATOM   161 O  "O5'" B DC  A 1 8  ? 12.488  -2.773  3.022   0.50 9.89  ? 8    DC  A "O5'" 1 
ATOM   162 C  "C5'" A DC  A 1 8  ? 12.579  -2.017  3.798   0.50 7.95  ? 8    DC  A "C5'" 1 
ATOM   163 C  "C5'" B DC  A 1 8  ? 12.154  -2.362  4.294   0.50 11.80 ? 8    DC  A "C5'" 1 
ATOM   164 C  "C4'" A DC  A 1 8  ? 12.006  -0.686  4.244   0.50 5.78  ? 8    DC  A "C4'" 1 
ATOM   165 C  "C4'" B DC  A 1 8  ? 11.883  -0.866  4.370   0.50 8.59  ? 8    DC  A "C4'" 1 
ATOM   166 O  "O4'" A DC  A 1 8  ? 10.742  -0.449  3.541   0.50 5.71  ? 8    DC  A "O4'" 1 
ATOM   167 O  "O4'" B DC  A 1 8  ? 10.827  -0.370  3.523   0.50 7.84  ? 8    DC  A "O4'" 1 
ATOM   168 C  "C3'" A DC  A 1 8  ? 11.576  -0.493  5.687   0.50 5.19  ? 8    DC  A "C3'" 1 
ATOM   169 C  "C3'" B DC  A 1 8  ? 11.442  -0.463  5.789   0.50 6.18  ? 8    DC  A "C3'" 1 
ATOM   170 O  "O3'" A DC  A 1 8  ? 12.690  -0.329  6.558   0.50 5.00  ? 8    DC  A "O3'" 1 
ATOM   171 O  "O3'" B DC  A 1 8  ? 12.637  -0.388  6.554   0.50 8.23  ? 8    DC  A "O3'" 1 
ATOM   172 C  "C2'" A DC  A 1 8  ? 10.691  0.733   5.550   0.50 5.70  ? 8    DC  A "C2'" 1 
ATOM   173 C  "C2'" B DC  A 1 8  ? 10.655  0.796   5.531   0.50 4.41  ? 8    DC  A "C2'" 1 
ATOM   174 C  "C1'" A DC  A 1 8  ? 9.929   0.447   4.276   0.50 6.41  ? 8    DC  A "C1'" 1 
ATOM   175 C  "C1'" B DC  A 1 8  ? 9.941   0.469   4.249   0.50 5.07  ? 8    DC  A "C1'" 1 
ATOM   176 N  N1    . DC  A 1 8  ? 8.637   -0.208  4.517   1.00 5.92  ? 8    DC  A N1    1 
ATOM   177 C  C2    . DC  A 1 8  ? 7.612   0.607   4.990   1.00 6.04  ? 8    DC  A C2    1 
ATOM   178 O  O2    . DC  A 1 8  ? 7.858   1.825   5.148   1.00 6.66  ? 8    DC  A O2    1 
ATOM   179 N  N3    . DC  A 1 8  ? 6.411   0.065   5.272   1.00 6.40  ? 8    DC  A N3    1 
ATOM   180 C  C4    . DC  A 1 8  ? 6.196   -1.245  5.068   1.00 6.85  ? 8    DC  A C4    1 
ATOM   181 N  N4    . DC  A 1 8  ? 5.002   -1.731  5.360   1.00 8.97  ? 8    DC  A N4    1 
ATOM   182 C  C5    . DC  A 1 8  ? 7.237   -2.108  4.609   1.00 7.62  ? 8    DC  A C5    1 
ATOM   183 C  C6    . DC  A 1 8  ? 8.432   -1.553  4.340   1.00 6.89  ? 8    DC  A C6    1 
ATOM   184 P  P     . DG  A 1 9  ? 12.590  -0.511  8.150   1.00 6.28  ? 9    DG  A P     1 
ATOM   185 O  OP1   . DG  A 1 9  ? 13.988  -0.368  8.615   1.00 8.07  ? 9    DG  A OP1   1 
ATOM   186 O  OP2   . DG  A 1 9  ? 11.803  -1.698  8.541   1.00 8.27  ? 9    DG  A OP2   1 
ATOM   187 O  "O5'" . DG  A 1 9  ? 11.704  0.696   8.635   1.00 5.88  ? 9    DG  A "O5'" 1 
ATOM   188 C  "C5'" . DG  A 1 9  ? 12.237  2.024   8.664   1.00 5.45  ? 9    DG  A "C5'" 1 
ATOM   189 C  "C4'" . DG  A 1 9  ? 11.215  2.941   9.287   1.00 5.40  ? 9    DG  A "C4'" 1 
ATOM   190 O  "O4'" . DG  A 1 9  ? 10.026  3.028   8.460   1.00 5.77  ? 9    DG  A "O4'" 1 
ATOM   191 C  "C3'" . DG  A 1 9  ? 10.664  2.518   10.640  1.00 5.10  ? 9    DG  A "C3'" 1 
ATOM   192 O  "O3'" . DG  A 1 9  ? 11.606  2.806   11.664  1.00 5.90  ? 9    DG  A "O3'" 1 
ATOM   193 C  "C2'" . DG  A 1 9  ? 9.400   3.340   10.703  1.00 5.97  ? 9    DG  A "C2'" 1 
ATOM   194 C  "C1'" . DG  A 1 9  ? 8.885   3.165   9.337   1.00 5.97  ? 9    DG  A "C1'" 1 
ATOM   195 N  N9    . DG  A 1 9  ? 8.064   1.959   9.167   1.00 5.97  ? 9    DG  A N9    1 
ATOM   196 C  C8    . DG  A 1 9  ? 8.323   0.771   8.550   1.00 6.62  ? 9    DG  A C8    1 
ATOM   197 N  N7    . DG  A 1 9  ? 7.330   -0.092  8.585   1.00 6.57  ? 9    DG  A N7    1 
ATOM   198 C  C5    . DG  A 1 9  ? 6.343   0.594   9.287   1.00 6.22  ? 9    DG  A C5    1 
ATOM   199 C  C6    . DG  A 1 9  ? 5.038   0.209   9.657   1.00 6.03  ? 9    DG  A C6    1 
ATOM   200 O  O6    . DG  A 1 9  ? 4.465   -0.876  9.425   1.00 7.21  ? 9    DG  A O6    1 
ATOM   201 N  N1    . DG  A 1 9  ? 4.388   1.198   10.389  1.00 6.10  ? 9    DG  A N1    1 
ATOM   202 C  C2    . DG  A 1 9  ? 4.914   2.424   10.739  1.00 6.24  ? 9    DG  A C2    1 
ATOM   203 N  N2    . DG  A 1 9  ? 4.150   3.245   11.438  1.00 7.88  ? 9    DG  A N2    1 
ATOM   204 N  N3    . DG  A 1 9  ? 6.146   2.799   10.373  1.00 6.53  ? 9    DG  A N3    1 
ATOM   205 C  C4    . DG  A 1 9  ? 6.778   1.855   9.657   1.00 5.69  ? 9    DG  A C4    1 
ATOM   206 P  P     . DC  A 1 10 ? 11.585  1.891   12.985  1.00 5.91  ? 10   DC  A P     1 
ATOM   207 O  OP1   . DC  A 1 10 ? 12.777  2.388   13.744  1.00 7.27  ? 10   DC  A OP1   1 
ATOM   208 O  OP2   . DC  A 1 10 ? 11.490  0.466   12.660  1.00 6.84  ? 10   DC  A OP2   1 
ATOM   209 O  "O5'" . DC  A 1 10 ? 10.229  2.274   13.724  1.00 5.75  ? 10   DC  A "O5'" 1 
ATOM   210 C  "C5'" . DC  A 1 10 ? 10.005  3.608   14.199  1.00 5.87  ? 10   DC  A "C5'" 1 
ATOM   211 C  "C4'" . DC  A 1 10 ? 8.672   3.681   14.900  1.00 5.56  ? 10   DC  A "C4'" 1 
ATOM   212 O  "O4'" . DC  A 1 10 ? 7.601   3.429   13.948  1.00 5.70  ? 10   DC  A "O4'" 1 
ATOM   213 C  "C3'" . DC  A 1 10 ? 8.434   2.677   16.007  1.00 5.27  ? 10   DC  A "C3'" 1 
ATOM   214 O  "O3'" . DC  A 1 10 ? 8.979   3.090   17.264  1.00 5.83  ? 10   DC  A "O3'" 1 
ATOM   215 C  "C2'" . DC  A 1 10 ? 6.914   2.606   16.051  1.00 5.34  ? 10   DC  A "C2'" 1 
ATOM   216 C  "C1'" . DC  A 1 10 ? 6.533   2.768   14.595  1.00 5.23  ? 10   DC  A "C1'" 1 
ATOM   217 N  N1    . DC  A 1 10 ? 6.312   1.458   13.920  1.00 5.30  ? 10   DC  A N1    1 
ATOM   218 C  C2    . DC  A 1 10 ? 5.077   0.844   14.087  1.00 5.28  ? 10   DC  A C2    1 
ATOM   219 O  O2    . DC  A 1 10 ? 4.217   1.427   14.794  1.00 5.75  ? 10   DC  A O2    1 
ATOM   220 N  N3    . DC  A 1 10 ? 4.848   -0.351  13.478  1.00 5.65  ? 10   DC  A N3    1 
ATOM   221 C  C4    . DC  A 1 10 ? 5.816   -0.940  12.791  1.00 5.80  ? 10   DC  A C4    1 
ATOM   222 N  N4    . DC  A 1 10 ? 5.538   -2.127  12.248  1.00 6.75  ? 10   DC  A N4    1 
ATOM   223 C  C5    . DC  A 1 10 ? 7.102   -0.342  12.649  1.00 5.99  ? 10   DC  A C5    1 
ATOM   224 C  C6    . DC  A 1 10 ? 7.315   0.853   13.230  1.00 5.56  ? 10   DC  A C6    1 
ATOM   225 O  "O5'" . DG  B 1 1  ? -4.159  -4.777  11.772  1.00 22.70 ? 11   DG  B "O5'" 1 
ATOM   226 C  "C5'" . DG  B 1 1  ? -5.210  -4.364  12.620  1.00 14.75 ? 11   DG  B "C5'" 1 
ATOM   227 C  "C4'" . DG  B 1 1  ? -4.776  -3.209  13.488  1.00 10.42 ? 11   DG  B "C4'" 1 
ATOM   228 O  "O4'" . DG  B 1 1  ? -3.672  -3.653  14.338  1.00 10.51 ? 11   DG  B "O4'" 1 
ATOM   229 C  "C3'" . DG  B 1 1  ? -4.270  -1.997  12.751  1.00 8.57  ? 11   DG  B "C3'" 1 
ATOM   230 O  "O3'" . DG  B 1 1  ? -5.382  -1.200  12.386  1.00 8.69  ? 11   DG  B "O3'" 1 
ATOM   231 C  "C2'" . DG  B 1 1  ? -3.365  -1.357  13.774  1.00 8.63  ? 11   DG  B "C2'" 1 
ATOM   232 C  "C1'" . DG  B 1 1  ? -2.788  -2.528  14.431  1.00 9.81  ? 11   DG  B "C1'" 1 
ATOM   233 N  N9    . DG  B 1 1  ? -1.484  -3.010  13.825  1.00 8.66  ? 11   DG  B N9    1 
ATOM   234 C  C8    . DG  B 1 1  ? -1.232  -4.191  13.187  1.00 9.57  ? 11   DG  B C8    1 
ATOM   235 N  N7    . DG  B 1 1  ? -0.001  -4.316  12.787  1.00 9.04  ? 11   DG  B N7    1 
ATOM   236 C  C5    . DG  B 1 1  ? 0.606   -3.144  13.205  1.00 7.63  ? 11   DG  B C5    1 
ATOM   237 C  C6    . DG  B 1 1  ? 1.944   -2.694  13.085  1.00 7.05  ? 11   DG  B C6    1 
ATOM   238 O  O6    . DG  B 1 1  ? 2.910   -3.272  12.544  1.00 7.81  ? 11   DG  B O6    1 
ATOM   239 N  N1    . DG  B 1 1  ? 2.129   -1.450  13.677  1.00 6.27  ? 11   DG  B N1    1 
ATOM   240 C  C2    . DG  B 1 1  ? 1.142   -0.698  14.274  1.00 6.05  ? 11   DG  B C2    1 
ATOM   241 N  N2    . DG  B 1 1  ? 1.503   0.485   14.760  1.00 5.85  ? 11   DG  B N2    1 
ATOM   242 N  N3    . DG  B 1 1  ? -0.104  -1.117  14.405  1.00 6.55  ? 11   DG  B N3    1 
ATOM   243 C  C4    . DG  B 1 1  ? -0.308  -2.328  13.856  1.00 6.84  ? 11   DG  B C4    1 
ATOM   244 P  P     . DC  B 1 2  ? -5.304  -0.223  11.116  1.00 8.13  ? 12   DC  B P     1 
ATOM   245 O  OP1   . DC  B 1 2  ? -6.642  0.357   10.973  1.00 10.02 ? 12   DC  B OP1   1 
ATOM   246 O  OP2   . DC  B 1 2  ? -4.701  -0.916  9.961   1.00 9.79  ? 12   DC  B OP2   1 
ATOM   247 O  "O5'" . DC  B 1 2  ? -4.239  0.928   11.501  1.00 8.18  ? 12   DC  B "O5'" 1 
ATOM   248 C  "C5'" . DC  B 1 2  ? -4.566  1.875   12.499  1.00 8.00  ? 12   DC  B "C5'" 1 
ATOM   249 C  "C4'" . DC  B 1 2  ? -3.357  2.763   12.722  1.00 8.01  ? 12   DC  B "C4'" 1 
ATOM   250 O  "O4'" . DC  B 1 2  ? -2.268  1.970   13.318  1.00 7.35  ? 12   DC  B "O4'" 1 
ATOM   251 C  "C3'" . DC  B 1 2  ? -2.737  3.407   11.508  1.00 7.04  ? 12   DC  B "C3'" 1 
ATOM   252 O  "O3'" . DC  B 1 2  ? -3.511  4.547   11.058  1.00 9.82  ? 12   DC  B "O3'" 1 
ATOM   253 C  "C2'" . DC  B 1 2  ? -1.370  3.728   12.067  1.00 6.50  ? 12   DC  B "C2'" 1 
ATOM   254 C  "C1'" . DC  B 1 2  ? -1.037  2.532   12.821  1.00 7.35  ? 12   DC  B "C1'" 1 
ATOM   255 N  N1    . DC  B 1 2  ? -0.379  1.443   12.033  1.00 6.64  ? 12   DC  B N1    1 
ATOM   256 C  C2    . DC  B 1 2  ? 0.995   1.582   11.802  1.00 5.68  ? 12   DC  B C2    1 
ATOM   257 O  O2    . DC  B 1 2  ? 1.554   2.586   12.253  1.00 6.32  ? 12   DC  B O2    1 
ATOM   258 N  N3    . DC  B 1 2  ? 1.663   0.611   11.105  1.00 6.18  ? 12   DC  B N3    1 
ATOM   259 C  C4    . DC  B 1 2  ? 0.978   -0.421  10.597  1.00 6.48  ? 12   DC  B C4    1 
ATOM   260 N  N4    . DC  B 1 2  ? 1.663   -1.350  9.928   1.00 7.43  ? 12   DC  B N4    1 
ATOM   261 C  C5    . DC  B 1 2  ? -0.435  -0.565  10.797  1.00 6.83  ? 12   DC  B C5    1 
ATOM   262 C  C6    . DC  B 1 2  ? -1.056  0.393   11.490  1.00 6.80  ? 12   DC  B C6    1 
ATOM   263 P  P     . DG  B 1 3  ? -3.543  4.883   9.482   1.00 10.53 ? 13   DG  B P     1 
ATOM   264 O  OP1   . DG  B 1 3  ? -4.431  6.054   9.347   1.00 12.90 ? 13   DG  B OP1   1 
ATOM   265 O  OP2   . DG  B 1 3  ? -3.899  3.733   8.727   1.00 15.34 ? 13   DG  B OP2   1 
ATOM   266 O  "O5'" . DG  B 1 3  ? -2.044  5.249   9.125   1.00 8.16  ? 13   DG  B "O5'" 1 
ATOM   267 C  "C5'" . DG  B 1 3  ? -1.506  6.426   9.700   1.00 7.96  ? 13   DG  B "C5'" 1 
ATOM   268 C  "C4'" . DG  B 1 3  ? -0.049  6.526   9.310   1.00 7.52  ? 13   DG  B "C4'" 1 
ATOM   269 O  "O4'" . DG  B 1 3  ? 0.690   5.435   9.932   1.00 8.03  ? 13   DG  B "O4'" 1 
ATOM   270 C  "C3'" . DG  B 1 3  ? 0.312   6.403   7.849   1.00 6.71  ? 13   DG  B "C3'" 1 
ATOM   271 O  "O3'" . DG  B 1 3  ? -0.045  7.607   7.181   1.00 6.44  ? 13   DG  B "O3'" 1 
ATOM   272 C  "C2'" . DG  B 1 3  ? 1.788   6.160   8.021   1.00 7.13  ? 13   DG  B "C2'" 1 
ATOM   273 C  "C1'" . DG  B 1 3  ? 1.826   5.145   9.209   1.00 7.50  ? 13   DG  B "C1'" 1 
ATOM   274 N  N9    . DG  B 1 3  ? 1.794   3.805   8.658   1.00 7.08  ? 13   DG  B N9    1 
ATOM   275 C  C8    . DG  B 1 3  ? 0.756   2.911   8.658   1.00 6.87  ? 13   DG  B C8    1 
ATOM   276 N  N7    . DG  B 1 3  ? 1.057   1.795   8.059   1.00 7.15  ? 13   DG  B N7    1 
ATOM   277 C  C5    . DG  B 1 3  ? 2.364   1.955   7.629   1.00 6.53  ? 13   DG  B C5    1 
ATOM   278 C  C6    . DG  B 1 3  ? 3.223   1.103   6.891   1.00 6.23  ? 13   DG  B C6    1 
ATOM   279 O  O6    . DG  B 1 3  ? 2.990   -0.036  6.467   1.00 7.02  ? 13   DG  B O6    1 
ATOM   280 N  N1    . DG  B 1 3  ? 4.453   1.709   6.654   1.00 6.37  ? 13   DG  B N1    1 
ATOM   281 C  C2    . DG  B 1 3  ? 4.824   2.968   7.053   1.00 6.35  ? 13   DG  B C2    1 
ATOM   282 N  N2    . DG  B 1 3  ? 6.047   3.339   6.714   1.00 6.42  ? 13   DG  B N2    1 
ATOM   283 N  N3    . DG  B 1 3  ? 4.028   3.751   7.745   1.00 6.38  ? 13   DG  B N3    1 
ATOM   284 C  C4    . DG  B 1 3  ? 2.830   3.193   7.988   1.00 6.57  ? 13   DG  B C4    1 
ATOM   285 P  P     . DT  B 1 4  ? -0.304  7.583   5.611   1.00 6.12  ? 14   DT  B P     1 
ATOM   286 O  OP1   . DT  B 1 4  ? -0.649  8.985   5.285   1.00 7.43  ? 14   DT  B OP1   1 
ATOM   287 O  OP2   . DT  B 1 4  ? -1.220  6.472   5.235   1.00 7.35  ? 14   DT  B OP2   1 
ATOM   288 O  "O5'" . DT  B 1 4  ? 1.118   7.190   4.982   1.00 5.91  ? 14   DT  B "O5'" 1 
ATOM   289 C  "C5'" . DT  B 1 4  ? 2.188   8.131   5.052   1.00 6.72  ? 14   DT  B "C5'" 1 
ATOM   290 C  "C4'" . DT  B 1 4  ? 3.379   7.580   4.333   1.00 5.90  ? 14   DT  B "C4'" 1 
ATOM   291 O  "O4'" . DT  B 1 4  ? 3.882   6.376   5.026   1.00 5.83  ? 14   DT  B "O4'" 1 
ATOM   292 C  "C3'" . DT  B 1 4  ? 3.177   7.080   2.907   1.00 5.92  ? 14   DT  B "C3'" 1 
ATOM   293 O  "O3'" . DT  B 1 4  ? 2.989   8.179   2.038   1.00 6.57  ? 14   DT  B "O3'" 1 
ATOM   294 C  "C2'" . DT  B 1 4  ? 4.465   6.295   2.743   1.00 5.66  ? 14   DT  B "C2'" 1 
ATOM   295 C  "C1'" . DT  B 1 4  ? 4.550   5.575   4.085   1.00 5.37  ? 14   DT  B "C1'" 1 
ATOM   296 N  N1    . DT  B 1 4  ? 3.874   4.262   3.979   1.00 5.56  ? 14   DT  B N1    1 
ATOM   297 C  C2    . DT  B 1 4  ? 4.594   3.284   3.320   1.00 5.65  ? 14   DT  B C2    1 
ATOM   298 O  O2    . DT  B 1 4  ? 5.715   3.466   2.867   1.00 6.01  ? 14   DT  B O2    1 
ATOM   299 N  N3    . DT  B 1 4  ? 3.946   2.081   3.197   1.00 5.43  ? 14   DT  B N3    1 
ATOM   300 C  C4    . DT  B 1 4  ? 2.663   1.791   3.586   1.00 5.80  ? 14   DT  B C4    1 
ATOM   301 O  O4    . DT  B 1 4  ? 2.205   0.676   3.365   1.00 6.83  ? 14   DT  B O4    1 
ATOM   302 C  C5    . DT  B 1 4  ? 1.968   2.851   4.272   1.00 5.92  ? 14   DT  B C5    1 
ATOM   303 C  C7    . DT  B 1 4  ? 0.575   2.618   4.759   1.00 7.13  ? 14   DT  B C7    1 
ATOM   304 C  C6    . DT  B 1 4  ? 2.606   4.022   4.444   1.00 5.79  ? 14   DT  B C6    1 
ATOM   305 P  P     . DA  B 1 5  ? 2.140   7.954   0.677   1.00 6.33  ? 15   DA  B P     1 
ATOM   306 O  OP1   . DA  B 1 5  ? 1.829   9.329   0.222   1.00 7.81  ? 15   DA  B OP1   1 
ATOM   307 O  OP2   . DA  B 1 5  ? 1.060   6.953   0.857   1.00 7.39  ? 15   DA  B OP2   1 
ATOM   308 O  "O5'" . DA  B 1 5  ? 3.173   7.265   -0.291  1.00 6.64  ? 15   DA  B "O5'" 1 
ATOM   309 C  "C5'" . DA  B 1 5  ? 4.386   7.942   -0.635  1.00 7.02  ? 15   DA  B "C5'" 1 
ATOM   310 C  "C4'" . DA  B 1 5  ? 5.344   6.948   -1.329  1.00 6.49  ? 15   DA  B "C4'" 1 
ATOM   311 O  "O4'" . DA  B 1 5  ? 5.610   5.842   -0.423  1.00 6.33  ? 15   DA  B "O4'" 1 
ATOM   312 C  "C3'" . DA  B 1 5  ? 4.868   6.324   -2.607  1.00 6.56  ? 15   DA  B "C3'" 1 
ATOM   313 O  "O3'" . DA  B 1 5  ? 5.131   7.226   -3.681  1.00 7.27  ? 15   DA  B "O3'" 1 
ATOM   314 C  "C2'" . DA  B 1 5  ? 5.676   5.056   -2.648  1.00 6.18  ? 15   DA  B "C2'" 1 
ATOM   315 C  "C1'" . DA  B 1 5  ? 5.697   4.639   -1.237  1.00 5.84  ? 15   DA  B "C1'" 1 
ATOM   316 N  N9    . DA  B 1 5  ? 4.587   3.766   -0.813  1.00 5.58  ? 15   DA  B N9    1 
ATOM   317 C  C8    . DA  B 1 5  ? 3.475   4.094   -0.101  1.00 5.46  ? 15   DA  B C8    1 
ATOM   318 N  N7    . DA  B 1 5  ? 2.684   3.060   0.144   1.00 5.24  ? 15   DA  B N7    1 
ATOM   319 C  C5    . DA  B 1 5  ? 3.357   1.994   -0.436  1.00 5.11  ? 15   DA  B C5    1 
ATOM   320 C  C6    . DA  B 1 5  ? 3.053   0.611   -0.491  1.00 5.10  ? 15   DA  B C6    1 
ATOM   321 N  N6    . DA  B 1 5  ? 1.967   0.051   0.043   1.00 5.80  ? 15   DA  B N6    1 
ATOM   322 N  N1    . DA  B 1 5  ? 3.926   -0.166  -1.157  1.00 5.50  ? 15   DA  B N1    1 
ATOM   323 C  C2    . DA  B 1 5  ? 5.029   0.367   -1.691  1.00 5.61  ? 15   DA  B C2    1 
ATOM   324 N  N3    . DA  B 1 5  ? 5.410   1.651   -1.683  1.00 5.67  ? 15   DA  B N3    1 
ATOM   325 C  C4    . DA  B 1 5  ? 4.535   2.404   -1.029  1.00 5.30  ? 15   DA  B C4    1 
HETATM 326 P  P     . T23 B 1 6  ? 4.355   7.175   -5.063  1.00 6.82  ? 16   T23 B P     1 
HETATM 327 O  OP1   . T23 B 1 6  ? 4.818   8.365   -5.826  1.00 8.93  ? 16   T23 B OP1   1 
HETATM 328 O  OP2   . T23 B 1 6  ? 2.908   6.948   -4.893  1.00 7.88  ? 16   T23 B OP2   1 
HETATM 329 O  "O5'" . T23 B 1 6  ? 4.852   5.819   -5.745  1.00 6.29  ? 16   T23 B "O5'" 1 
HETATM 330 N  N1    . T23 B 1 6  ? 4.507   1.882   -5.504  1.00 5.43  ? 16   T23 B N1    1 
HETATM 331 C  C6    . T23 B 1 6  ? 3.781   2.907   -4.940  1.00 5.43  ? 16   T23 B C6    1 
HETATM 332 C  C2    . T23 B 1 6  ? 4.140   0.574   -5.321  1.00 5.18  ? 16   T23 B C2    1 
HETATM 333 O  O2    . T23 B 1 6  ? 4.751   -0.359  -5.828  1.00 6.22  ? 16   T23 B O2    1 
HETATM 334 N  N3    . T23 B 1 6  ? 3.041   0.368   -4.527  1.00 5.21  ? 16   T23 B N3    1 
HETATM 335 C  C4    . T23 B 1 6  ? 2.284   1.343   -3.916  1.00 5.10  ? 16   T23 B C4    1 
HETATM 336 O  O4    . T23 B 1 6  ? 1.309   1.025   -3.228  1.00 5.49  ? 16   T23 B O4    1 
HETATM 337 C  C5    . T23 B 1 6  ? 2.699   2.702   -4.163  1.00 5.29  ? 16   T23 B C5    1 
HETATM 338 C  C5M   . T23 B 1 6  ? 1.935   3.815   -3.532  1.00 5.86  ? 16   T23 B C5M   1 
HETATM 339 C  "C2'" . T23 B 1 6  ? 5.520   2.365   -7.777  1.00 5.83  ? 16   T23 B "C2'" 1 
HETATM 340 O  "O2'" . T23 B 1 6  ? 6.705   2.067   -8.520  1.00 8.11  ? 16   T23 B "O2'" 1 
HETATM 341 C  C2M   . T23 B 1 6  ? 7.010   0.680   -8.661  1.00 8.76  ? 16   T23 B C2M   1 
HETATM 342 C  "C5'" . T23 B 1 6  ? 6.191   5.714   -6.277  1.00 6.78  ? 16   T23 B "C5'" 1 
HETATM 343 C  "C4'" . T23 B 1 6  ? 6.358   4.356   -6.865  1.00 6.37  ? 16   T23 B "C4'" 1 
HETATM 344 O  "O4'" . T23 B 1 6  ? 6.322   3.360   -5.798  1.00 5.97  ? 16   T23 B "O4'" 1 
HETATM 345 C  "C1'" . T23 B 1 6  ? 5.737   2.153   -6.323  1.00 5.95  ? 16   T23 B "C1'" 1 
HETATM 346 C  "C3'" . T23 B 1 6  ? 5.285   3.879   -7.837  1.00 6.23  ? 16   T23 B "C3'" 1 
HETATM 347 C  C3M   . T23 B 1 6  ? 5.304   4.526   -9.211  1.00 7.63  ? 16   T23 B C3M   1 
ATOM   348 P  P     . DA  B 1 7  ? 3.850   4.466   -10.163 1.00 7.46  ? 17   DA  B P     1 
ATOM   349 O  OP1   . DA  B 1 7  ? 4.068   5.125   -11.469 1.00 9.84  ? 17   DA  B OP1   1 
ATOM   350 O  OP2   . DA  B 1 7  ? 2.749   4.977   -9.341  1.00 9.05  ? 17   DA  B OP2   1 
ATOM   351 O  "O5'" . DA  B 1 7  ? 3.496   2.912   -10.392 1.00 6.87  ? 17   DA  B "O5'" 1 
ATOM   352 C  "C5'" . DA  B 1 7  ? 4.234   2.191   -11.370 1.00 7.49  ? 17   DA  B "C5'" 1 
ATOM   353 C  "C4'" . DA  B 1 7  ? 3.652   0.770   -11.431 1.00 6.83  ? 17   DA  B "C4'" 1 
ATOM   354 O  "O4'" . DA  B 1 7  ? 3.825   0.127   -10.170 1.00 7.04  ? 17   DA  B "O4'" 1 
ATOM   355 C  "C3'" . DA  B 1 7  ? 2.171   0.648   -11.718 1.00 7.02  ? 17   DA  B "C3'" 1 
ATOM   356 O  "O3'" . DA  B 1 7  ? 1.906   0.862   -13.109 1.00 8.14  ? 17   DA  B "O3'" 1 
ATOM   357 C  "C2'" . DA  B 1 7  ? 1.936   -0.760  -11.248 1.00 7.22  ? 17   DA  B "C2'" 1 
ATOM   358 C  "C1'" . DA  B 1 7  ? 2.763   -0.822  -9.997  1.00 6.66  ? 17   DA  B "C1'" 1 
ATOM   359 N  N9    . DA  B 1 7  ? 2.029   -0.432  -8.792  1.00 5.85  ? 17   DA  B N9    1 
ATOM   360 C  C8    . DA  B 1 7  ? 1.938   0.793   -8.202  1.00 6.17  ? 17   DA  B C8    1 
ATOM   361 N  N7    . DA  B 1 7  ? 1.157   0.819   -7.149  1.00 6.03  ? 17   DA  B N7    1 
ATOM   362 C  C5    . DA  B 1 7  ? 0.679   -0.481  -7.045  1.00 5.68  ? 17   DA  B C5    1 
ATOM   363 C  C6    . DA  B 1 7  ? -0.218  -1.117  -6.169  1.00 5.42  ? 17   DA  B C6    1 
ATOM   364 N  N6    . DA  B 1 7  ? -0.772  -0.514  -5.114  1.00 5.69  ? 17   DA  B N6    1 
ATOM   365 N  N1    . DA  B 1 7  ? -0.502  -2.412  -6.374  1.00 5.65  ? 17   DA  B N1    1 
ATOM   366 C  C2    . DA  B 1 7  ? 0.076   -3.030  -7.415  1.00 5.86  ? 17   DA  B C2    1 
ATOM   367 N  N3    . DA  B 1 7  ? 0.942   -2.557  -8.310  1.00 5.97  ? 17   DA  B N3    1 
ATOM   368 C  C4    . DA  B 1 7  ? 1.203   -1.255  -8.060  1.00 5.68  ? 17   DA  B C4    1 
ATOM   369 P  P     . DC  B 1 8  ? 0.578   1.582   -13.555 1.00 8.75  ? 18   DC  B P     1 
ATOM   370 O  OP1   . DC  B 1 8  ? 0.674   1.699   -15.022 1.00 12.93 ? 18   DC  B OP1   1 
ATOM   371 O  OP2   . DC  B 1 8  ? 0.354   2.810   -12.786 1.00 11.49 ? 18   DC  B OP2   1 
ATOM   372 O  "O5'" A DC  B 1 8  ? -0.584  0.545   -13.189 0.50 9.67  ? 18   DC  B "O5'" 1 
ATOM   373 O  "O5'" B DC  B 1 8  ? -0.633  0.568   -13.160 0.50 6.59  ? 18   DC  B "O5'" 1 
ATOM   374 C  "C5'" A DC  B 1 8  ? -0.681  -0.709  -13.857 0.50 18.33 ? 18   DC  B "C5'" 1 
ATOM   375 C  "C5'" B DC  B 1 8  ? -0.690  -0.676  -13.850 0.50 5.63  ? 18   DC  B "C5'" 1 
ATOM   376 C  "C4'" A DC  B 1 8  ? -1.723  -1.576  -13.156 0.50 7.63  ? 18   DC  B "C4'" 1 
ATOM   377 C  "C4'" B DC  B 1 8  ? -1.627  -1.649  -13.171 0.50 8.60  ? 18   DC  B "C4'" 1 
ATOM   378 O  "O4'" A DC  B 1 8  ? -1.209  -1.918  -11.832 0.50 6.13  ? 18   DC  B "O4'" 1 
ATOM   379 O  "O4'" B DC  B 1 8  ? -1.145  -1.832  -11.801 0.50 5.84  ? 18   DC  B "O4'" 1 
ATOM   380 C  "C3'" A DC  B 1 8  ? -3.103  -1.011  -12.838 0.50 6.36  ? 18   DC  B "C3'" 1 
ATOM   381 C  "C3'" B DC  B 1 8  ? -3.085  -1.280  -12.969 0.50 11.96 ? 18   DC  B "C3'" 1 
ATOM   382 O  "O3'" A DC  B 1 8  ? -3.873  -0.917  -14.014 0.50 6.90  ? 18   DC  B "O3'" 1 
ATOM   383 O  "O3'" B DC  B 1 8  ? -3.738  -1.606  -14.172 0.50 11.56 ? 18   DC  B "O3'" 1 
ATOM   384 C  "C2'" A DC  B 1 8  ? -3.522  -2.043  -11.792 0.50 4.15  ? 18   DC  B "C2'" 1 
ATOM   385 C  "C2'" B DC  B 1 8  ? -3.474  -2.102  -11.778 0.50 27.84 ? 18   DC  B "C2'" 1 
ATOM   386 C  "C1'" A DC  B 1 8  ? -2.270  -2.132  -10.936 0.50 6.79  ? 18   DC  B "C1'" 1 
ATOM   387 C  "C1'" B DC  B 1 8  ? -2.240  -2.131  -10.948 0.50 5.65  ? 18   DC  B "C1'" 1 
ATOM   388 N  N1    . DC  B 1 8  ? -2.286  -1.103  -9.876  1.00 5.94  ? 18   DC  B N1    1 
ATOM   389 C  C2    . DC  B 1 8  ? -3.015  -1.422  -8.735  1.00 5.53  ? 18   DC  B C2    1 
ATOM   390 O  O2    . DC  B 1 8  ? -3.562  -2.527  -8.675  1.00 6.20  ? 18   DC  B O2    1 
ATOM   391 N  N3    . DC  B 1 8  ? -3.091  -0.516  -7.729  1.00 5.53  ? 18   DC  B N3    1 
ATOM   392 C  C4    . DC  B 1 8  ? -2.532  0.689   -7.866  1.00 5.87  ? 18   DC  B C4    1 
ATOM   393 N  N4    . DC  B 1 8  ? -2.651  1.549   -6.865  1.00 6.96  ? 18   DC  B N4    1 
ATOM   394 C  C5    . DC  B 1 8  ? -1.792  1.049   -9.032  1.00 6.40  ? 18   DC  B C5    1 
ATOM   395 C  C6    . DC  B 1 8  ? -1.710  0.126   -9.999  1.00 6.07  ? 18   DC  B C6    1 
ATOM   396 P  P     A DG  B 1 9  ? -5.366  -0.372  -13.948 0.50 6.03  ? 19   DG  B P     1 
ATOM   397 P  P     B DG  B 1 9  ? -5.177  -1.148  -14.571 0.50 14.00 ? 19   DG  B P     1 
ATOM   398 O  OP1   A DG  B 1 9  ? -5.817  -0.173  -15.339 0.50 10.24 ? 19   DG  B OP1   1 
ATOM   399 O  OP1   B DG  B 1 9  ? -5.435  -1.652  -15.946 0.50 20.41 ? 19   DG  B OP1   1 
ATOM   400 O  OP2   A DG  B 1 9  ? -5.456  0.726   -13.007 0.50 7.31  ? 19   DG  B OP2   1 
ATOM   401 O  OP2   B DG  B 1 9  ? -5.310  0.324   -14.359 0.50 59.29 ? 19   DG  B OP2   1 
ATOM   402 O  "O5'" A DG  B 1 9  ? -6.105  -1.593  -13.317 0.50 16.06 ? 19   DG  B "O5'" 1 
ATOM   403 O  "O5'" B DG  B 1 9  ? -6.093  -1.882  -13.555 0.50 10.11 ? 19   DG  B "O5'" 1 
ATOM   404 C  "C5'" A DG  B 1 9  ? -7.434  -1.829  -13.220 0.50 22.50 ? 19   DG  B "C5'" 1 
ATOM   405 C  "C5'" B DG  B 1 9  ? -7.332  -1.521  -12.956 0.50 5.05  ? 19   DG  B "C5'" 1 
ATOM   406 C  "C4'" A DG  B 1 9  ? -7.653  -2.671  -11.966 0.50 4.64  ? 19   DG  B "C4'" 1 
ATOM   407 C  "C4'" B DG  B 1 9  ? -7.624  -2.580  -11.868 0.50 16.77 ? 19   DG  B "C4'" 1 
ATOM   408 O  "O4'" A DG  B 1 9  ? -6.613  -2.415  -11.022 0.50 6.27  ? 19   DG  B "O4'" 1 
ATOM   409 O  "O4'" B DG  B 1 9  ? -6.688  -2.666  -10.758 0.50 5.02  ? 19   DG  B "O4'" 1 
ATOM   410 C  "C3'" A DG  B 1 9  ? -8.950  -2.331  -11.303 0.50 4.51  ? 19   DG  B "C3'" 1 
ATOM   411 C  "C3'" B DG  B 1 9  ? -8.977  -2.211  -11.329 0.50 8.11  ? 19   DG  B "C3'" 1 
ATOM   412 O  "O3'" A DG  B 1 9  ? -10.013 -3.059  -11.946 0.50 8.79  ? 19   DG  B "O3'" 1 
ATOM   413 O  "O3'" B DG  B 1 9  ? -9.986  -3.028  -11.967 0.50 5.88  ? 19   DG  B "O3'" 1 
ATOM   414 C  "C2'" A DG  B 1 9  ? -8.800  -2.705  -9.859  0.50 3.09  ? 19   DG  B "C2'" 1 
ATOM   415 C  "C2'" B DG  B 1 9  ? -8.974  -2.454  -9.863  0.50 21.99 ? 19   DG  B "C2'" 1 
ATOM   416 C  "C1'" A DG  B 1 9  ? -7.376  -2.412  -9.708  0.50 3.64  ? 19   DG  B "C1'" 1 
ATOM   417 C  "C1'" B DG  B 1 9  ? -7.577  -2.432  -9.548  0.50 19.57 ? 19   DG  B "C1'" 1 
ATOM   418 N  N9    . DG  B 1 9  ? -6.990  -1.139  -9.059  1.00 5.17  ? 19   DG  B N9    1 
ATOM   419 C  C8    . DG  B 1 9  ? -6.099  -0.217  -9.546  1.00 5.72  ? 19   DG  B C8    1 
ATOM   420 N  N7    . DG  B 1 9  ? -5.908  0.791   -8.723  1.00 5.81  ? 19   DG  B N7    1 
ATOM   421 C  C5    . DG  B 1 9  ? -6.693  0.497   -7.625  1.00 5.12  ? 19   DG  B C5    1 
ATOM   422 C  C6    . DG  B 1 9  ? -6.889  1.182   -6.386  1.00 4.99  ? 19   DG  B C6    1 
ATOM   423 O  O6    . DG  B 1 9  ? -6.380  2.264   -6.025  1.00 6.20  ? 19   DG  B O6    1 
ATOM   424 N  N1    . DG  B 1 9  ? -7.790  0.521   -5.578  1.00 5.03  ? 19   DG  B N1    1 
ATOM   425 C  C2    . DG  B 1 9  ? -8.442  -0.659  -5.865  1.00 4.92  ? 19   DG  B C2    1 
ATOM   426 N  N2    . DG  B 1 9  ? -9.285  -1.106  -4.939  1.00 5.16  ? 19   DG  B N2    1 
ATOM   427 N  N3    . DG  B 1 9  ? -8.248  -1.326  -6.997  1.00 4.95  ? 19   DG  B N3    1 
ATOM   428 C  C4    . DG  B 1 9  ? -7.369  -0.688  -7.812  1.00 4.86  ? 19   DG  B C4    1 
ATOM   429 P  P     . DC  B 1 10 ? -11.391 -2.306  -12.245 1.00 7.39  ? 20   DC  B P     1 
ATOM   430 O  OP1   . DC  B 1 10 ? -12.206 -3.314  -12.985 1.00 10.52 ? 20   DC  B OP1   1 
ATOM   431 O  OP2   . DC  B 1 10 ? -11.185 -1.004  -12.857 1.00 9.09  ? 20   DC  B OP2   1 
ATOM   432 O  "O5'" . DC  B 1 10 ? -11.988 -2.058  -10.798 1.00 7.10  ? 20   DC  B "O5'" 1 
ATOM   433 C  "C5'" . DC  B 1 10 ? -12.452 -3.140  -9.993  1.00 6.85  ? 20   DC  B "C5'" 1 
ATOM   434 C  "C4'" . DC  B 1 10 ? -12.975 -2.619  -8.693  1.00 5.89  ? 20   DC  B "C4'" 1 
ATOM   435 O  "O4'" . DC  B 1 10 ? -11.905 -2.025  -7.963  1.00 5.69  ? 20   DC  B "O4'" 1 
ATOM   436 C  "C3'" . DC  B 1 10 ? -14.038 -1.496  -8.781  1.00 6.11  ? 20   DC  B "C3'" 1 
ATOM   437 O  "O3'" . DC  B 1 10 ? -15.355 -1.984  -8.889  1.00 6.77  ? 20   DC  B "O3'" 1 
ATOM   438 C  "C2'" . DC  B 1 10 ? -13.844 -0.731  -7.490  1.00 6.12  ? 20   DC  B "C2'" 1 
ATOM   439 C  "C1'" . DC  B 1 10 ? -12.412 -0.935  -7.150  1.00 5.64  ? 20   DC  B "C1'" 1 
ATOM   440 N  N1    . DC  B 1 10 ? -11.515 0.215   -7.383  1.00 5.40  ? 20   DC  B N1    1 
ATOM   441 C  C2    . DC  B 1 10 ? -11.424 1.163   -6.360  1.00 5.46  ? 20   DC  B C2    1 
ATOM   442 O  O2    . DC  B 1 10 ? -12.143 1.001   -5.364  1.00 5.71  ? 20   DC  B O2    1 
ATOM   443 N  N3    . DC  B 1 10 ? -10.548 2.181   -6.487  1.00 5.66  ? 20   DC  B N3    1 
ATOM   444 C  C4    . DC  B 1 10 ? -9.842  2.315   -7.617  1.00 5.89  ? 20   DC  B C4    1 
ATOM   445 N  N4    . DC  B 1 10 ? -9.001  3.362   -7.682  1.00 6.38  ? 20   DC  B N4    1 
ATOM   446 C  C5    . DC  B 1 10 ? -9.987  1.412   -8.706  1.00 5.85  ? 20   DC  B C5    1 
ATOM   447 C  C6    . DC  B 1 10 ? -10.804 0.361   -8.545  1.00 5.82  ? 20   DC  B C6    1 
HETATM 448 MG MG    . MG  C 2 .  ? -2.312  1.998   -1.032  1.00 7.57  ? 301  MG  A MG    1 
HETATM 449 N  N1    . SPM D 3 .  ? 3.945   11.263  8.323   1.00 8.58  ? 221  SPM B N1    1 
HETATM 450 C  C2    . SPM D 3 .  ? 2.622   11.942  8.152   1.00 8.70  ? 221  SPM B C2    1 
HETATM 451 C  C3    . SPM D 3 .  ? 1.507   10.999  7.791   1.00 8.60  ? 221  SPM B C3    1 
HETATM 452 C  C4    . SPM D 3 .  ? 0.226   11.777  7.521   1.00 9.59  ? 221  SPM B C4    1 
HETATM 453 N  N5    . SPM D 3 .  ? -0.922  10.805  7.341   1.00 8.63  ? 221  SPM B N5    1 
HETATM 454 C  C6    . SPM D 3 .  ? -2.228  11.480  7.048   1.00 9.66  ? 221  SPM B C6    1 
HETATM 455 C  C7    . SPM D 3 .  ? -3.267  10.418  6.782   1.00 14.32 ? 221  SPM B C7    1 
HETATM 456 C  C8    . SPM D 3 .  ? -4.684  11.013  6.924   1.00 17.93 ? 221  SPM B C8    1 
HETATM 457 C  C9    . SPM D 3 .  ? -5.701  9.997   6.454   0.50 28.99 ? 221  SPM B C9    1 
HETATM 458 N  N10   . SPM D 3 .  ? -7.097  10.360  6.811   0.50 12.92 ? 221  SPM B N10   1 
HETATM 459 C  C11   . SPM D 3 .  ? -7.457  9.827   8.180   0.50 26.23 ? 221  SPM B C11   1 
HETATM 460 C  C12   . SPM D 3 .  ? -8.839  10.288  8.620   0.50 20.65 ? 221  SPM B C12   1 
HETATM 461 C  C13   . SPM D 3 .  ? -9.702  9.073   8.859   0.50 29.45 ? 221  SPM B C13   1 
HETATM 462 N  N14   . SPM D 3 .  ? -10.043 8.876   10.306  0.50 22.12 ? 221  SPM B N14   1 
HETATM 463 C  C4    . SPM E 3 .  ? -3.676  -3.155  -17.563 0.50 14.17 ? 222  SPM B C4    1 
HETATM 464 N  N5    . SPM E 3 .  ? -4.760  -3.215  -16.519 0.50 17.85 ? 222  SPM B N5    1 
HETATM 465 C  C6    . SPM E 3 .  ? -6.008  -3.865  -17.010 0.50 7.08  ? 222  SPM B C6    1 
HETATM 466 C  C7    . SPM E 3 .  ? -7.071  -3.896  -15.942 0.50 8.54  ? 222  SPM B C7    1 
HETATM 467 C  C8    . SPM E 3 .  ? -8.440  -4.413  -16.399 0.50 10.86 ? 222  SPM B C8    1 
HETATM 468 C  C9    . SPM E 3 .  ? -9.440  -4.534  -15.278 0.50 9.76  ? 222  SPM B C9    1 
HETATM 469 N  N10   . SPM E 3 .  ? -10.814 -4.739  -15.804 0.50 11.53 ? 222  SPM B N10   1 
HETATM 470 C  C11   . SPM E 3 .  ? -11.800 -5.272  -14.795 0.50 8.03  ? 222  SPM B C11   1 
HETATM 471 C  C12   . SPM E 3 .  ? -13.142 -5.525  -15.470 0.50 14.31 ? 222  SPM B C12   1 
HETATM 472 C  C13   . SPM E 3 .  ? -14.087 -6.242  -14.541 0.50 19.55 ? 222  SPM B C13   1 
HETATM 473 MG MG    . MG  F 2 .  ? 3.925   8.977   -10.163 0.50 17.72 ? 1301 MG  B MG    1 
HETATM 474 O  O     . HOH G 4 .  ? -4.313  1.675   -0.623  1.00 7.83  ? 302  HOH A O     1 
HETATM 475 O  O     . HOH G 4 .  ? -2.010  -0.065  -1.363  1.00 8.86  ? 305  HOH A O     1 
HETATM 476 O  O     . HOH G 4 .  ? -2.821  2.318   -2.968  1.00 12.10 ? 306  HOH A O     1 
HETATM 477 O  O     . HOH G 4 .  ? -2.485  4.054   -0.732  1.00 9.83  ? 307  HOH A O     1 
HETATM 478 O  O     . HOH G 4 .  ? 11.689  2.823   17.410  1.00 6.54  ? 310  HOH A O     1 
HETATM 479 O  O     . HOH G 4 .  ? -5.424  2.120   1.949   1.00 7.71  ? 313  HOH A O     1 
HETATM 480 O  O     . HOH G 4 .  ? -6.349  -0.419  1.633   1.00 7.79  ? 315  HOH A O     1 
HETATM 481 O  O     . HOH G 4 .  ? 6.479   5.339   11.665  1.00 12.65 ? 317  HOH A O     1 
HETATM 482 O  O     . HOH G 4 .  ? 4.647   -5.521  2.364   1.00 12.19 ? 318  HOH A O     1 
HETATM 483 O  O     . HOH G 4 .  ? -3.108  2.178   3.445   1.00 10.62 ? 319  HOH A O     1 
HETATM 484 O  O     . HOH G 4 .  ? 13.384  1.145   16.040  1.00 8.04  ? 320  HOH A O     1 
HETATM 485 O  O     . HOH G 4 .  ? 3.174   -6.241  -7.141  1.00 10.53 ? 323  HOH A O     1 
HETATM 486 O  O     . HOH G 4 .  ? -11.531 -4.979  3.535   1.00 14.26 ? 324  HOH A O     1 
HETATM 487 O  O     . HOH G 4 .  ? -11.973 6.809   4.710   1.00 17.34 ? 328  HOH A O     1 
HETATM 488 O  O     . HOH G 4 .  ? -1.054  -13.767 -2.487  1.00 10.29 ? 329  HOH A O     1 
HETATM 489 O  O     . HOH G 4 .  ? 4.898   -8.032  1.096   1.00 11.95 ? 331  HOH A O     1 
HETATM 490 O  O     . HOH G 4 .  ? -12.311 -1.162  -1.886  1.00 9.94  ? 333  HOH A O     1 
HETATM 491 O  O     . HOH G 4 .  ? 8.150   -1.280  -2.862  1.00 6.93  ? 334  HOH A O     1 
HETATM 492 O  O     . HOH G 4 .  ? -0.413  -3.789  0.286   1.00 8.11  ? 335  HOH A O     1 
HETATM 493 O  O     . HOH G 4 .  ? 7.887   -3.136  10.683  1.00 11.24 ? 336  HOH A O     1 
HETATM 494 O  O     . HOH G 4 .  ? 10.270  -1.394  11.054  1.00 12.38 ? 338  HOH A O     1 
HETATM 495 O  O     . HOH G 4 .  ? 15.140  2.272   12.374  1.00 8.98  ? 341  HOH A O     1 
HETATM 496 O  O     . HOH G 4 .  ? -4.273  -2.136  1.856   1.00 10.28 ? 343  HOH A O     1 
HETATM 497 O  O     . HOH G 4 .  ? -4.872  -4.809  2.378   1.00 15.65 ? 345  HOH A O     1 
HETATM 498 O  O     . HOH G 4 .  ? -13.373 2.815   -0.338  1.00 7.09  ? 349  HOH A O     1 
HETATM 499 O  O     . HOH G 4 .  ? -6.269  -1.296  5.858   0.50 11.16 ? 353  HOH A O     1 
HETATM 500 O  O     . HOH G 4 .  ? -6.039  -12.888 -2.729  0.50 13.82 ? 358  HOH A O     1 
HETATM 501 O  O     . HOH G 4 .  ? -2.724  -7.175  -0.562  1.00 9.12  ? 359  HOH A O     1 
HETATM 502 O  O     . HOH G 4 .  ? -9.201  10.976  -2.505  0.50 17.13 ? 361  HOH A O     1 
HETATM 503 O  O     . HOH G 4 .  ? 16.981  4.707   11.507  1.00 15.64 ? 364  HOH A O     1 
HETATM 504 O  O     . HOH G 4 .  ? -4.799  5.155   -1.871  1.00 11.31 ? 365  HOH A O     1 
HETATM 505 O  O     . HOH G 4 .  ? 13.631  -1.264  12.673  1.00 17.07 ? 368  HOH A O     1 
HETATM 506 O  O     . HOH G 4 .  ? 8.397   6.709   13.190  1.00 22.52 ? 370  HOH A O     1 
HETATM 507 O  O     . HOH G 4 .  ? -1.765  -1.537  0.904   1.00 9.30  ? 373  HOH A O     1 
HETATM 508 O  O     . HOH G 4 .  ? 7.409   -2.836  8.129   0.50 8.00  ? 374  HOH A O     1 
HETATM 509 O  O     . HOH G 4 .  ? 15.136  4.019   9.737   1.00 13.95 ? 375  HOH A O     1 
HETATM 510 O  O     . HOH G 4 .  ? 15.640  6.446   12.993  1.00 15.98 ? 376  HOH A O     1 
HETATM 511 O  O     . HOH G 4 .  ? -3.893  -1.943  4.504   1.00 16.31 ? 377  HOH A O     1 
HETATM 512 O  O     . HOH G 4 .  ? -6.001  6.388   0.129   0.50 9.83  ? 379  HOH A O     1 
HETATM 513 O  O     . HOH G 4 .  ? 7.714   -6.533  3.144   1.00 21.55 ? 380  HOH A O     1 
HETATM 514 O  O     . HOH G 4 .  ? 11.149  6.385   12.219  1.00 26.15 ? 381  HOH A O     1 
HETATM 515 O  O     . HOH G 4 .  ? 4.400   -3.232  8.257   1.00 23.88 ? 388  HOH A O     1 
HETATM 516 O  O     . HOH G 4 .  ? -1.157  -6.182  1.497   1.00 16.98 ? 389  HOH A O     1 
HETATM 517 O  O     . HOH G 4 .  ? -10.024 10.263  -0.271  1.00 26.46 ? 390  HOH A O     1 
HETATM 518 O  O     . HOH G 4 .  ? 11.908  -9.508  -1.768  1.00 27.76 ? 397  HOH A O     1 
HETATM 519 O  O     . HOH G 4 .  ? -1.288  -10.884 0.856   0.50 14.82 ? 399  HOH A O     1 
HETATM 520 O  O     . HOH G 4 .  ? 5.802   -4.533  -6.723  1.00 18.43 ? 401  HOH A O     1 
HETATM 521 O  O     . HOH G 4 .  ? 1.008   -9.504  1.050   0.50 20.68 ? 404  HOH A O     1 
HETATM 522 O  O     . HOH G 4 .  ? -10.728 -6.482  -1.624  0.50 22.72 ? 407  HOH A O     1 
HETATM 523 O  O     . HOH G 4 .  ? -6.034  1.167   5.757   0.50 22.14 ? 409  HOH A O     1 
HETATM 524 O  O     . HOH G 4 .  ? -11.844 -5.240  0.543   1.00 30.13 ? 410  HOH A O     1 
HETATM 525 O  O     . HOH G 4 .  ? 12.117  -7.547  -4.014  1.00 45.08 ? 411  HOH A O     1 
HETATM 526 O  O     . HOH G 4 .  ? -4.060  -8.294  2.867   0.50 55.66 ? 412  HOH A O     1 
HETATM 527 O  O     . HOH G 4 .  ? -5.531  6.902   -3.846  0.50 25.08 ? 415  HOH A O     1 
HETATM 528 O  O     . HOH G 4 .  ? -6.586  -11.341 0.247   0.50 16.16 ? 416  HOH A O     1 
HETATM 529 O  O     . HOH G 4 .  ? -7.880  7.165   -6.848  0.50 18.13 ? 418  HOH A O     1 
HETATM 530 O  O     . HOH G 4 .  ? -8.674  -8.178  2.427   0.50 13.77 ? 420  HOH A O     1 
HETATM 531 O  O     . HOH G 4 .  ? 13.772  -2.900  10.511  0.50 13.14 ? 421  HOH A O     1 
HETATM 532 O  O     . HOH G 4 .  ? 11.561  -4.150  7.693   0.50 17.32 ? 423  HOH A O     1 
HETATM 533 O  O     . HOH G 4 .  ? 15.605  -0.616  14.396  0.50 15.39 ? 424  HOH A O     1 
HETATM 534 O  O     . HOH G 4 .  ? 13.443  5.282   12.415  0.50 11.51 ? 426  HOH A O     1 
HETATM 535 O  O     . HOH G 4 .  ? -2.924  5.478   1.415   0.50 10.44 ? 427  HOH A O     1 
HETATM 536 O  O     . HOH G 4 .  ? -10.689 -2.831  6.888   0.50 12.33 ? 431  HOH A O     1 
HETATM 537 O  O     . HOH G 4 .  ? 11.852  5.322   16.449  1.00 40.50 ? 434  HOH A O     1 
HETATM 538 O  O     . HOH G 4 .  ? -3.214  -13.240 0.775   0.50 17.01 ? 435  HOH A O     1 
HETATM 539 O  O     . HOH G 4 .  ? 14.049  -4.700  6.395   0.50 24.35 ? 441  HOH A O     1 
HETATM 540 O  O     . HOH G 4 .  ? -9.438  -9.874  -1.007  1.00 30.60 ? 442  HOH A O     1 
HETATM 541 O  O     . HOH G 4 .  ? 12.041  6.780   14.376  0.50 17.69 ? 443  HOH A O     1 
HETATM 542 O  O     . HOH G 4 .  ? 13.267  4.243   15.497  0.50 21.05 ? 444  HOH A O     1 
HETATM 543 O  O     . HOH G 4 .  ? 5.123   -10.331 -6.814  0.50 32.94 ? 451  HOH A O     1 
HETATM 544 O  O     . HOH G 4 .  ? 9.045   -4.757  4.132   0.50 11.37 ? 454  HOH A O     1 
HETATM 545 O  O     . HOH G 4 .  ? 6.975   -11.641 -1.291  0.50 18.39 ? 459  HOH A O     1 
HETATM 546 O  O     . HOH G 4 .  ? -6.253  6.285   -5.543  0.50 57.91 ? 460  HOH A O     1 
HETATM 547 O  O     . HOH G 4 .  ? 12.332  -8.669  1.000   0.50 33.40 ? 462  HOH A O     1 
HETATM 548 O  O     . HOH G 4 .  ? -4.969  9.773   -3.295  0.50 24.11 ? 464  HOH A O     1 
HETATM 549 O  O     . HOH G 4 .  ? 9.718   -11.437 0.037   0.50 14.62 ? 472  HOH A O     1 
HETATM 550 O  O     . HOH G 4 .  ? 1.258   -12.898 -3.691  0.50 13.21 ? 473  HOH A O     1 
HETATM 551 O  O     . HOH G 4 .  ? -6.400  -0.083  6.320   0.50 26.12 ? 474  HOH A O     1 
HETATM 552 O  O     . HOH G 4 .  ? 9.567   -7.236  -5.712  0.50 17.93 ? 475  HOH A O     1 
HETATM 553 O  O     . HOH G 4 .  ? -6.683  -6.609  5.360   0.50 20.05 ? 476  HOH A O     1 
HETATM 554 O  O     . HOH G 4 .  ? 8.872   -2.434  7.769   0.50 38.14 ? 479  HOH A O     1 
HETATM 555 O  O     . HOH G 4 .  ? 8.739   -4.910  -8.054  0.50 25.23 ? 494  HOH A O     1 
HETATM 556 O  O     . HOH G 4 .  ? 11.387  -12.205 -2.216  0.50 19.98 ? 498  HOH A O     1 
HETATM 557 O  O     . HOH G 4 .  ? 8.491   -11.426 -3.486  0.50 19.48 ? 502  HOH A O     1 
HETATM 558 O  O     . HOH G 4 .  ? -9.955  5.986   6.322   1.00 14.67 ? 1221 HOH A O     1 
HETATM 559 O  O     . HOH G 4 .  ? -5.194  5.889   2.724   0.50 7.89  ? 1342 HOH A O     1 
HETATM 560 O  O     . HOH G 4 .  ? 4.631   -8.763  -6.993  0.50 15.90 ? 1352 HOH A O     1 
HETATM 561 O  O     . HOH G 4 .  ? 9.021   -4.433  6.499   0.50 11.88 ? 1354 HOH A O     1 
HETATM 562 O  O     . HOH G 4 .  ? -11.355 -3.719  -1.927  0.50 11.51 ? 1403 HOH A O     1 
HETATM 563 O  O     . HOH G 4 .  ? 4.708   -4.668  4.987   0.50 13.79 ? 1405 HOH A O     1 
HETATM 564 O  O     . HOH G 4 .  ? 13.168  5.007   13.829  0.50 11.64 ? 1425 HOH A O     1 
HETATM 565 O  O     . HOH G 4 .  ? -14.005 -6.902  0.649   0.50 12.82 ? 1428 HOH A O     1 
HETATM 566 O  O     . HOH G 4 .  ? -7.773  9.153   -3.943  0.50 16.46 ? 1440 HOH A O     1 
HETATM 567 O  O     . HOH G 4 .  ? -6.717  -4.228  5.446   0.50 16.34 ? 1452 HOH A O     1 
HETATM 568 O  O     . HOH G 4 .  ? -5.360  -10.708 0.519   0.50 15.88 ? 1461 HOH A O     1 
HETATM 569 O  O     . HOH G 4 .  ? -6.468  3.289   6.516   0.50 12.58 ? 2001 HOH A O     1 
HETATM 570 O  O     . HOH G 4 .  ? -6.770  10.731  -2.146  0.50 23.37 ? 2455 HOH A O     1 
HETATM 571 O  O     . HOH H 4 .  ? -0.282  2.368   -1.365  1.00 8.78  ? 303  HOH B O     1 
HETATM 572 O  O     . HOH H 4 .  ? -1.822  1.720   0.940   1.00 8.86  ? 304  HOH B O     1 
HETATM 573 O  O     . HOH H 4 .  ? -0.089  3.268   -6.352  1.00 7.99  ? 308  HOH B O     1 
HETATM 574 O  O     . HOH H 4 .  ? -4.680  3.171   -9.474  1.00 9.69  ? 309  HOH B O     1 
HETATM 575 O  O     . HOH H 4 .  ? -0.501  5.570   2.639   1.00 8.33  ? 311  HOH B O     1 
HETATM 576 O  O     . HOH H 4 .  ? -2.155  4.161   -4.832  1.00 9.92  ? 312  HOH B O     1 
HETATM 577 O  O     . HOH H 4 .  ? -0.892  -0.116  7.227   1.00 11.92 ? 314  HOH B O     1 
HETATM 578 O  O     . HOH H 4 .  ? -14.061 -0.466  -4.010  1.00 6.47  ? 316  HOH B O     1 
HETATM 579 O  O     . HOH H 4 .  ? 2.577   -4.714  -9.363  1.00 9.86  ? 321  HOH B O     1 
HETATM 580 O  O     . HOH H 4 .  ? -0.078  -0.760  2.950   1.00 10.47 ? 322  HOH B O     1 
HETATM 581 O  O     . HOH H 4 .  ? -7.432  3.952   -10.030 1.00 11.49 ? 325  HOH B O     1 
HETATM 582 O  O     . HOH H 4 .  ? -2.710  4.081   5.456   1.00 12.33 ? 326  HOH B O     1 
HETATM 583 O  O     . HOH H 4 .  ? 7.535   -0.895  -5.495  1.00 8.73  ? 327  HOH B O     1 
HETATM 584 O  O     . HOH H 4 .  ? 0.321   3.096   1.596   1.00 7.47  ? 330  HOH B O     1 
HETATM 585 O  O     . HOH H 4 .  ? 1.611   5.391   -6.849  1.00 9.39  ? 332  HOH B O     1 
HETATM 586 O  O     . HOH H 4 .  ? 0.043   5.266   -1.110  1.00 8.44  ? 337  HOH B O     1 
HETATM 587 O  O     . HOH H 4 .  ? -15.798 -2.980  -11.282 1.00 13.45 ? 339  HOH B O     1 
HETATM 588 O  O     . HOH H 4 .  ? 0.191   3.801   -10.107 1.00 14.26 ? 340  HOH B O     1 
HETATM 589 O  O     . HOH H 4 .  ? -2.012  -0.020  4.747   1.00 10.53 ? 344  HOH B O     1 
HETATM 590 O  O     . HOH H 4 .  ? -4.109  2.951   -12.068 1.00 13.32 ? 347  HOH B O     1 
HETATM 591 O  O     . HOH H 4 .  ? -4.521  4.222   -6.343  1.00 15.57 ? 348  HOH B O     1 
HETATM 592 O  O     . HOH H 4 .  ? 1.017   9.773   -2.341  1.00 15.80 ? 350  HOH B O     1 
HETATM 593 O  O     . HOH H 4 .  ? -5.338  0.109   -18.006 1.00 10.64 ? 351  HOH B O     1 
HETATM 594 O  O     . HOH H 4 .  ? -2.034  4.520   -8.805  1.00 23.27 ? 356  HOH B O     1 
HETATM 595 O  O     . HOH H 4 .  ? 4.867   -2.314  -7.927  1.00 15.72 ? 357  HOH B O     1 
HETATM 596 O  O     . HOH H 4 .  ? 0.751   7.136   -3.223  1.00 10.64 ? 360  HOH B O     1 
HETATM 597 O  O     . HOH H 4 .  ? -14.121 -5.012  -12.309 1.00 29.37 ? 362  HOH B O     1 
HETATM 598 O  O     . HOH H 4 .  ? -6.896  2.696   9.529   1.00 21.18 ? 363  HOH B O     1 
HETATM 599 O  O     . HOH H 4 .  ? 9.064   3.198   -10.038 1.00 30.08 ? 366  HOH B O     1 
HETATM 600 O  O     . HOH H 4 .  ? -6.559  -2.034  -19.137 1.00 12.87 ? 367  HOH B O     1 
HETATM 601 O  O     . HOH H 4 .  ? -1.714  6.757   -4.444  1.00 18.67 ? 369  HOH B O     1 
HETATM 602 O  O     . HOH H 4 .  ? 6.376   -2.549  -10.226 1.00 29.16 ? 371  HOH B O     1 
HETATM 603 O  O     . HOH H 4 .  ? 0.840   -3.245  3.905   1.00 20.49 ? 372  HOH B O     1 
HETATM 604 O  O     . HOH H 4 .  ? -7.823  1.841   -11.860 1.00 11.34 ? 378  HOH B O     1 
HETATM 605 O  O     . HOH H 4 .  ? 1.989   5.049   -13.299 1.00 15.89 ? 382  HOH B O     1 
HETATM 606 O  O     . HOH H 4 .  ? -1.905  4.239   -13.101 1.00 17.88 ? 383  HOH B O     1 
HETATM 607 O  O     . HOH H 4 .  ? 1.373   -2.183  6.493   1.00 21.49 ? 384  HOH B O     1 
HETATM 608 O  O     . HOH H 4 .  ? -0.119  -3.235  8.590   1.00 27.35 ? 385  HOH B O     1 
HETATM 609 O  O     . HOH H 4 .  ? 2.946   -4.618  9.953   1.00 44.87 ? 386  HOH B O     1 
HETATM 610 O  O     . HOH H 4 .  ? -3.919  7.246   4.810   0.50 7.83  ? 387  HOH B O     1 
HETATM 611 O  O     . HOH H 4 .  ? -8.185  1.287   13.041  1.00 24.72 ? 391  HOH B O     1 
HETATM 612 O  O     . HOH H 4 .  ? 6.531   4.046   -13.267 1.00 47.84 ? 392  HOH B O     1 
HETATM 613 O  O     . HOH H 4 .  ? -1.040  6.740   -7.091  1.00 46.29 ? 393  HOH B O     1 
HETATM 614 O  O     . HOH H 4 .  ? -10.204 2.273   9.204   1.00 26.17 ? 394  HOH B O     1 
HETATM 615 O  O     . HOH H 4 .  ? -2.888  0.292   -19.042 1.00 32.68 ? 395  HOH B O     1 
HETATM 616 O  O     . HOH H 4 .  ? -5.515  6.125   6.543   1.00 46.97 ? 396  HOH B O     1 
HETATM 617 O  O     . HOH H 4 .  ? 4.710   6.859   10.333  0.50 9.59  ? 400  HOH B O     1 
HETATM 618 O  O     . HOH H 4 .  ? 4.234   -3.934  -11.461 0.50 11.67 ? 406  HOH B O     1 
HETATM 619 O  O     . HOH H 4 .  ? -4.812  -2.040  -21.327 0.50 15.62 ? 417  HOH B O     1 
HETATM 620 O  O     . HOH H 4 .  ? 3.742   -2.823  -13.776 0.50 18.89 ? 422  HOH B O     1 
HETATM 621 O  O     . HOH H 4 .  ? 1.364   8.820   -6.395  0.50 17.58 ? 429  HOH B O     1 
HETATM 622 O  O     . HOH H 4 .  ? -4.428  -3.610  9.430   0.50 14.39 ? 432  HOH B O     1 
HETATM 623 O  O     . HOH H 4 .  ? -8.883  6.225   -11.004 0.50 14.64 ? 445  HOH B O     1 
HETATM 624 O  O     . HOH H 4 .  ? -4.397  5.826   -12.143 0.50 24.79 ? 446  HOH B O     1 
HETATM 625 O  O     . HOH H 4 .  ? 5.139   6.050   9.219   0.50 13.20 ? 447  HOH B O     1 
HETATM 626 O  O     . HOH H 4 .  ? 5.158   6.294   7.835   0.50 13.17 ? 448  HOH B O     1 
HETATM 627 O  O     . HOH H 4 .  ? -1.250  11.032  -2.800  0.50 21.12 ? 449  HOH B O     1 
HETATM 628 O  O     . HOH H 4 .  ? 3.357   10.560  -3.941  0.50 22.33 ? 450  HOH B O     1 
HETATM 629 O  O     . HOH H 4 .  ? -1.224  -7.616  10.157  0.50 19.70 ? 455  HOH B O     1 
HETATM 630 O  O     . HOH H 4 .  ? -2.967  -6.961  11.639  0.50 21.97 ? 456  HOH B O     1 
HETATM 631 O  O     . HOH H 4 .  ? -2.669  2.636   7.789   0.50 14.78 ? 457  HOH B O     1 
HETATM 632 O  O     . HOH H 4 .  ? -5.642  2.421   6.072   0.50 12.42 ? 458  HOH B O     1 
HETATM 633 O  O     . HOH H 4 .  ? -10.740 1.351   11.596  0.50 21.05 ? 469  HOH B O     1 
HETATM 634 O  O     . HOH H 4 .  ? -0.242  0.173   -17.714 0.50 16.20 ? 470  HOH B O     1 
HETATM 635 O  O     . HOH H 4 .  ? -2.967  -6.849  15.064  0.50 14.64 ? 471  HOH B O     1 
HETATM 636 O  O     . HOH H 4 .  ? 0.377   7.243   -12.976 0.50 73.37 ? 481  HOH B O     1 
HETATM 637 O  O     . HOH H 4 .  ? 1.066   -6.149  10.807  0.50 57.91 ? 482  HOH B O     1 
HETATM 638 O  O     . HOH H 4 .  ? -10.515 -6.091  17.135  0.50 23.10 ? 485  HOH B O     1 
HETATM 639 O  O     . HOH H 4 .  ? -8.654  -1.290  14.220  0.50 30.56 ? 486  HOH B O     1 
HETATM 640 O  O     . HOH H 4 .  ? -0.961  -5.183  4.126   0.50 57.91 ? 493  HOH B O     1 
HETATM 641 O  O     . HOH H 4 .  ? 3.140   0.081   -15.745 0.50 28.24 ? 496  HOH B O     1 
HETATM 642 O  O     . HOH H 4 .  ? -7.816  8.023   6.041   0.50 18.10 ? 1222 HOH B O     1 
HETATM 643 O  O     . HOH H 4 .  ? 2.336   7.648   -9.717  0.50 15.19 ? 1302 HOH B O     1 
HETATM 644 O  O     . HOH H 4 .  ? 4.742   7.830   -11.657 0.50 14.09 ? 1303 HOH B O     1 
HETATM 645 O  O     . HOH H 4 .  ? 4.837   8.324   -8.714  0.50 12.41 ? 1304 HOH B O     1 
HETATM 646 O  O     . HOH H 4 .  ? 2.899   9.919   -11.656 0.50 14.08 ? 1305 HOH B O     1 
HETATM 647 O  O     . HOH H 4 .  ? 4.974   10.805  -10.493 0.50 19.62 ? 1306 HOH B O     1 
HETATM 648 O  O     . HOH H 4 .  ? 2.968   10.234  -8.715  0.50 21.84 ? 1307 HOH B O     1 
HETATM 649 O  O     . HOH H 4 .  ? -3.241  0.927   8.203   0.50 8.70  ? 1355 HOH B O     1 
HETATM 650 O  O     . HOH H 4 .  ? -8.398  -1.306  9.815   0.50 28.02 ? 1398 HOH B O     1 
# 
loop_
_atom_site_anisotrop.id 
_atom_site_anisotrop.type_symbol 
_atom_site_anisotrop.pdbx_label_atom_id 
_atom_site_anisotrop.pdbx_label_alt_id 
_atom_site_anisotrop.pdbx_label_comp_id 
_atom_site_anisotrop.pdbx_label_asym_id 
_atom_site_anisotrop.pdbx_label_seq_id 
_atom_site_anisotrop.pdbx_PDB_ins_code 
_atom_site_anisotrop.U[1][1] 
_atom_site_anisotrop.U[2][2] 
_atom_site_anisotrop.U[3][3] 
_atom_site_anisotrop.U[1][2] 
_atom_site_anisotrop.U[1][3] 
_atom_site_anisotrop.U[2][3] 
_atom_site_anisotrop.pdbx_auth_seq_id 
_atom_site_anisotrop.pdbx_auth_comp_id 
_atom_site_anisotrop.pdbx_auth_asym_id 
_atom_site_anisotrop.pdbx_auth_atom_id 
1   O  "O5'" A DG  A 1  ? 0.1147 0.1785 0.2097 -0.0542 -0.0117 -0.0534 1    DG  A "O5'" 
2   O  "O5'" B DG  A 1  ? 0.1580 0.0855 0.1683 -0.0298 -0.0393 -0.0264 1    DG  A "O5'" 
3   C  "C5'" . DG  A 1  ? 0.1386 0.0982 0.1557 -0.0195 -0.0151 -0.0182 1    DG  A "C5'" 
4   C  "C4'" . DG  A 1  ? 0.0926 0.0977 0.1012 0.0035  0.0016  -0.0258 1    DG  A "C4'" 
5   O  "O4'" . DG  A 1  ? 0.1001 0.0824 0.1176 -0.0073 -0.0032 -0.0121 1    DG  A "O4'" 
6   C  "C3'" . DG  A 1  ? 0.0843 0.0946 0.0881 0.0052  0.0027  -0.0113 1    DG  A "C3'" 
7   O  "O3'" . DG  A 1  ? 0.0825 0.1118 0.0900 0.0002  -0.0079 -0.0314 1    DG  A "O3'" 
8   C  "C2'" . DG  A 1  ? 0.0744 0.0851 0.0815 0.0009  0.0055  -0.0124 1    DG  A "C2'" 
9   C  "C1'" . DG  A 1  ? 0.0743 0.1077 0.0890 0.0017  0.0023  -0.0204 1    DG  A "C1'" 
10  N  N9    . DG  A 1  ? 0.0799 0.0893 0.1005 -0.0053 0.0034  -0.0110 1    DG  A N9    
11  C  C8    . DG  A 1  ? 0.0947 0.1178 0.1121 -0.0312 0.0018  -0.0077 1    DG  A C8    
12  N  N7    . DG  A 1  ? 0.0829 0.1408 0.0993 -0.0327 0.0019  -0.0022 1    DG  A N7    
13  C  C5    . DG  A 1  ? 0.0812 0.0882 0.0906 -0.0051 -0.0052 -0.0033 1    DG  A C5    
14  C  C6    . DG  A 1  ? 0.0744 0.1006 0.0937 0.0073  -0.0026 0.0080  1    DG  A C6    
15  O  O6    . DG  A 1  ? 0.0886 0.1269 0.0951 -0.0227 0.0145  -0.0014 1    DG  A O6    
16  N  N1    . DG  A 1  ? 0.0690 0.0832 0.0784 0.0013  -0.0016 -0.0042 1    DG  A N1    
17  C  C2    . DG  A 1  ? 0.0663 0.0736 0.0837 0.0058  -0.0002 0.0016  1    DG  A C2    
18  N  N2    . DG  A 1  ? 0.0851 0.0736 0.0808 -0.0063 0.0105  -0.0094 1    DG  A N2    
19  N  N3    . DG  A 1  ? 0.0714 0.0763 0.0857 0.0003  0.0014  -0.0103 1    DG  A N3    
20  C  C4    . DG  A 1  ? 0.0704 0.0764 0.0963 -0.0076 -0.0013 0.0033  1    DG  A C4    
21  P  P     . DC  A 2  ? 0.0798 0.1080 0.0846 0.0008  -0.0133 -0.0215 2    DC  A P     
22  O  OP1   . DC  A 2  ? 0.1306 0.1433 0.0868 0.0128  -0.0082 -0.0238 2    DC  A OP1   
23  O  OP2   . DC  A 2  ? 0.0786 0.1191 0.1134 0.0025  -0.0176 -0.0188 2    DC  A OP2   
24  O  "O5'" . DC  A 2  ? 0.0686 0.1067 0.0783 0.0002  0.0108  -0.0158 2    DC  A "O5'" 
25  C  "C5'" . DC  A 2  ? 0.0742 0.0889 0.0730 -0.0053 0.0101  -0.0157 2    DC  A "C5'" 
26  C  "C4'" . DC  A 2  ? 0.0542 0.0926 0.0757 0.0051  0.0060  -0.0164 2    DC  A "C4'" 
27  O  "O4'" . DC  A 2  ? 0.0616 0.0821 0.0707 0.0048  -0.0013 -0.0106 2    DC  A "O4'" 
28  C  "C3'" . DC  A 2  ? 0.0565 0.0919 0.0748 0.0044  0.0071  -0.0069 2    DC  A "C3'" 
29  O  "O3'" . DC  A 2  ? 0.0700 0.0915 0.0744 0.0148  0.0119  0.0051  2    DC  A "O3'" 
30  C  "C2'" . DC  A 2  ? 0.0674 0.0862 0.0713 0.0037  0.0037  -0.0093 2    DC  A "C2'" 
31  C  "C1'" . DC  A 2  ? 0.0514 0.0814 0.0710 0.0036  0.0015  -0.0072 2    DC  A "C1'" 
32  N  N1    . DC  A 2  ? 0.0496 0.0792 0.0704 0.0078  -0.0002 -0.0115 2    DC  A N1    
33  C  C2    . DC  A 2  ? 0.0486 0.0778 0.0798 0.0029  -0.0076 -0.0026 2    DC  A C2    
34  O  O2    . DC  A 2  ? 0.0607 0.0798 0.0732 -0.0051 -0.0004 -0.0146 2    DC  A O2    
35  N  N3    . DC  A 2  ? 0.0530 0.0727 0.0671 -0.0022 -0.0005 -0.0030 2    DC  A N3    
36  C  C4    . DC  A 2  ? 0.0569 0.0714 0.0749 -0.0053 -0.0051 -0.0067 2    DC  A C4    
37  N  N4    . DC  A 2  ? 0.0745 0.0874 0.0782 -0.0235 0.0043  -0.0144 2    DC  A N4    
38  C  C5    . DC  A 2  ? 0.0591 0.0888 0.0826 -0.0060 -0.0053 -0.0243 2    DC  A C5    
39  C  C6    . DC  A 2  ? 0.0674 0.0776 0.0761 -0.0015 0.0057  -0.0140 2    DC  A C6    
40  P  P     . DG  A 3  ? 0.0678 0.1037 0.0733 0.0143  0.0063  0.0030  3    DG  A P     
41  O  OP1   . DG  A 3  ? 0.0957 0.1326 0.0870 0.0223  0.0205  0.0187  3    DG  A OP1   
42  O  OP2   . DG  A 3  ? 0.0735 0.1298 0.0803 0.0179  -0.0001 -0.0067 3    DG  A OP2   
43  O  "O5'" . DG  A 3  ? 0.0772 0.0940 0.0892 0.0139  0.0009  -0.0042 3    DG  A "O5'" 
44  C  "C5'" . DG  A 3  ? 0.0671 0.0900 0.0767 0.0070  0.0019  0.0024  3    DG  A "C5'" 
45  C  "C4'" . DG  A 3  ? 0.0579 0.0897 0.0796 0.0049  0.0127  0.0112  3    DG  A "C4'" 
46  O  "O4'" . DG  A 3  ? 0.0863 0.0971 0.0799 0.0242  0.0238  0.0091  3    DG  A "O4'" 
47  C  "C3'" . DG  A 3  ? 0.0779 0.0837 0.0731 0.0087  0.0190  0.0065  3    DG  A "C3'" 
48  O  "O3'" . DG  A 3  ? 0.0948 0.0811 0.0894 0.0028  0.0302  0.0011  3    DG  A "O3'" 
49  C  "C2'" . DG  A 3  ? 0.0690 0.0952 0.0733 -0.0036 0.0102  -0.0019 3    DG  A "C2'" 
50  C  "C1'" . DG  A 3  ? 0.0611 0.1390 0.0688 0.0038  0.0114  -0.0038 3    DG  A "C1'" 
51  N  N9    . DG  A 3  ? 0.0600 0.0840 0.0675 0.0089  -0.0023 -0.0018 3    DG  A N9    
52  C  C8    . DG  A 3  ? 0.0719 0.0991 0.0649 0.0225  0.0005  -0.0098 3    DG  A C8    
53  N  N7    . DG  A 3  ? 0.0689 0.0912 0.0639 0.0146  0.0005  -0.0006 3    DG  A N7    
54  C  C5    . DG  A 3  ? 0.0632 0.0783 0.0676 0.0034  -0.0079 -0.0030 3    DG  A C5    
55  C  C6    . DG  A 3  ? 0.0555 0.0841 0.0629 0.0066  -0.0058 -0.0023 3    DG  A C6    
56  O  O6    . DG  A 3  ? 0.0820 0.0816 0.0801 -0.0110 -0.0031 -0.0096 3    DG  A O6    
57  N  N1    . DG  A 3  ? 0.0578 0.0810 0.0617 -0.0016 -0.0068 0.0015  3    DG  A N1    
58  C  C2    . DG  A 3  ? 0.0498 0.0763 0.0654 -0.0005 -0.0070 -0.0023 3    DG  A C2    
59  N  N2    . DG  A 3  ? 0.0543 0.0847 0.0713 -0.0090 -0.0025 -0.0063 3    DG  A N2    
60  N  N3    . DG  A 3  ? 0.0541 0.0784 0.0672 0.0072  -0.0080 -0.0021 3    DG  A N3    
61  C  C4    . DG  A 3  ? 0.0542 0.0778 0.0645 0.0052  -0.0044 0.0018  3    DG  A C4    
62  P  P     . DT  A 4  ? 0.1027 0.0791 0.0824 0.0096  0.0186  0.0067  4    DT  A P     
63  O  OP1   . DT  A 4  ? 0.1457 0.0849 0.1050 0.0102  0.0380  0.0156  4    DT  A OP1   
64  O  OP2   . DT  A 4  ? 0.1347 0.1007 0.0891 0.0345  -0.0187 -0.0032 4    DT  A OP2   
65  O  "O5'" . DT  A 4  ? 0.0747 0.0809 0.0859 -0.0074 0.0177  -0.0075 4    DT  A "O5'" 
66  C  "C5'" . DT  A 4  ? 0.0664 0.0840 0.0926 -0.0087 0.0125  0.0041  4    DT  A "C5'" 
67  C  "C4'" . DT  A 4  ? 0.0788 0.0744 0.0801 -0.0211 0.0078  -0.0023 4    DT  A "C4'" 
68  O  "O4'" . DT  A 4  ? 0.0580 0.0810 0.0831 -0.0102 0.0071  -0.0035 4    DT  A "O4'" 
69  C  "C3'" . DT  A 4  ? 0.0706 0.0623 0.0934 -0.0073 0.0121  -0.0091 4    DT  A "C3'" 
70  O  "O3'" . DT  A 4  ? 0.0804 0.0688 0.1168 -0.0059 0.0227  -0.0053 4    DT  A "O3'" 
71  C  "C2'" . DT  A 4  ? 0.0699 0.0696 0.0822 -0.0093 0.0141  -0.0091 4    DT  A "C2'" 
72  C  "C1'" . DT  A 4  ? 0.0574 0.0741 0.0774 -0.0194 0.0063  -0.0058 4    DT  A "C1'" 
73  N  N1    . DT  A 4  ? 0.0509 0.0681 0.0664 -0.0073 0.0010  -0.0037 4    DT  A N1    
74  C  C2    . DT  A 4  ? 0.0546 0.0619 0.0693 0.0025  0.0020  0.0030  4    DT  A C2    
75  O  O2    . DT  A 4  ? 0.0607 0.0790 0.0680 -0.0060 0.0032  -0.0082 4    DT  A O2    
76  N  N3    . DT  A 4  ? 0.0483 0.0713 0.0698 -0.0076 0.0005  -0.0020 4    DT  A N3    
77  C  C4    . DT  A 4  ? 0.0563 0.0681 0.0682 0.0008  -0.0079 0.0008  4    DT  A C4    
78  O  O4    . DT  A 4  ? 0.0651 0.0675 0.0648 -0.0040 -0.0040 -0.0009 4    DT  A O4    
79  C  C5    . DT  A 4  ? 0.0498 0.0754 0.0754 0.0009  -0.0009 0.0028  4    DT  A C5    
80  C  C7    . DT  A 4  ? 0.0719 0.0829 0.0629 -0.0097 -0.0018 -0.0002 4    DT  A C7    
81  C  C6    . DT  A 4  ? 0.0581 0.0678 0.0617 0.0016  0.0009  0.0050  4    DT  A C6    
82  P  P     . DA  A 5  ? 0.0998 0.0664 0.1114 0.0078  0.0279  0.0109  5    DA  A P     
83  O  OP1   . DA  A 5  ? 0.1212 0.0703 0.1969 0.0107  0.0635  0.0378  5    DA  A OP1   
84  O  OP2   . DA  A 5  ? 0.1380 0.1067 0.0911 0.0369  0.0131  0.0161  5    DA  A OP2   
85  O  "O5'" . DA  A 5  ? 0.0848 0.0773 0.0934 -0.0112 0.0028  -0.0034 5    DA  A "O5'" 
86  C  "C5'" . DA  A 5  ? 0.1096 0.0656 0.0969 0.0012  -0.0203 -0.0039 5    DA  A "C5'" 
87  C  "C4'" . DA  A 5  ? 0.0812 0.0599 0.0967 -0.0099 -0.0208 0.0053  5    DA  A "C4'" 
88  O  "O4'" . DA  A 5  ? 0.0698 0.0667 0.0978 -0.0127 -0.0198 -0.0003 5    DA  A "O4'" 
89  C  "C3'" . DA  A 5  ? 0.0868 0.0611 0.1054 -0.0031 -0.0198 0.0025  5    DA  A "C3'" 
90  O  "O3'" . DA  A 5  ? 0.0936 0.0598 0.1527 -0.0006 -0.0227 -0.0089 5    DA  A "O3'" 
91  C  "C2'" . DA  A 5  ? 0.0744 0.0668 0.1130 -0.0087 -0.0123 -0.0064 5    DA  A "C2'" 
92  C  "C1'" . DA  A 5  ? 0.0729 0.0666 0.0876 -0.0115 -0.0092 -0.0048 5    DA  A "C1'" 
93  N  N9    . DA  A 5  ? 0.0603 0.0607 0.0819 -0.0053 -0.0113 0.0007  5    DA  A N9    
94  C  C8    . DA  A 5  ? 0.0688 0.0647 0.0849 -0.0138 -0.0111 0.0091  5    DA  A C8    
95  N  N7    . DA  A 5  ? 0.0576 0.0628 0.0863 -0.0013 -0.0032 0.0011  5    DA  A N7    
96  C  C5    . DA  A 5  ? 0.0574 0.0693 0.0777 -0.0081 -0.0152 0.0096  5    DA  A C5    
97  C  C6    . DA  A 5  ? 0.0580 0.0691 0.0735 0.0001  -0.0188 0.0036  5    DA  A C6    
98  N  N6    . DA  A 5  ? 0.0658 0.0623 0.0751 -0.0067 -0.0010 0.0022  5    DA  A N6    
99  N  N1    . DA  A 5  ? 0.0574 0.0681 0.0816 -0.0140 -0.0114 0.0083  5    DA  A N1    
100 C  C2    . DA  A 5  ? 0.0648 0.0727 0.0704 -0.0080 -0.0030 0.0033  5    DA  A C2    
101 N  N3    . DA  A 5  ? 0.0664 0.0711 0.0829 -0.0054 -0.0055 -0.0006 5    DA  A N3    
102 C  C4    . DA  A 5  ? 0.0578 0.0584 0.0758 -0.0077 -0.0026 0.0022  5    DA  A C4    
103 P  P     . T23 A 6  ? 0.1033 0.0685 0.1641 -0.0006 -0.0445 0.0167  6    T23 A P     
104 O  OP1   . T23 A 6  ? 0.1337 0.0787 0.2569 0.0198  -0.0567 0.0252  6    T23 A OP1   
105 O  OP2   . T23 A 6  ? 0.1303 0.0920 0.1569 -0.0069 -0.0443 0.0245  6    T23 A OP2   
106 O  "O5'" . T23 A 6  ? 0.0808 0.0788 0.1424 0.0070  -0.0255 -0.0118 6    T23 A "O5'" 
107 N  N1    . T23 A 6  ? 0.0688 0.0703 0.0910 -0.0012 -0.0067 -0.0058 6    T23 A N1    
108 C  C6    . T23 A 6  ? 0.0810 0.0701 0.0935 0.0006  -0.0226 0.0033  6    T23 A C6    
109 C  C2    . T23 A 6  ? 0.0569 0.0651 0.0867 0.0026  -0.0054 -0.0006 6    T23 A C2    
110 O  O2    . T23 A 6  ? 0.0727 0.0741 0.1029 -0.0049 -0.0027 -0.0008 6    T23 A O2    
111 N  N3    . T23 A 6  ? 0.0643 0.0593 0.0887 0.0016  -0.0102 0.0050  6    T23 A N3    
112 C  C4    . T23 A 6  ? 0.0567 0.0830 0.0732 0.0082  -0.0113 0.0016  6    T23 A C4    
113 O  O4    . T23 A 6  ? 0.0689 0.0819 0.0865 -0.0017 -0.0068 0.0006  6    T23 A O4    
114 C  C5    . T23 A 6  ? 0.0634 0.0666 0.0887 -0.0048 -0.0132 0.0040  6    T23 A C5    
115 C  C5M   . T23 A 6  ? 0.0748 0.0811 0.0996 0.0018  -0.0029 0.0083  6    T23 A C5M   
116 C  "C2'" . T23 A 6  ? 0.0741 0.0709 0.1071 0.0053  0.0047  -0.0100 6    T23 A "C2'" 
117 O  "O2'" . T23 A 6  ? 0.0871 0.0997 0.1256 -0.0004 0.0099  -0.0193 6    T23 A "O2'" 
118 C  C2M   . T23 A 6  ? 0.1090 0.1011 0.1136 -0.0132 0.0081  -0.0011 6    T23 A C2M   
119 C  "C5'" . T23 A 6  ? 0.0974 0.0657 0.1715 0.0071  -0.0401 -0.0354 6    T23 A "C5'" 
120 C  "C4'" . T23 A 6  ? 0.0971 0.0778 0.1220 0.0032  -0.0201 -0.0297 6    T23 A "C4'" 
121 O  "O4'" . T23 A 6  ? 0.0726 0.0784 0.1113 0.0062  -0.0156 -0.0159 6    T23 A "O4'" 
122 C  "C1'" . T23 A 6  ? 0.0842 0.0755 0.0876 0.0024  -0.0048 -0.0040 6    T23 A "C1'" 
123 C  "C3'" . T23 A 6  ? 0.0777 0.0642 0.1134 -0.0013 -0.0168 -0.0150 6    T23 A "C3'" 
124 C  C3M   . T23 A 6  ? 0.0834 0.0665 0.1405 0.0082  -0.0167 -0.0128 6    T23 A C3M   
125 P  P     . DA  A 7  ? 0.0955 0.0697 0.1384 0.0085  -0.0302 -0.0020 7    DA  A P     
126 O  OP1   . DA  A 7  ? 0.1272 0.0794 0.2030 0.0270  -0.0687 -0.0043 7    DA  A OP1   
127 O  OP2   . DA  A 7  ? 0.1232 0.1002 0.1428 -0.0078 -0.0245 0.0160  7    DA  A OP2   
128 O  "O5'" A DA  A 7  ? 0.1245 0.0492 0.0854 0.0266  -0.0243 -0.0039 7    DA  A "O5'" 
129 O  "O5'" B DA  A 7  ? 0.0485 0.1176 0.1965 -0.0177 -0.0210 -0.0285 7    DA  A "O5'" 
130 C  "C5'" A DA  A 7  ? 0.0350 0.0514 0.1795 0.0037  0.0011  -0.0384 7    DA  A "C5'" 
131 C  "C5'" B DA  A 7  ? 0.6625 0.1054 0.2464 -0.0546 -0.3315 0.0141  7    DA  A "C5'" 
132 C  "C4'" A DA  A 7  ? 0.0964 0.0654 0.0832 -0.0163 -0.0306 -0.0125 7    DA  A "C4'" 
133 C  "C4'" B DA  A 7  ? 0.0740 0.0918 0.1237 0.0096  -0.0139 -0.0220 7    DA  A "C4'" 
134 O  "O4'" A DA  A 7  ? 0.0517 0.0599 0.0683 -0.0017 0.0017  -0.0218 7    DA  A "O4'" 
135 O  "O4'" B DA  A 7  ? 0.1048 0.0557 0.1002 -0.0079 -0.0268 0.0032  7    DA  A "O4'" 
136 C  "C3'" A DA  A 7  ? 0.0818 0.0688 0.0735 0.0019  -0.0332 -0.0056 7    DA  A "C3'" 
137 C  "C3'" B DA  A 7  ? 0.0895 0.0688 0.2588 0.0062  -0.0080 -0.0388 7    DA  A "C3'" 
138 O  "O3'" A DA  A 7  ? 0.0810 0.0676 0.0793 0.0227  -0.0272 -0.0241 7    DA  A "O3'" 
139 O  "O3'" B DA  A 7  ? 0.0908 0.1944 0.1718 0.0457  -0.0360 -0.0856 7    DA  A "O3'" 
140 C  "C2'" A DA  A 7  ? 0.0875 0.0399 0.0490 -0.0062 -0.0140 -0.0027 7    DA  A "C2'" 
141 C  "C2'" B DA  A 7  ? 0.0711 0.1436 0.2051 0.0132  0.0046  -0.0140 7    DA  A "C2'" 
142 C  "C1'" A DA  A 7  ? 0.0833 0.0509 0.0801 -0.0054 0.0045  -0.0418 7    DA  A "C1'" 
143 C  "C1'" B DA  A 7  ? 0.0748 0.1520 0.0963 -0.0138 0.0032  0.0698  7    DA  A "C1'" 
144 N  N9    . DA  A 7  ? 0.0778 0.0657 0.0713 -0.0008 -0.0025 0.0000  7    DA  A N9    
145 C  C8    . DA  A 7  ? 0.0775 0.0692 0.0877 -0.0020 -0.0115 -0.0062 7    DA  A C8    
146 N  N7    . DA  A 7  ? 0.0826 0.0688 0.0981 -0.0025 -0.0113 0.0030  7    DA  A N7    
147 C  C5    . DA  A 7  ? 0.0697 0.0693 0.0777 0.0015  -0.0109 0.0010  7    DA  A C5    
148 C  C6    . DA  A 7  ? 0.0759 0.0775 0.0783 0.0007  -0.0145 0.0075  7    DA  A C6    
149 N  N6    . DA  A 7  ? 0.0713 0.0759 0.1224 0.0040  -0.0142 0.0047  7    DA  A N6    
150 N  N1    . DA  A 7  ? 0.0812 0.0709 0.0777 0.0037  -0.0147 0.0052  7    DA  A N1    
151 C  C2    . DA  A 7  ? 0.0874 0.0629 0.0836 -0.0067 -0.0053 0.0040  7    DA  A C2    
152 N  N3    . DA  A 7  ? 0.0926 0.0700 0.0762 0.0017  0.0006  -0.0009 7    DA  A N3    
153 C  C4    . DA  A 7  ? 0.0819 0.0666 0.0682 -0.0003 -0.0140 -0.0032 7    DA  A C4    
154 P  P     A DC  A 8  ? 0.1298 0.0627 0.0859 0.0080  -0.0338 0.0076  8    DC  A P     
155 P  P     B DC  A 8  ? 0.1264 0.1141 0.1591 0.0305  -0.0438 -0.0415 8    DC  A P     
156 O  OP1   A DC  A 8  ? 0.2053 0.1068 0.1152 0.0836  -0.0819 -0.0258 8    DC  A OP1   
157 O  OP1   B DC  A 8  ? 0.1461 0.1586 0.1821 0.0316  -0.0691 -0.0480 8    DC  A OP1   
158 O  OP2   A DC  A 8  ? 0.2270 0.0934 0.1064 -0.0544 -0.0344 0.0417  8    DC  A OP2   
159 O  OP2   B DC  A 8  ? 0.1491 0.1209 0.1088 0.0070  -0.0416 0.0046  8    DC  A OP2   
160 O  "O5'" A DC  A 8  ? 0.0972 0.0663 0.0508 -0.0024 -0.0131 -0.0022 8    DC  A "O5'" 
161 O  "O5'" B DC  A 8  ? 0.0930 0.1196 0.1631 -0.0077 0.0121  -0.0303 8    DC  A "O5'" 
162 C  "C5'" A DC  A 8  ? 0.1397 0.0959 0.0666 -0.0102 0.0331  -0.0415 8    DC  A "C5'" 
163 C  "C5'" B DC  A 8  ? 0.1006 0.2288 0.1190 0.0790  -0.0531 -0.1139 8    DC  A "C5'" 
164 C  "C4'" A DC  A 8  ? 0.0737 0.0848 0.0611 0.0050  0.0016  -0.0291 8    DC  A "C4'" 
165 C  "C4'" B DC  A 8  ? 0.0777 0.1716 0.0772 0.0338  -0.0059 -0.0224 8    DC  A "C4'" 
166 O  "O4'" A DC  A 8  ? 0.0511 0.1066 0.0592 0.0069  -0.0061 -0.0362 8    DC  A "O4'" 
167 O  "O4'" B DC  A 8  ? 0.1420 0.0893 0.0667 0.0109  0.0248  0.0199  8    DC  A "O4'" 
168 C  "C3'" A DC  A 8  ? 0.0664 0.0876 0.0433 0.0019  -0.0194 -0.0133 8    DC  A "C3'" 
169 C  "C3'" B DC  A 8  ? 0.0786 0.0772 0.0790 0.0040  0.0295  0.0107  8    DC  A "C3'" 
170 O  "O3'" A DC  A 8  ? 0.0688 0.0723 0.0489 -0.0028 -0.0204 -0.0160 8    DC  A "O3'" 
171 O  "O3'" B DC  A 8  ? 0.0798 0.1120 0.1211 0.0102  0.0345  0.0116  8    DC  A "O3'" 
172 C  "C2'" A DC  A 8  ? 0.0703 0.0863 0.0600 -0.0148 -0.0143 -0.0076 8    DC  A "C2'" 
173 C  "C2'" B DC  A 8  ? 0.0658 0.0696 0.0323 0.0095  0.0139  -0.0104 8    DC  A "C2'" 
174 C  "C1'" A DC  A 8  ? 0.0497 0.1155 0.0782 0.0141  0.0299  -0.0001 8    DC  A "C1'" 
175 C  "C1'" B DC  A 8  ? 0.0744 0.0688 0.0495 -0.0084 -0.0173 -0.0014 8    DC  A "C1'" 
176 N  N1    . DC  A 8  ? 0.0763 0.0826 0.0661 -0.0074 -0.0032 0.0059  8    DC  A N1    
177 C  C2    . DC  A 8  ? 0.0710 0.0791 0.0792 0.0032  -0.0080 0.0060  8    DC  A C2    
178 O  O2    . DC  A 8  ? 0.0703 0.0788 0.1040 0.0047  -0.0026 0.0014  8    DC  A O2    
179 N  N3    . DC  A 8  ? 0.0698 0.0904 0.0832 -0.0023 -0.0119 -0.0005 8    DC  A N3    
180 C  C4    . DC  A 8  ? 0.0934 0.0824 0.0846 -0.0055 -0.0007 0.0017  8    DC  A C4    
181 N  N4    . DC  A 8  ? 0.1016 0.1078 0.1312 -0.0394 0.0049  -0.0182 8    DC  A N4    
182 C  C5    . DC  A 8  ? 0.1113 0.0885 0.0900 -0.0152 0.0169  -0.0084 8    DC  A C5    
183 C  C6    . DC  A 8  ? 0.1051 0.0866 0.0702 -0.0024 0.0003  0.0067  8    DC  A C6    
184 P  P     . DG  A 9  ? 0.0838 0.0861 0.0689 0.0113  -0.0043 0.0012  9    DG  A P     
185 O  OP1   . DG  A 9  ? 0.0845 0.1368 0.0853 0.0220  -0.0251 -0.0133 9    DG  A OP1   
186 O  OP2   . DG  A 9  ? 0.1354 0.0899 0.0890 0.0086  0.0109  0.0115  9    DG  A OP2   
187 O  "O5'" . DG  A 9  ? 0.0698 0.0853 0.0683 -0.0021 0.0073  -0.0020 9    DG  A "O5'" 
188 C  "C5'" . DG  A 9  ? 0.0526 0.0935 0.0609 -0.0054 0.0065  0.0045  9    DG  A "C5'" 
189 C  "C4'" . DG  A 9  ? 0.0592 0.0862 0.0596 -0.0005 0.0046  0.0030  9    DG  A "C4'" 
190 O  "O4'" . DG  A 9  ? 0.0632 0.0983 0.0577 0.0101  0.0056  0.0111  9    DG  A "O4'" 
191 C  "C3'" . DG  A 9  ? 0.0564 0.0833 0.0540 0.0032  0.0052  -0.0029 9    DG  A "C3'" 
192 O  "O3'" . DG  A 9  ? 0.0644 0.1006 0.0592 -0.0062 0.0097  -0.0059 9    DG  A "O3'" 
193 C  "C2'" . DG  A 9  ? 0.0642 0.0827 0.0800 0.0055  0.0119  -0.0075 9    DG  A "C2'" 
194 C  "C1'" . DG  A 9  ? 0.0692 0.0866 0.0711 0.0058  0.0083  0.0086  9    DG  A "C1'" 
195 N  N9    . DG  A 9  ? 0.0630 0.1059 0.0579 -0.0018 -0.0011 0.0049  9    DG  A N9    
196 C  C8    . DG  A 9  ? 0.0635 0.1220 0.0660 0.0101  0.0136  0.0004  9    DG  A C8    
197 N  N7    . DG  A 9  ? 0.0663 0.1181 0.0653 -0.0015 0.0071  -0.0108 9    DG  A N7    
198 C  C5    . DG  A 9  ? 0.0597 0.1216 0.0549 0.0021  0.0016  -0.0052 9    DG  A C5    
199 C  C6    . DG  A 9  ? 0.0644 0.1002 0.0645 0.0003  -0.0108 0.0003  9    DG  A C6    
200 O  O6    . DG  A 9  ? 0.0733 0.1142 0.0864 -0.0010 0.0006  -0.0115 9    DG  A O6    
201 N  N1    . DG  A 9  ? 0.0525 0.1017 0.0775 -0.0001 0.0011  0.0033  9    DG  A N1    
202 C  C2    . DG  A 9  ? 0.0526 0.1150 0.0696 -0.0009 0.0029  0.0009  9    DG  A C2    
203 N  N2    . DG  A 9  ? 0.0575 0.1242 0.1177 0.0021  0.0084  -0.0202 9    DG  A N2    
204 N  N3    . DG  A 9  ? 0.0628 0.1102 0.0751 0.0041  -0.0052 0.0033  9    DG  A N3    
205 C  C4    . DG  A 9  ? 0.0533 0.1035 0.0594 0.0032  0.0005  0.0011  9    DG  A C4    
206 P  P     . DC  A 10 ? 0.0619 0.1045 0.0581 0.0095  0.0009  -0.0033 10   DC  A P     
207 O  OP1   . DC  A 10 ? 0.0666 0.1412 0.0685 0.0131  -0.0082 -0.0004 10   DC  A OP1   
208 O  OP2   . DC  A 10 ? 0.0828 0.1101 0.0670 0.0235  0.0002  -0.0017 10   DC  A OP2   
209 O  "O5'" . DC  A 10 ? 0.0706 0.0919 0.0560 -0.0004 0.0062  -0.0040 10   DC  A "O5'" 
210 C  "C5'" . DC  A 10 ? 0.0666 0.0927 0.0638 -0.0090 0.0057  -0.0060 10   DC  A "C5'" 
211 C  "C4'" . DC  A 10 ? 0.0655 0.0803 0.0655 0.0007  0.0005  0.0035  10   DC  A "C4'" 
212 O  "O4'" . DC  A 10 ? 0.0706 0.0836 0.0623 -0.0043 -0.0013 0.0036  10   DC  A "O4'" 
213 C  "C3'" . DC  A 10 ? 0.0667 0.0847 0.0491 0.0026  -0.0003 -0.0034 10   DC  A "C3'" 
214 O  "O3'" . DC  A 10 ? 0.0644 0.0970 0.0601 -0.0082 0.0009  -0.0051 10   DC  A "O3'" 
215 C  "C2'" . DC  A 10 ? 0.0682 0.0811 0.0535 0.0014  0.0082  -0.0040 10   DC  A "C2'" 
216 C  "C1'" . DC  A 10 ? 0.0535 0.0804 0.0646 0.0029  0.0008  -0.0008 10   DC  A "C1'" 
217 N  N1    . DC  A 10 ? 0.0578 0.0874 0.0560 -0.0029 0.0013  -0.0038 10   DC  A N1    
218 C  C2    . DC  A 10 ? 0.0615 0.0747 0.0643 -0.0009 -0.0049 0.0009  10   DC  A C2    
219 O  O2    . DC  A 10 ? 0.0605 0.0833 0.0748 0.0000  0.0047  -0.0058 10   DC  A O2    
220 N  N3    . DC  A 10 ? 0.0670 0.0876 0.0601 0.0044  -0.0034 -0.0015 10   DC  A N3    
221 C  C4    . DC  A 10 ? 0.0752 0.0883 0.0569 0.0028  -0.0081 -0.0039 10   DC  A C4    
222 N  N4    . DC  A 10 ? 0.0880 0.0927 0.0757 0.0143  0.0020  -0.0099 10   DC  A N4    
223 C  C5    . DC  A 10 ? 0.0798 0.0874 0.0605 0.0063  0.0110  0.0016  10   DC  A C5    
224 C  C6    . DC  A 10 ? 0.0672 0.0900 0.0542 0.0019  0.0030  0.0023  10   DC  A C6    
225 O  "O5'" . DG  B 1  ? 0.3353 0.1515 0.3757 0.0244  -0.2426 -0.0824 11   DG  B "O5'" 
226 C  "C5'" . DG  B 1  ? 0.1049 0.1223 0.3333 -0.0329 -0.0279 0.0285  11   DG  B "C5'" 
227 C  "C4'" . DG  B 1  ? 0.0617 0.1543 0.1800 -0.0308 -0.0068 0.0230  11   DG  B "C4'" 
228 O  "O4'" . DG  B 1  ? 0.0897 0.1565 0.1533 -0.0358 -0.0150 0.0445  11   DG  B "O4'" 
229 C  "C3'" . DG  B 1  ? 0.0641 0.1295 0.1321 -0.0238 -0.0089 0.0025  11   DG  B "C3'" 
230 O  "O3'" . DG  B 1  ? 0.0611 0.1376 0.1316 -0.0194 -0.0001 0.0018  11   DG  B "O3'" 
231 C  "C2'" . DG  B 1  ? 0.0666 0.1458 0.1155 -0.0125 -0.0042 -0.0112 11   DG  B "C2'" 
232 C  "C1'" . DG  B 1  ? 0.0786 0.1559 0.1381 -0.0396 -0.0164 0.0337  11   DG  B "C1'" 
233 N  N9    . DG  B 1  ? 0.0903 0.1072 0.1316 -0.0179 -0.0191 0.0152  11   DG  B N9    
234 C  C8    . DG  B 1  ? 0.0993 0.1109 0.1534 -0.0263 -0.0182 0.0152  11   DG  B C8    
235 N  N7    . DG  B 1  ? 0.0959 0.1031 0.1442 -0.0236 -0.0212 -0.0181 11   DG  B N7    
236 C  C5    . DG  B 1  ? 0.0949 0.0881 0.1070 -0.0204 -0.0013 -0.0076 11   DG  B C5    
237 C  C6    . DG  B 1  ? 0.0866 0.0854 0.0959 -0.0007 -0.0159 -0.0092 11   DG  B C6    
238 O  O6    . DG  B 1  ? 0.0826 0.0932 0.1212 0.0017  -0.0089 -0.0255 11   DG  B O6    
239 N  N1    . DG  B 1  ? 0.0733 0.0798 0.0852 -0.0091 -0.0014 -0.0060 11   DG  B N1    
240 C  C2    . DG  B 1  ? 0.0608 0.0978 0.0713 0.0014  -0.0073 0.0038  11   DG  B C2    
241 N  N2    . DG  B 1  ? 0.0602 0.0875 0.0746 -0.0057 0.0045  -0.0081 11   DG  B N2    
242 N  N3    . DG  B 1  ? 0.0771 0.1020 0.0700 -0.0081 -0.0013 0.0007  11   DG  B N3    
243 C  C4    . DG  B 1  ? 0.0720 0.0926 0.0951 -0.0079 -0.0054 0.0068  11   DG  B C4    
244 P  P     . DC  B 2  ? 0.0796 0.1222 0.1070 -0.0218 -0.0151 -0.0078 12   DC  B P     
245 O  OP1   . DC  B 2  ? 0.0794 0.1490 0.1522 -0.0206 -0.0359 0.0070  12   DC  B OP1   
246 O  OP2   . DC  B 2  ? 0.1316 0.1427 0.0979 -0.0380 -0.0102 -0.0130 12   DC  B OP2   
247 O  "O5'" . DC  B 2  ? 0.0633 0.1288 0.1187 -0.0171 -0.0014 -0.0183 12   DC  B "O5'" 
248 C  "C5'" . DC  B 2  ? 0.0744 0.1226 0.1068 -0.0133 0.0166  -0.0267 12   DC  B "C5'" 
249 C  "C4'" . DC  B 2  ? 0.0561 0.1372 0.1111 -0.0026 -0.0008 -0.0323 12   DC  B "C4'" 
250 O  "O4'" . DC  B 2  ? 0.0661 0.1325 0.0806 -0.0130 0.0087  -0.0091 12   DC  B "O4'" 
251 C  "C3'" . DC  B 2  ? 0.0686 0.0973 0.1016 0.0033  -0.0008 -0.0119 12   DC  B "C3'" 
252 O  "O3'" . DC  B 2  ? 0.0871 0.1331 0.1528 -0.0205 0.0117  0.0089  12   DC  B "O3'" 
253 C  "C2'" . DC  B 2  ? 0.0666 0.0889 0.0915 -0.0082 0.0093  -0.0150 12   DC  B "C2'" 
254 C  "C1'" . DC  B 2  ? 0.0630 0.1393 0.0769 -0.0219 0.0082  -0.0234 12   DC  B "C1'" 
255 N  N1    . DC  B 2  ? 0.0613 0.1114 0.0795 -0.0153 -0.0009 -0.0016 12   DC  B N1    
256 C  C2    . DC  B 2  ? 0.0504 0.0976 0.0679 0.0007  0.0025  0.0030  12   DC  B C2    
257 O  O2    . DC  B 2  ? 0.0623 0.1065 0.0713 -0.0085 -0.0017 -0.0096 12   DC  B O2    
258 N  N3    . DC  B 2  ? 0.0668 0.0956 0.0725 -0.0084 0.0021  -0.0059 12   DC  B N3    
259 C  C4    . DC  B 2  ? 0.0743 0.0916 0.0805 -0.0074 0.0089  0.0078  12   DC  B C4    
260 N  N4    . DC  B 2  ? 0.0711 0.1098 0.1014 -0.0075 0.0081  -0.0148 12   DC  B N4    
261 C  C5    . DC  B 2  ? 0.0648 0.1006 0.0943 -0.0152 0.0036  -0.0055 12   DC  B C5    
262 C  C6    . DC  B 2  ? 0.0775 0.1087 0.0720 -0.0181 0.0042  -0.0066 12   DC  B C6    
263 P  P     . DG  B 3  ? 0.0909 0.1444 0.1645 -0.0124 -0.0342 0.0390  13   DG  B P     
264 O  OP1   . DG  B 3  ? 0.0974 0.1839 0.2087 0.0152  -0.0120 0.0571  13   DG  B OP1   
265 O  OP2   . DG  B 3  ? 0.1763 0.2119 0.1946 -0.1057 -0.1120 0.0676  13   DG  B OP2   
266 O  "O5'" . DG  B 3  ? 0.0959 0.1240 0.0901 -0.0075 -0.0038 -0.0041 13   DG  B "O5'" 
267 C  "C5'" . DG  B 3  ? 0.0991 0.1113 0.0921 0.0046  0.0165  -0.0062 13   DG  B "C5'" 
268 C  "C4'" . DG  B 3  ? 0.0964 0.1057 0.0835 0.0173  0.0005  -0.0170 13   DG  B "C4'" 
269 O  "O4'" . DG  B 3  ? 0.1225 0.1126 0.0701 0.0244  0.0027  -0.0041 13   DG  B "O4'" 
270 C  "C3'" . DG  B 3  ? 0.0888 0.0914 0.0749 0.0170  -0.0005 -0.0101 13   DG  B "C3'" 
271 O  "O3'" . DG  B 3  ? 0.0834 0.0792 0.0822 0.0098  -0.0001 -0.0127 13   DG  B "O3'" 
272 C  "C2'" . DG  B 3  ? 0.0885 0.0970 0.0856 0.0067  0.0034  0.0065  13   DG  B "C2'" 
273 C  "C1'" . DG  B 3  ? 0.0827 0.0988 0.1033 0.0167  -0.0097 0.0015  13   DG  B "C1'" 
274 N  N9    . DG  B 3  ? 0.0688 0.1165 0.0840 0.0082  -0.0043 0.0037  13   DG  B N9    
275 C  C8    . DG  B 3  ? 0.0850 0.1060 0.0699 0.0080  0.0025  0.0013  13   DG  B C8    
276 N  N7    . DG  B 3  ? 0.0735 0.1122 0.0861 0.0004  -0.0075 0.0020  13   DG  B N7    
277 C  C5    . DG  B 3  ? 0.0709 0.0999 0.0773 0.0079  -0.0159 0.0058  13   DG  B C5    
278 C  C6    . DG  B 3  ? 0.0720 0.0955 0.0694 -0.0066 -0.0163 0.0015  13   DG  B C6    
279 O  O6    . DG  B 3  ? 0.0604 0.1080 0.0985 -0.0048 -0.0094 -0.0076 13   DG  B O6    
280 N  N1    . DG  B 3  ? 0.0687 0.0948 0.0785 -0.0037 -0.0178 -0.0020 13   DG  B N1    
281 C  C2    . DG  B 3  ? 0.0826 0.0820 0.0766 0.0023  -0.0219 0.0101  13   DG  B C2    
282 N  N2    . DG  B 3  ? 0.0651 0.0868 0.0920 0.0085  -0.0126 0.0048  13   DG  B N2    
283 N  N3    . DG  B 3  ? 0.0764 0.0926 0.0736 -0.0007 -0.0105 0.0018  13   DG  B N3    
284 C  C4    . DG  B 3  ? 0.0833 0.0936 0.0727 0.0117  -0.0167 -0.0011 13   DG  B C4    
285 P  P     . DT  B 4  ? 0.0709 0.0826 0.0789 0.0082  -0.0002 -0.0064 14   DT  B P     
286 O  OP1   . DT  B 4  ? 0.0855 0.0885 0.1083 0.0169  -0.0063 -0.0076 14   DT  B OP1   
287 O  OP2   . DT  B 4  ? 0.0745 0.1042 0.1006 0.0034  -0.0083 -0.0223 14   DT  B OP2   
288 O  "O5'" . DT  B 4  ? 0.0705 0.0715 0.0827 0.0064  -0.0006 -0.0077 14   DT  B "O5'" 
289 C  "C5'" . DT  B 4  ? 0.0897 0.0736 0.0920 -0.0020 -0.0064 -0.0185 14   DT  B "C5'" 
290 C  "C4'" . DT  B 4  ? 0.0726 0.0712 0.0804 -0.0082 -0.0018 -0.0081 14   DT  B "C4'" 
291 O  "O4'" . DT  B 4  ? 0.0721 0.0808 0.0687 0.0007  -0.0054 -0.0046 14   DT  B "O4'" 
292 C  "C3'" . DT  B 4  ? 0.0643 0.0837 0.0769 0.0014  -0.0120 -0.0016 14   DT  B "C3'" 
293 O  "O3'" . DT  B 4  ? 0.0778 0.0847 0.0872 0.0033  -0.0019 -0.0005 14   DT  B "O3'" 
294 C  "C2'" . DT  B 4  ? 0.0695 0.0786 0.0670 -0.0021 0.0012  -0.0039 14   DT  B "C2'" 
295 C  "C1'" . DT  B 4  ? 0.0634 0.0678 0.0727 -0.0007 -0.0085 -0.0087 14   DT  B "C1'" 
296 N  N1    . DT  B 4  ? 0.0584 0.0794 0.0737 0.0055  -0.0008 -0.0040 14   DT  B N1    
297 C  C2    . DT  B 4  ? 0.0644 0.0799 0.0705 0.0083  -0.0040 -0.0026 14   DT  B C2    
298 O  O2    . DT  B 4  ? 0.0601 0.0789 0.0895 -0.0027 0.0009  -0.0095 14   DT  B O2    
299 N  N3    . DT  B 4  ? 0.0633 0.0776 0.0654 0.0021  -0.0062 -0.0035 14   DT  B N3    
300 C  C4    . DT  B 4  ? 0.0730 0.0838 0.0632 -0.0063 -0.0050 0.0013  14   DT  B C4    
301 O  O4    . DT  B 4  ? 0.0819 0.0866 0.0908 -0.0174 -0.0003 0.0007  14   DT  B O4    
302 C  C5    . DT  B 4  ? 0.0641 0.0972 0.0638 -0.0016 -0.0032 -0.0025 14   DT  B C5    
303 C  C7    . DT  B 4  ? 0.0724 0.1226 0.0760 -0.0053 0.0081  -0.0058 14   DT  B C7    
304 C  C6    . DT  B 4  ? 0.0620 0.0936 0.0647 -0.0035 -0.0041 -0.0121 14   DT  B C6    
305 P  P     . DA  B 5  ? 0.0767 0.0798 0.0842 0.0015  -0.0091 0.0009  15   DA  B P     
306 O  OP1   . DA  B 5  ? 0.0967 0.0895 0.1105 0.0031  -0.0114 0.0037  15   DA  B OP1   
307 O  OP2   . DA  B 5  ? 0.0749 0.1173 0.0888 -0.0001 -0.0021 -0.0135 15   DA  B OP2   
308 O  "O5'" . DA  B 5  ? 0.0825 0.0773 0.0925 -0.0157 -0.0022 0.0037  15   DA  B "O5'" 
309 C  "C5'" . DA  B 5  ? 0.0904 0.0737 0.1025 -0.0162 -0.0002 -0.0062 15   DA  B "C5'" 
310 C  "C4'" . DA  B 5  ? 0.0798 0.0695 0.0976 -0.0185 0.0054  -0.0049 15   DA  B "C4'" 
311 O  "O4'" . DA  B 5  ? 0.0731 0.0760 0.0917 -0.0128 -0.0035 -0.0134 15   DA  B "O4'" 
312 C  "C3'" . DA  B 5  ? 0.0800 0.0789 0.0905 -0.0194 0.0013  0.0067  15   DA  B "C3'" 
313 O  "O3'" . DA  B 5  ? 0.0953 0.0718 0.1091 -0.0234 0.0160  0.0031  15   DA  B "O3'" 
314 C  "C2'" . DA  B 5  ? 0.0804 0.0721 0.0825 -0.0173 0.0089  -0.0133 15   DA  B "C2'" 
315 C  "C1'" . DA  B 5  ? 0.0658 0.0713 0.0848 -0.0052 -0.0009 -0.0096 15   DA  B "C1'" 
316 N  N9    . DA  B 5  ? 0.0618 0.0634 0.0868 -0.0078 -0.0112 -0.0006 15   DA  B N9    
317 C  C8    . DA  B 5  ? 0.0691 0.0595 0.0790 0.0001  -0.0123 -0.0053 15   DA  B C8    
318 N  N7    . DA  B 5  ? 0.0586 0.0627 0.0777 -0.0031 -0.0047 -0.0015 15   DA  B N7    
319 C  C5    . DA  B 5  ? 0.0554 0.0664 0.0722 0.0008  -0.0065 -0.0032 15   DA  B C5    
320 C  C6    . DA  B 5  ? 0.0605 0.0630 0.0704 -0.0047 -0.0112 0.0021  15   DA  B C6    
321 N  N6    . DA  B 5  ? 0.0702 0.0686 0.0816 -0.0057 0.0029  -0.0003 15   DA  B N6    
322 N  N1    . DA  B 5  ? 0.0664 0.0669 0.0756 -0.0013 -0.0017 0.0054  15   DA  B N1    
323 C  C2    . DA  B 5  ? 0.0617 0.0682 0.0835 0.0010  -0.0044 -0.0009 15   DA  B C2    
324 N  N3    . DA  B 5  ? 0.0637 0.0713 0.0806 0.0005  -0.0041 -0.0034 15   DA  B N3    
325 C  C4    . DA  B 5  ? 0.0622 0.0690 0.0700 -0.0035 -0.0063 -0.0016 15   DA  B C4    
326 P  P     . T23 B 6  ? 0.0868 0.0719 0.1004 -0.0115 -0.0040 0.0132  16   T23 B P     
327 O  OP1   . T23 B 6  ? 0.1148 0.0870 0.1374 -0.0223 -0.0131 0.0324  16   T23 B OP1   
328 O  OP2   . T23 B 6  ? 0.0938 0.0886 0.1171 -0.0037 -0.0109 0.0059  16   T23 B OP2   
329 O  "O5'" . T23 B 6  ? 0.0788 0.0807 0.0797 -0.0208 -0.0009 0.0085  16   T23 B "O5'" 
330 N  N1    . T23 B 6  ? 0.0576 0.0822 0.0667 -0.0092 -0.0033 0.0062  16   T23 B N1    
331 C  C6    . T23 B 6  ? 0.0596 0.0684 0.0783 -0.0122 -0.0079 0.0049  16   T23 B C6    
332 C  C2    . T23 B 6  ? 0.0551 0.0759 0.0657 -0.0072 -0.0044 0.0045  16   T23 B C2    
333 O  O2    . T23 B 6  ? 0.0659 0.0804 0.0902 -0.0063 0.0021  -0.0015 16   T23 B O2    
334 N  N3    . T23 B 6  ? 0.0627 0.0607 0.0746 -0.0051 -0.0064 0.0054  16   T23 B N3    
335 C  C4    . T23 B 6  ? 0.0558 0.0682 0.0698 -0.0071 -0.0046 0.0050  16   T23 B C4    
336 O  O4    . T23 B 6  ? 0.0621 0.0710 0.0754 -0.0129 0.0014  0.0019  16   T23 B O4    
337 C  C5    . T23 B 6  ? 0.0563 0.0728 0.0718 -0.0096 -0.0061 0.0045  16   T23 B C5    
338 C  C5M   . T23 B 6  ? 0.0668 0.0691 0.0868 -0.0129 0.0012  0.0036  16   T23 B C5M   
339 C  "C2'" . T23 B 6  ? 0.0539 0.0851 0.0825 -0.0113 -0.0033 0.0070  16   T23 B "C2'" 
340 O  "O2'" . T23 B 6  ? 0.0838 0.1193 0.1051 -0.0116 0.0261  0.0115  16   T23 B "O2'" 
341 C  C2M   . T23 B 6  ? 0.0967 0.1356 0.1006 0.0144  0.0130  0.0045  16   T23 B C2M   
342 C  "C5'" . T23 B 6  ? 0.0700 0.1057 0.0818 -0.0307 -0.0010 0.0066  16   T23 B "C5'" 
343 C  "C4'" . T23 B 6  ? 0.0644 0.0960 0.0817 -0.0212 -0.0063 0.0141  16   T23 B "C4'" 
344 O  "O4'" . T23 B 6  ? 0.0638 0.0871 0.0758 -0.0233 -0.0080 0.0128  16   T23 B "O4'" 
345 C  "C1'" . T23 B 6  ? 0.0552 0.0893 0.0817 -0.0093 0.0028  0.0109  16   T23 B "C1'" 
346 C  "C3'" . T23 B 6  ? 0.0747 0.0827 0.0792 -0.0180 -0.0094 0.0123  16   T23 B "C3'" 
347 C  C3M   . T23 B 6  ? 0.1164 0.0964 0.0773 -0.0181 -0.0029 0.0205  16   T23 B C3M   
348 P  P     . DA  B 7  ? 0.1013 0.0983 0.0839 -0.0193 -0.0169 0.0132  17   DA  B P     
349 O  OP1   . DA  B 7  ? 0.1633 0.1103 0.1006 -0.0255 -0.0242 0.0311  17   DA  B OP1   
350 O  OP2   . DA  B 7  ? 0.1428 0.0983 0.1028 -0.0035 -0.0523 0.0034  17   DA  B OP2   
351 O  "O5'" . DA  B 7  ? 0.0866 0.0960 0.0786 -0.0173 -0.0045 0.0040  17   DA  B "O5'" 
352 C  "C5'" . DA  B 7  ? 0.0826 0.1191 0.0829 -0.0235 0.0096  0.0112  17   DA  B "C5'" 
353 C  "C4'" . DA  B 7  ? 0.0740 0.0965 0.0891 -0.0121 0.0137  0.0125  17   DA  B "C4'" 
354 O  "O4'" . DA  B 7  ? 0.0666 0.1091 0.0919 -0.0195 0.0015  0.0125  17   DA  B "O4'" 
355 C  "C3'" . DA  B 7  ? 0.0814 0.1112 0.0740 -0.0195 -0.0048 0.0105  17   DA  B "C3'" 
356 O  "O3'" . DA  B 7  ? 0.1117 0.1173 0.0805 -0.0377 -0.0042 0.0115  17   DA  B "O3'" 
357 C  "C2'" . DA  B 7  ? 0.0907 0.1029 0.0808 -0.0280 0.0158  0.0006  17   DA  B "C2'" 
358 C  "C1'" . DA  B 7  ? 0.0607 0.0994 0.0927 -0.0129 0.0103  0.0011  17   DA  B "C1'" 
359 N  N9    . DA  B 7  ? 0.0616 0.0872 0.0734 -0.0086 -0.0035 0.0151  17   DA  B N9    
360 C  C8    . DA  B 7  ? 0.0759 0.0851 0.0735 -0.0174 -0.0051 0.0049  17   DA  B C8    
361 N  N7    . DA  B 7  ? 0.0706 0.0768 0.0816 -0.0125 -0.0055 0.0089  17   DA  B N7    
362 C  C5    . DA  B 7  ? 0.0664 0.0794 0.0699 -0.0077 -0.0083 0.0129  17   DA  B C5    
363 C  C6    . DA  B 7  ? 0.0595 0.0763 0.0702 -0.0067 -0.0143 0.0000  17   DA  B C6    
364 N  N6    . DA  B 7  ? 0.0666 0.0751 0.0746 -0.0159 -0.0048 0.0030  17   DA  B N6    
365 N  N1    . DA  B 7  ? 0.0565 0.0813 0.0769 -0.0042 -0.0031 0.0054  17   DA  B N1    
366 C  C2    . DA  B 7  ? 0.0705 0.0781 0.0741 -0.0079 -0.0038 0.0014  17   DA  B C2    
367 N  N3    . DA  B 7  ? 0.0704 0.0819 0.0746 -0.0067 0.0013  0.0090  17   DA  B N3    
368 C  C4    . DA  B 7  ? 0.0604 0.0890 0.0666 -0.0058 -0.0041 0.0115  17   DA  B C4    
369 P  P     . DC  B 8  ? 0.1213 0.1106 0.1008 -0.0253 -0.0224 0.0318  18   DC  B P     
370 O  OP1   . DC  B 8  ? 0.2248 0.1620 0.1045 -0.0869 -0.0507 0.0529  18   DC  B OP1   
371 O  OP2   . DC  B 8  ? 0.2010 0.0892 0.1463 -0.0120 -0.0546 0.0064  18   DC  B OP2   
372 O  "O5'" A DC  B 8  ? 0.0990 0.1386 0.1299 -0.0129 -0.0522 0.0399  18   DC  B "O5'" 
373 O  "O5'" B DC  B 8  ? 0.0998 0.0756 0.0751 -0.0223 0.0189  0.0025  18   DC  B "O5'" 
374 C  "C5'" A DC  B 8  ? 0.4762 0.1623 0.0581 -0.1191 -0.0446 0.0006  18   DC  B "C5'" 
375 C  "C5'" B DC  B 8  ? 0.0422 0.1102 0.0613 -0.0249 0.0044  0.0082  18   DC  B "C5'" 
376 C  "C4'" A DC  B 8  ? 0.0751 0.1398 0.0750 -0.0571 0.0306  -0.0543 18   DC  B "C4'" 
377 C  "C4'" B DC  B 8  ? 0.1126 0.1376 0.0764 -0.0078 -0.0192 0.0487  18   DC  B "C4'" 
378 O  "O4'" A DC  B 8  ? 0.0688 0.0970 0.0671 0.0063  0.0030  0.0016  18   DC  B "O4'" 
379 O  "O4'" B DC  B 8  ? 0.0606 0.0772 0.0843 -0.0141 -0.0003 -0.0089 18   DC  B "O4'" 
380 C  "C3'" A DC  B 8  ? 0.0659 0.1024 0.0733 -0.0256 -0.0263 0.0146  18   DC  B "C3'" 
381 C  "C3'" B DC  B 8  ? 0.1202 0.2451 0.0892 0.0710  0.0085  0.0261  18   DC  B "C3'" 
382 O  "O3'" A DC  B 8  ? 0.0837 0.1228 0.0556 0.0001  -0.0037 -0.0065 18   DC  B "O3'" 
383 O  "O3'" B DC  B 8  ? 0.1279 0.1971 0.1144 -0.0784 -0.0549 0.0302  18   DC  B "O3'" 
384 C  "C2'" A DC  B 8  ? 0.0320 0.0727 0.0529 -0.0174 -0.0058 0.0020  18   DC  B "C2'" 
385 C  "C2'" B DC  B 8  ? 0.2884 0.2004 0.5689 0.1359  -0.2902 -0.1433 18   DC  B "C2'" 
386 C  "C1'" A DC  B 8  ? 0.0869 0.1305 0.0407 -0.0282 -0.0001 0.0037  18   DC  B "C1'" 
387 C  "C1'" B DC  B 8  ? 0.0510 0.0558 0.1079 0.0008  0.0060  -0.0228 18   DC  B "C1'" 
388 N  N1    . DC  B 8  ? 0.0739 0.0763 0.0755 -0.0070 -0.0006 -0.0010 18   DC  B N1    
389 C  C2    . DC  B 8  ? 0.0593 0.0820 0.0690 -0.0080 -0.0035 -0.0024 18   DC  B C2    
390 O  O2    . DC  B 8  ? 0.0770 0.0829 0.0757 -0.0180 0.0080  -0.0041 18   DC  B O2    
391 N  N3    . DC  B 8  ? 0.0586 0.0761 0.0755 -0.0083 -0.0029 0.0003  18   DC  B N3    
392 C  C4    . DC  B 8  ? 0.0635 0.0744 0.0853 0.0039  -0.0105 -0.0013 18   DC  B C4    
393 N  N4    . DC  B 8  ? 0.1045 0.0730 0.0871 -0.0121 0.0066  -0.0033 18   DC  B N4    
394 C  C5    . DC  B 8  ? 0.0804 0.0803 0.0825 -0.0089 0.0040  0.0054  18   DC  B C5    
395 C  C6    . DC  B 8  ? 0.0750 0.0740 0.0815 -0.0055 -0.0012 0.0024  18   DC  B C6    
396 P  P     A DG  B 9  ? 0.0749 0.0951 0.0594 -0.0091 -0.0076 0.0098  19   DG  B P     
397 P  P     B DG  B 9  ? 0.1115 0.2762 0.1441 -0.0351 -0.0320 0.1057  19   DG  B P     
398 O  OP1   A DG  B 9  ? 0.0893 0.2282 0.0716 0.0079  -0.0179 0.0255  19   DG  B OP1   
399 O  OP1   B DG  B 9  ? 0.1695 0.5025 0.1037 -0.0604 -0.0356 0.0873  19   DG  B OP1   
400 O  OP2   A DG  B 9  ? 0.0602 0.0901 0.1275 -0.0054 -0.0240 0.0056  19   DG  B OP2   
401 O  OP2   B DG  B 9  ? 0.1181 0.3285 1.8063 0.0800  0.2260  0.6835  19   DG  B OP2   
402 O  "O5'" A DG  B 9  ? 0.1702 0.2039 0.2360 -0.1174 -0.1449 0.1741  19   DG  B "O5'" 
403 O  "O5'" B DG  B 9  ? 0.0683 0.2470 0.0690 -0.0343 -0.0104 -0.0268 19   DG  B "O5'" 
404 C  "C5'" A DG  B 9  ? 0.3298 0.4219 0.1030 -0.2880 0.0982  -0.1147 19   DG  B "C5'" 
405 C  "C5'" B DG  B 9  ? 0.0642 0.0729 0.0547 0.0136  -0.0215 -0.0041 19   DG  B "C5'" 
406 C  "C4'" A DG  B 9  ? 0.0394 0.0903 0.0467 -0.0084 0.0008  -0.0169 19   DG  B "C4'" 
407 C  "C4'" B DG  B 9  ? 0.3324 0.2068 0.0979 -0.1708 -0.0170 -0.0578 19   DG  B "C4'" 
408 O  "O4'" A DG  B 9  ? 0.0674 0.1126 0.0582 0.0032  0.0083  0.0068  19   DG  B "O4'" 
409 O  "O4'" B DG  B 9  ? 0.0698 0.0829 0.0383 -0.0117 0.0010  -0.0076 19   DG  B "O4'" 
410 C  "C3'" A DG  B 9  ? 0.0527 0.0377 0.0812 0.0060  -0.0013 0.0111  19   DG  B "C3'" 
411 C  "C3'" B DG  B 9  ? 0.1120 0.1360 0.0603 -0.0393 -0.0056 -0.0438 19   DG  B "C3'" 
412 O  "O3'" A DG  B 9  ? 0.1090 0.1107 0.1144 0.0114  -0.0644 -0.0268 19   DG  B "O3'" 
413 O  "O3'" B DG  B 9  ? 0.0579 0.0825 0.0832 -0.0018 -0.0006 -0.0376 19   DG  B "O3'" 
414 C  "C2'" A DG  B 9  ? 0.0328 0.0448 0.0396 0.0042  -0.0018 -0.0126 19   DG  B "C2'" 
415 C  "C2'" B DG  B 9  ? 0.2822 0.2336 0.3199 -0.1575 -0.1726 0.0955  19   DG  B "C2'" 
416 C  "C1'" A DG  B 9  ? 0.0257 0.0431 0.0696 -0.0011 0.0058  -0.0214 19   DG  B "C1'" 
417 C  "C1'" B DG  B 9  ? 0.4939 0.1812 0.0686 0.1100  0.0518  0.0794  19   DG  B "C1'" 
418 N  N9    . DG  B 9  ? 0.0744 0.0638 0.0582 -0.0042 -0.0037 -0.0052 19   DG  B N9    
419 C  C8    . DG  B 9  ? 0.0659 0.0837 0.0677 -0.0065 0.0041  -0.0039 19   DG  B C8    
420 N  N7    . DG  B 9  ? 0.0680 0.0867 0.0662 -0.0151 -0.0036 -0.0028 19   DG  B N7    
421 C  C5    . DG  B 9  ? 0.0564 0.0727 0.0654 -0.0039 -0.0082 0.0003  19   DG  B C5    
422 C  C6    . DG  B 9  ? 0.0581 0.0651 0.0665 0.0001  -0.0096 -0.0061 19   DG  B C6    
423 O  O6    . DG  B 9  ? 0.0764 0.0923 0.0667 -0.0197 0.0000  -0.0111 19   DG  B O6    
424 N  N1    . DG  B 9  ? 0.0582 0.0692 0.0637 -0.0019 -0.0108 -0.0074 19   DG  B N1    
425 C  C2    . DG  B 9  ? 0.0526 0.0672 0.0671 0.0015  -0.0111 -0.0037 19   DG  B C2    
426 N  N2    . DG  B 9  ? 0.0626 0.0652 0.0684 -0.0068 0.0013  -0.0063 19   DG  B N2    
427 N  N3    . DG  B 9  ? 0.0614 0.0653 0.0616 0.0021  -0.0068 -0.0043 19   DG  B N3    
428 C  C4    . DG  B 9  ? 0.0589 0.0652 0.0604 -0.0039 -0.0057 -0.0019 19   DG  B C4    
429 P  P     . DC  B 10 ? 0.0789 0.1296 0.0724 0.0215  -0.0111 -0.0174 20   DC  B P     
430 O  OP1   . DC  B 10 ? 0.0798 0.2216 0.0983 0.0052  -0.0202 -0.0424 20   DC  B OP1   
431 O  OP2   . DC  B 10 ? 0.1038 0.1600 0.0815 0.0353  0.0050  0.0184  20   DC  B OP2   
432 O  "O5'" . DC  B 10 ? 0.0852 0.1006 0.0839 0.0050  0.0041  -0.0111 20   DC  B "O5'" 
433 C  "C5'" . DC  B 10 ? 0.0705 0.0794 0.1104 0.0065  0.0120  -0.0143 20   DC  B "C5'" 
434 C  "C4'" . DC  B 10 ? 0.0614 0.0758 0.0867 0.0052  -0.0016 0.0001  20   DC  B "C4'" 
435 O  "O4'" . DC  B 10 ? 0.0604 0.0702 0.0857 0.0089  -0.0023 -0.0080 20   DC  B "O4'" 
436 C  "C3'" . DC  B 10 ? 0.0615 0.0782 0.0925 0.0038  -0.0022 0.0004  20   DC  B "C3'" 
437 O  "O3'" . DC  B 10 ? 0.0613 0.0871 0.1089 -0.0007 -0.0110 -0.0059 20   DC  B "O3'" 
438 C  "C2'" . DC  B 10 ? 0.0689 0.0753 0.0884 -0.0011 0.0007  -0.0038 20   DC  B "C2'" 
439 C  "C1'" . DC  B 10 ? 0.0663 0.0675 0.0805 0.0015  0.0077  -0.0023 20   DC  B "C1'" 
440 N  N1    . DC  B 10 ? 0.0610 0.0723 0.0718 0.0008  -0.0040 0.0016  20   DC  B N1    
441 C  C2    . DC  B 10 ? 0.0591 0.0747 0.0737 0.0047  -0.0086 0.0001  20   DC  B C2    
442 O  O2    . DC  B 10 ? 0.0664 0.0778 0.0726 0.0020  0.0006  -0.0066 20   DC  B O2    
443 N  N3    . DC  B 10 ? 0.0549 0.0856 0.0747 -0.0008 -0.0089 0.0025  20   DC  B N3    
444 C  C4    . DC  B 10 ? 0.0576 0.0785 0.0878 0.0068  -0.0043 0.0049  20   DC  B C4    
445 N  N4    . DC  B 10 ? 0.0595 0.0940 0.0887 -0.0085 0.0113  0.0018  20   DC  B N4    
446 C  C5    . DC  B 10 ? 0.0640 0.0854 0.0730 0.0104  0.0011  0.0093  20   DC  B C5    
447 C  C6    . DC  B 10 ? 0.0646 0.0821 0.0746 0.0105  -0.0010 0.0036  20   DC  B C6    
448 MG MG    . MG  C .  ? 0.0764 0.1191 0.0919 -0.0159 0.0059  -0.0247 301  MG  A MG    
449 N  N1    . SPM D .  ? 0.1095 0.1066 0.1102 -0.0083 0.0215  -0.0039 221  SPM B N1    
450 C  C2    . SPM D .  ? 0.0897 0.1212 0.1198 0.0017  0.0031  -0.0200 221  SPM B C2    
451 C  C3    . SPM D .  ? 0.1001 0.0867 0.1402 -0.0081 0.0103  -0.0154 221  SPM B C3    
452 C  C4    . SPM D .  ? 0.1145 0.1030 0.1470 0.0234  0.0307  0.0167  221  SPM B C4    
453 N  N5    . SPM D .  ? 0.1071 0.1059 0.1150 0.0044  0.0040  -0.0095 221  SPM B N5    
454 C  C6    . SPM D .  ? 0.1131 0.1274 0.1267 0.0129  0.0033  0.0201  221  SPM B C6    
455 C  C7    . SPM D .  ? 0.1119 0.1665 0.2658 0.0045  -0.0315 0.0205  221  SPM B C7    
456 C  C8    . SPM D .  ? 0.1528 0.2211 0.3073 0.0411  -0.0740 -0.0772 221  SPM B C8    
474 O  O     . HOH G .  ? 0.0634 0.1390 0.0952 -0.0051 0.0050  -0.0278 302  HOH A O     
475 O  O     . HOH G .  ? 0.0824 0.1331 0.1213 -0.0137 0.0092  -0.0599 305  HOH A O     
476 O  O     . HOH G .  ? 0.1763 0.1906 0.0927 -0.0913 -0.0088 -0.0262 306  HOH A O     
477 O  O     . HOH G .  ? 0.1040 0.1326 0.1370 -0.0001 -0.0237 -0.0286 307  HOH A O     
478 O  O     . HOH G .  ? 0.0674 0.1042 0.0771 -0.0099 0.0011  0.0024  310  HOH A O     
479 O  O     . HOH G .  ? 0.0803 0.1198 0.0927 -0.0009 0.0076  -0.0251 313  HOH A O     
480 O  O     . HOH G .  ? 0.0805 0.1291 0.0862 -0.0090 -0.0031 -0.0163 315  HOH A O     
481 O  O     . HOH G .  ? 0.1373 0.1086 0.2346 0.0402  -0.0363 -0.0390 317  HOH A O     
482 O  O     . HOH G .  ? 0.1769 0.1395 0.1468 -0.0619 -0.0212 0.0091  318  HOH A O     
483 O  O     . HOH G .  ? 0.0755 0.1830 0.1448 -0.0034 0.0021  -0.0023 319  HOH A O     
484 O  O     . HOH G .  ? 0.0878 0.1288 0.0889 -0.0103 -0.0101 0.0038  320  HOH A O     
485 O  O     . HOH G .  ? 0.1612 0.1056 0.1333 0.0176  0.0382  -0.0237 323  HOH A O     
486 O  O     . HOH G .  ? 0.1759 0.1048 0.2613 0.0323  0.0558  0.0114  324  HOH A O     
487 O  O     . HOH G .  ? 0.2579 0.1768 0.2239 0.0251  -0.0229 -0.0164 328  HOH A O     
488 O  O     . HOH G .  ? 0.1392 0.0991 0.1527 -0.0038 0.0049  -0.0093 329  HOH A O     
489 O  O     . HOH G .  ? 0.1487 0.1481 0.1572 0.0098  -0.0277 0.0125  331  HOH A O     
490 O  O     . HOH G .  ? 0.0897 0.1955 0.0923 -0.0623 0.0090  -0.0379 333  HOH A O     
491 O  O     . HOH G .  ? 0.0697 0.0881 0.1053 -0.0006 0.0050  0.0068  334  HOH A O     
492 O  O     . HOH G .  ? 0.0845 0.1093 0.1146 -0.0054 -0.0010 -0.0100 335  HOH A O     
493 O  O     . HOH G .  ? 0.1741 0.1559 0.0970 0.0400  0.0295  -0.0083 336  HOH A O     
494 O  O     . HOH G .  ? 0.2179 0.1380 0.1146 -0.0767 0.0612  -0.0171 338  HOH A O     
495 O  O     . HOH G .  ? 0.0831 0.1367 0.1214 -0.0082 0.0188  -0.0138 341  HOH A O     
496 O  O     . HOH G .  ? 0.0957 0.1557 0.1391 0.0048  0.0087  -0.0483 343  HOH A O     
497 O  O     . HOH G .  ? 0.2552 0.2034 0.1360 0.0463  -0.0577 -0.0740 345  HOH A O     
498 O  O     . HOH G .  ? 0.0612 0.1014 0.1068 0.0012  0.0031  0.0014  349  HOH A O     
501 O  O     . HOH G .  ? 0.1230 0.1115 0.1121 0.0059  -0.0079 0.0155  359  HOH A O     
503 O  O     . HOH G .  ? 0.3052 0.1040 0.1850 0.0181  0.0761  0.0132  364  HOH A O     
504 O  O     . HOH G .  ? 0.1004 0.1213 0.2080 -0.0190 -0.0130 -0.0395 365  HOH A O     
505 O  O     . HOH G .  ? 0.2323 0.2608 0.1555 0.1675  0.0199  -0.0010 368  HOH A O     
506 O  O     . HOH G .  ? 0.2347 0.2206 0.4003 0.0395  0.1541  0.1444  370  HOH A O     
507 O  O     . HOH G .  ? 0.0991 0.1069 0.1474 0.0012  -0.0099 -0.0238 373  HOH A O     
509 O  O     . HOH G .  ? 0.1832 0.1190 0.2277 -0.0231 0.0535  0.0063  375  HOH A O     
510 O  O     . HOH G .  ? 0.2563 0.1642 0.1867 -0.0865 -0.1066 0.0406  376  HOH A O     
511 O  O     . HOH G .  ? 0.1370 0.2320 0.2509 -0.0256 -0.0215 0.0649  377  HOH A O     
513 O  O     . HOH G .  ? 0.3384 0.2832 0.1970 -0.0642 0.0114  0.0633  380  HOH A O     
514 O  O     . HOH G .  ? 0.5284 0.3652 0.0999 -0.2606 0.0105  0.0228  381  HOH A O     
515 O  O     . HOH G .  ? 0.5174 0.1499 0.2400 -0.0600 0.1895  -0.0522 388  HOH A O     
516 O  O     . HOH G .  ? 0.2325 0.2253 0.1872 -0.1102 -0.0378 0.0364  389  HOH A O     
517 O  O     . HOH G .  ? 0.2839 0.1712 0.5502 -0.0940 -0.0199 -0.0275 390  HOH A O     
518 O  O     . HOH G .  ? 0.2982 0.4592 0.2971 0.2067  0.0983  -0.0066 397  HOH A O     
520 O  O     . HOH G .  ? 0.2581 0.2088 0.2333 0.0321  -0.0886 -0.0057 401  HOH A O     
524 O  O     . HOH G .  ? 0.1328 0.2083 0.8039 -0.0348 -0.0554 -0.0296 410  HOH A O     
525 O  O     . HOH G .  ? 0.6603 0.5870 0.4657 0.3854  0.2587  0.0434  411  HOH A O     
537 O  O     . HOH G .  ? 0.6498 0.5158 0.3731 -0.3615 -0.3947 0.2517  434  HOH A O     
540 O  O     . HOH G .  ? 0.2506 0.2216 0.6905 -0.0572 0.1992  -0.1589 442  HOH A O     
558 O  O     . HOH G .  ? 0.2112 0.1649 0.1813 0.0186  0.0435  -0.0578 1221 HOH A O     
571 O  O     . HOH H .  ? 0.0908 0.1287 0.1141 -0.0296 0.0243  -0.0310 303  HOH B O     
572 O  O     . HOH H .  ? 0.0844 0.1497 0.1024 -0.0266 0.0040  -0.0245 304  HOH B O     
573 O  O     . HOH H .  ? 0.0803 0.1100 0.1132 -0.0248 0.0081  -0.0070 308  HOH B O     
574 O  O     . HOH H .  ? 0.1220 0.1210 0.1254 -0.0193 -0.0192 0.0228  309  HOH B O     
575 O  O     . HOH H .  ? 0.1023 0.1108 0.1037 -0.0217 0.0086  -0.0249 311  HOH B O     
576 O  O     . HOH H .  ? 0.1265 0.1067 0.1436 -0.0146 -0.0012 0.0006  312  HOH B O     
577 O  O     . HOH H .  ? 0.1251 0.2272 0.1005 -0.0663 -0.0014 -0.0103 314  HOH B O     
578 O  O     . HOH H .  ? 0.0777 0.0764 0.0919 -0.0004 0.0167  -0.0064 316  HOH B O     
579 O  O     . HOH H .  ? 0.1182 0.1434 0.1129 -0.0005 0.0168  -0.0172 321  HOH B O     
580 O  O     . HOH H .  ? 0.1182 0.1623 0.1173 -0.0392 -0.0046 -0.0171 322  HOH B O     
581 O  O     . HOH H .  ? 0.1261 0.1670 0.1436 -0.0235 0.0223  0.0232  325  HOH B O     
582 O  O     . HOH H .  ? 0.1012 0.1247 0.2425 -0.0132 0.0106  0.0072  326  HOH B O     
583 O  O     . HOH H .  ? 0.0746 0.1243 0.1330 0.0049  0.0009  0.0104  327  HOH B O     
584 O  O     . HOH H .  ? 0.0849 0.1053 0.0936 -0.0134 -0.0004 -0.0160 330  HOH B O     
585 O  O     . HOH H .  ? 0.1055 0.1318 0.1195 -0.0364 -0.0041 -0.0018 332  HOH B O     
586 O  O     . HOH H .  ? 0.0998 0.1043 0.1167 -0.0132 -0.0064 -0.0097 337  HOH B O     
587 O  O     . HOH H .  ? 0.1602 0.1892 0.1614 0.0491  -0.0653 -0.0437 339  HOH B O     
588 O  O     . HOH H .  ? 0.1046 0.2753 0.1621 -0.0454 0.0019  -0.0769 340  HOH B O     
589 O  O     . HOH H .  ? 0.0959 0.1704 0.1339 -0.0126 -0.0132 -0.0131 344  HOH B O     
590 O  O     . HOH H .  ? 0.1891 0.1818 0.1352 -0.0532 0.0231  0.0052  347  HOH B O     
591 O  O     . HOH H .  ? 0.1244 0.1395 0.3277 -0.0424 -0.0014 0.0477  348  HOH B O     
592 O  O     . HOH H .  ? 0.2967 0.1548 0.1488 0.0713  -0.0485 0.0006  350  HOH B O     
593 O  O     . HOH H .  ? 0.1542 0.1191 0.1308 0.0239  -0.0001 0.0081  351  HOH B O     
594 O  O     . HOH H .  ? 0.2593 0.1528 0.4720 -0.0337 0.1260  -0.0646 356  HOH B O     
595 O  O     . HOH H .  ? 0.2590 0.1510 0.1874 0.0506  -0.0618 -0.0198 357  HOH B O     
596 O  O     . HOH H .  ? 0.1124 0.1305 0.1616 -0.0028 -0.0175 -0.0017 360  HOH B O     
597 O  O     . HOH H .  ? 0.3663 0.2348 0.5147 -0.1400 0.1661  -0.0239 362  HOH B O     
598 O  O     . HOH H .  ? 0.2016 0.2614 0.3418 -0.0014 -0.0225 0.1378  363  HOH B O     
599 O  O     . HOH H .  ? 0.2763 0.5925 0.2740 -0.1745 -0.0835 0.1699  366  HOH B O     
600 O  O     . HOH H .  ? 0.1580 0.1570 0.1739 0.0449  -0.0385 -0.0278 367  HOH B O     
601 O  O     . HOH H .  ? 0.2301 0.1415 0.3375 0.0075  -0.1559 -0.0514 369  HOH B O     
602 O  O     . HOH H .  ? 0.1792 0.4294 0.4993 0.0709  -0.1319 -0.1655 371  HOH B O     
603 O  O     . HOH H .  ? 0.2924 0.2325 0.2536 -0.0697 -0.0597 -0.0322 372  HOH B O     
604 O  O     . HOH H .  ? 0.1107 0.1545 0.1655 0.0237  -0.0253 -0.0181 378  HOH B O     
605 O  O     . HOH H .  ? 0.2760 0.1644 0.1633 -0.0231 -0.0573 0.0377  382  HOH B O     
606 O  O     . HOH H .  ? 0.1247 0.3383 0.2163 -0.0122 0.0233  0.0469  383  HOH B O     
607 O  O     . HOH H .  ? 0.2716 0.2019 0.3432 -0.1369 0.0830  -0.0961 384  HOH B O     
608 O  O     . HOH H .  ? 0.3611 0.3203 0.3578 -0.1415 0.1356  -0.1912 385  HOH B O     
609 O  O     . HOH H .  ? 0.6875 0.2394 0.7781 -0.1213 0.4180  -0.2528 386  HOH B O     
611 O  O     . HOH H .  ? 0.1289 0.4835 0.3271 0.0059  -0.0547 -0.0550 391  HOH B O     
612 O  O     . HOH H .  ? 0.3999 1.0270 0.3908 -0.2434 0.1551  0.2517  392  HOH B O     
613 O  O     . HOH H .  ? 0.2252 0.6435 0.8902 -0.0142 0.1335  0.3723  393  HOH B O     
614 O  O     . HOH H .  ? 0.3033 0.3885 0.3027 0.0848  -0.0504 0.0273  394  HOH B O     
615 O  O     . HOH H .  ? 0.3558 0.4103 0.4758 0.2458  0.2811  0.3107  395  HOH B O     
616 O  O     . HOH H .  ? 0.1944 0.1899 1.4005 -0.0608 0.2197  -0.0865 396  HOH B O     
# 
